data_6UTK
#
_entry.id   6UTK
#
_cell.length_a   247.308
_cell.length_b   247.308
_cell.length_c   257.612
_cell.angle_alpha   90.000
_cell.angle_beta   90.000
_cell.angle_gamma   120.000
#
_symmetry.space_group_name_H-M   'H 3 2'
#
loop_
_entity.id
_entity.type
_entity.pdbx_description
1 polymer '35O22 Fab Heavy Chain'
2 polymer '35O22 Fab Light Chain'
3 polymer 'B11 Fab Light Chain'
4 polymer 'Envelope glycoprotein gp120'
5 polymer 'Envelope glycoprotein gp41'
6 polymer 'B11 Fab Heavy chain'
7 branched beta-D-mannopyranose-(1-4)-2-acetamido-2-deoxy-beta-D-glucopyranose-(1-4)-2-acetamido-2-deoxy-beta-D-glucopyranose
8 branched alpha-D-mannopyranose-(1-2)-alpha-D-mannopyranose-(1-3)-[alpha-D-mannopyranose-(1-2)-alpha-D-mannopyranose-(1-6)]alpha-D-mannopyranose-(1-6)-[alpha-D-mannopyranose-(1-2)-alpha-D-mannopyranose-(1-3)]beta-D-mannopyranose-(1-4)-2-acetamido-2-deoxy-beta-D-glucopyranose-(1-3)-2-acetamido-2-deoxy-beta-D-glucopyranose
9 branched 2-acetamido-2-deoxy-beta-D-glucopyranose-(1-4)-2-acetamido-2-deoxy-beta-D-glucopyranose
10 branched alpha-D-mannopyranose-(1-3)-beta-D-mannopyranose-(1-4)-2-acetamido-2-deoxy-beta-D-glucopyranose-(1-4)-2-acetamido-2-deoxy-beta-D-glucopyranose
11 branched alpha-D-mannopyranose-(1-2)-alpha-D-mannopyranose-(1-2)-alpha-D-mannopyranose-(1-3)-[alpha-D-mannopyranose-(1-2)-alpha-D-mannopyranose-(1-3)-[alpha-D-mannopyranose-(1-2)-alpha-D-mannopyranose-(1-6)]alpha-D-mannopyranose-(1-6)]beta-D-mannopyranose-(1-4)-2-acetamido-2-deoxy-beta-D-glucopyranose-(1-4)-2-acetamido-2-deoxy-beta-D-glucopyranose
12 branched alpha-D-mannopyranose-(1-3)-alpha-D-mannopyranose-(1-6)-[alpha-D-mannopyranose-(1-3)]beta-D-mannopyranose-(1-4)-2-acetamido-2-deoxy-beta-D-glucopyranose-(1-4)-2-acetamido-2-deoxy-beta-D-glucopyranose
13 branched alpha-D-mannopyranose-(1-3)-[alpha-D-mannopyranose-(1-6)]alpha-D-mannopyranose-(1-6)-[alpha-D-mannopyranose-(1-3)]beta-D-mannopyranose-(1-4)-2-acetamido-2-deoxy-beta-D-glucopyranose-(1-4)-2-acetamido-2-deoxy-beta-D-glucopyranose
14 branched alpha-D-mannopyranose-(1-3)-[alpha-D-mannopyranose-(1-6)]beta-D-mannopyranose-(1-4)-2-acetamido-2-deoxy-beta-D-glucopyranose-(1-4)-2-acetamido-2-deoxy-beta-D-glucopyranose
15 branched 2-acetamido-2-deoxy-beta-D-glucopyranose-(1-3)-2-acetamido-2-deoxy-beta-D-glucopyranose
16 non-polymer 2-acetamido-2-deoxy-beta-D-glucopyranose
#
loop_
_entity_poly.entity_id
_entity_poly.type
_entity_poly.pdbx_seq_one_letter_code
_entity_poly.pdbx_strand_id
1 'polypeptide(L)'
;EGQLVQSGAELKKPGASVKISCKTSGYRFNFYHINWIRQTAGRGPEWMGWISPYSGDKNLAPAFQDRVIMTTDTEVPVTS
FTSTGAAYMEIRNLKFDDTGTYFCAKGLLRDGSSTWLPYLWGQGTLLTVSSASTKGPSVFPLAPSSKSTSGGTAALGCLV
KDYFPEPVTVSWNSGALTSGVHTFPAVLQSSGLYSLSSVVTVPSSSLGTQTYICNVNHKPSNTKVDKRVEPKSCDKGLEV
LFQ
;
D
2 'polypeptide(L)'
;QSVLTQSASVSGSLGQSVTISCTGPNSVCCSHKSISWYQWPPGRAPTLIIYEDNERAPGISPRFSGYKSYWSAYLTISDL
RPEDETTYYCCSYTHNSGCVFGTGTKVSVLGQSKANPSVTLFPPSSEELQANKATLVCLISDFYPGAVTVAWKADSSPVK
AGVETTTPSKQSNNKYAASSYLSLTPEQWKSHRSYSCQVTHEGSTVEKTVAPTECS
;
E
3 'polypeptide(L)'
;EIVLTQSPVTLSLSSGETGTLSCRASQNISSSWIAWYQQRRGQVPRLLISAASARAAGIPDRFTGRGSGTDFTLTITRLE
PEDFGVYSCQYYGGSFFTFGPGTQVDVKRTVAAPSVFIFPPSDEQLKSGTASVVCLLNNFYPREAKVQWKVDNALQSGNS
QESVTEQDSKDSTYSLSSTLTLSKADYEKHKVYACEVTHQGLSSPVTKSFNRG
;
L
4 'polypeptide(L)'
;AENLWVTVYYGVPVWKDAETTLFCASDAKAYDTEKHNVWATHACVPTDPNPQEIHLENVTEEFNMWKNNMVEQMHTDIIS
LWDQSLKPCVKLTPLCVTLQCTNVTNNITDDMRGELKNCSFNMTTELRDKKQKVYSLFYRLDVVQINENQGNRSNNSNKE
YRLINCNTSAITQACPKVSFEPIPIHYCAPAGFAILKCKDKKFNGTGPCPSVSTVQCTHGIKPVVSTQLLLNGSLAEEEV
MIRSENITNNAKNILVQFNTPVQINCTRPNNNTRKSIRIGPGQAFYATGDIIGDIRQAHCNVSKATWNETLGKVVKQLRK
HFGNNTIIRFANSSGGDLEVTTHSFNCGGEFFYCNTSGLFNSTWISNTSVQGSNSTGSNDSITLPCRIKQIINMWQRIGQ
AMYAPPIQGVIRCVSNITGLILTRDGGSTNSTTETFRPGGGDMRDNWRSELYKYKVVKIEPLGVAPTRCKRRVVGGGGGS
GGGGS
;
G
5 'polypeptide(L)'
;AVGIGAVFLGFLGAAGSTMGAASMTLTVQARNLLSGNPDWLPDMTVWGIKQLQARVLAVERYLRDQQLLGIWGCSGKLIC
CTNVPWNSSWSNRNLSEIWDNMTWLQWDKEISNYTQIIYGLLEESQNQQEKNEQDLLALD
;
T
6 'polypeptide(L)'
;QVQLVQSGAEVRKPGSSVTISCKPVGGTFTNFAIHWVRQAPGQGLEWVGGRVPVVGIYKYGKKFHDRLRLYEDDPMKTVF
LELRSLTSDDTGVYYCTRWRGCGMCPYDTSSYYNDASDVWGPGTKVIVSAASTKGPSVFPLAPSSK(UNK)(UNK)SGGT
AALGCLVKDYFPEPVTVSWNSGALTSGVHTFPAVLQSSGLYSLSSVVTVPSSSLGTQTYICNVNHKPSNTKVDKKVEPKS
C
;
H
#
# COMPACT_ATOMS: atom_id res chain seq x y z
N GLU A 1 -23.69 19.32 -31.72
CA GLU A 1 -23.71 17.96 -32.24
C GLU A 1 -24.38 17.00 -31.26
N GLY A 2 -25.13 17.55 -30.31
CA GLY A 2 -25.81 16.75 -29.32
C GLY A 2 -26.89 15.86 -29.91
N GLN A 3 -26.64 14.55 -29.89
CA GLN A 3 -27.57 13.56 -30.45
C GLN A 3 -28.09 12.72 -29.28
N LEU A 4 -29.21 13.16 -28.72
CA LEU A 4 -29.81 12.52 -27.56
C LEU A 4 -30.73 11.38 -27.97
N VAL A 5 -30.81 10.36 -27.11
CA VAL A 5 -31.64 9.19 -27.34
C VAL A 5 -32.43 8.91 -26.07
N GLN A 6 -33.73 8.68 -26.23
CA GLN A 6 -34.62 8.39 -25.11
C GLN A 6 -34.74 6.87 -24.95
N SER A 7 -35.76 6.41 -24.22
CA SER A 7 -35.95 4.99 -23.97
C SER A 7 -36.81 4.38 -25.07
N GLY A 8 -37.12 3.09 -24.89
CA GLY A 8 -38.01 2.40 -25.82
C GLY A 8 -39.46 2.44 -25.36
N ALA A 9 -40.33 1.92 -26.21
CA ALA A 9 -41.77 1.92 -25.93
C ALA A 9 -42.11 0.78 -24.99
N GLU A 10 -42.92 1.07 -23.96
CA GLU A 10 -43.35 0.08 -23.01
C GLU A 10 -44.84 0.25 -22.73
N LEU A 11 -45.45 -0.82 -22.23
CA LEU A 11 -46.88 -0.85 -21.94
C LEU A 11 -47.08 -1.13 -20.45
N LYS A 12 -48.02 -0.40 -19.83
CA LYS A 12 -48.28 -0.53 -18.41
C LYS A 12 -49.78 -0.50 -18.16
N LYS A 13 -50.16 -0.73 -16.90
CA LYS A 13 -51.52 -0.70 -16.41
C LYS A 13 -51.78 0.56 -15.62
N PRO A 14 -53.03 0.98 -15.47
CA PRO A 14 -53.32 2.15 -14.63
C PRO A 14 -53.02 1.86 -13.18
N GLY A 15 -52.52 2.88 -12.48
CA GLY A 15 -52.08 2.74 -11.11
C GLY A 15 -50.70 2.18 -10.92
N ALA A 16 -50.06 1.72 -11.99
CA ALA A 16 -48.72 1.15 -11.91
C ALA A 16 -47.68 2.26 -12.12
N SER A 17 -46.46 1.90 -12.50
CA SER A 17 -45.39 2.86 -12.72
C SER A 17 -44.57 2.42 -13.93
N VAL A 18 -43.87 3.40 -14.52
CA VAL A 18 -42.99 3.14 -15.65
C VAL A 18 -41.83 4.12 -15.58
N LYS A 19 -40.67 3.67 -16.05
CA LYS A 19 -39.43 4.44 -15.97
C LYS A 19 -38.87 4.64 -17.37
N ILE A 20 -38.58 5.89 -17.72
CA ILE A 20 -38.14 6.26 -19.06
C ILE A 20 -36.73 6.83 -18.96
N SER A 21 -35.83 6.34 -19.80
CA SER A 21 -34.44 6.79 -19.81
C SER A 21 -34.27 7.94 -20.80
N CYS A 22 -33.11 8.60 -20.72
CA CYS A 22 -32.77 9.73 -21.58
C CYS A 22 -31.24 9.79 -21.66
N LYS A 23 -30.67 8.96 -22.53
CA LYS A 23 -29.23 8.86 -22.69
C LYS A 23 -28.72 9.92 -23.65
N THR A 24 -27.60 10.56 -23.29
CA THR A 24 -27.05 11.67 -24.04
C THR A 24 -25.69 11.30 -24.63
N SER A 25 -25.21 12.17 -25.52
CA SER A 25 -23.91 12.03 -26.15
C SER A 25 -23.59 13.31 -26.90
N GLY A 26 -22.30 13.50 -27.19
CA GLY A 26 -21.85 14.59 -28.03
C GLY A 26 -21.76 15.95 -27.37
N TYR A 27 -22.20 16.09 -26.12
CA TYR A 27 -22.14 17.38 -25.44
C TYR A 27 -21.96 17.15 -23.95
N ARG A 28 -21.61 18.24 -23.25
CA ARG A 28 -21.39 18.18 -21.81
C ARG A 28 -22.73 17.99 -21.09
N PHE A 29 -22.89 16.85 -20.44
CA PHE A 29 -24.17 16.54 -19.80
C PHE A 29 -24.44 17.41 -18.59
N ASN A 30 -23.40 17.85 -17.89
CA ASN A 30 -23.57 18.65 -16.68
C ASN A 30 -23.67 20.15 -16.95
N PHE A 31 -23.54 20.57 -18.19
CA PHE A 31 -23.59 21.99 -18.51
C PHE A 31 -25.00 22.51 -18.74
N TYR A 32 -26.00 21.64 -18.88
CA TYR A 32 -27.34 22.06 -19.26
C TYR A 32 -28.38 21.39 -18.40
N HIS A 33 -29.49 22.12 -18.19
CA HIS A 33 -30.67 21.53 -17.58
C HIS A 33 -31.29 20.50 -18.52
N ILE A 34 -32.05 19.59 -17.95
CA ILE A 34 -32.75 18.55 -18.71
C ILE A 34 -34.24 18.75 -18.49
N ASN A 35 -34.94 19.16 -19.53
CA ASN A 35 -36.38 19.39 -19.45
C ASN A 35 -37.15 18.11 -19.74
N TRP A 36 -38.40 18.08 -19.27
CA TRP A 36 -39.30 16.96 -19.51
C TRP A 36 -40.68 17.51 -19.78
N ILE A 37 -41.22 17.23 -20.97
CA ILE A 37 -42.54 17.71 -21.38
C ILE A 37 -43.27 16.58 -22.08
N ARG A 38 -44.55 16.42 -21.75
CA ARG A 38 -45.40 15.38 -22.32
C ARG A 38 -46.29 15.95 -23.43
N GLN A 39 -46.96 15.05 -24.14
CA GLN A 39 -47.97 15.43 -25.13
C GLN A 39 -49.11 14.43 -25.02
N THR A 40 -50.20 14.83 -24.38
CA THR A 40 -51.40 14.01 -24.23
C THR A 40 -52.55 14.65 -24.99
N ALA A 41 -53.33 13.83 -25.68
CA ALA A 41 -54.45 14.32 -26.46
C ALA A 41 -55.60 14.83 -25.60
N GLY A 42 -55.59 14.57 -24.29
CA GLY A 42 -56.66 15.02 -23.43
C GLY A 42 -56.52 16.46 -22.97
N ARG A 43 -55.28 16.95 -22.82
CA ARG A 43 -55.05 18.32 -22.37
C ARG A 43 -53.93 19.00 -23.15
N GLY A 44 -53.54 18.47 -24.30
CA GLY A 44 -52.44 19.01 -25.05
C GLY A 44 -51.11 18.77 -24.36
N PRO A 45 -50.08 19.52 -24.74
CA PRO A 45 -48.78 19.40 -24.07
C PRO A 45 -48.78 20.08 -22.71
N GLU A 46 -47.98 19.53 -21.81
CA GLU A 46 -47.84 20.08 -20.46
C GLU A 46 -46.40 19.92 -20.00
N TRP A 47 -45.80 21.03 -19.59
CA TRP A 47 -44.43 21.00 -19.08
C TRP A 47 -44.39 20.26 -17.75
N MET A 48 -43.57 19.22 -17.67
CA MET A 48 -43.52 18.38 -16.47
C MET A 48 -42.47 18.87 -15.47
N GLY A 49 -41.26 19.15 -15.94
CA GLY A 49 -40.25 19.69 -15.05
C GLY A 49 -38.86 19.56 -15.63
N TRP A 50 -37.95 20.39 -15.11
CA TRP A 50 -36.54 20.35 -15.48
C TRP A 50 -35.69 20.00 -14.26
N ILE A 51 -34.43 19.68 -14.53
CA ILE A 51 -33.49 19.26 -13.50
C ILE A 51 -32.10 19.73 -13.90
N SER A 52 -31.25 19.92 -12.89
CA SER A 52 -29.87 20.36 -13.12
C SER A 52 -28.89 19.25 -12.76
N PRO A 53 -28.27 18.58 -13.73
CA PRO A 53 -27.29 17.54 -13.40
C PRO A 53 -26.08 18.07 -12.65
N TYR A 54 -25.76 19.35 -12.78
CA TYR A 54 -24.60 19.92 -12.08
C TYR A 54 -24.94 20.23 -10.62
N SER A 55 -25.86 21.17 -10.40
CA SER A 55 -26.18 21.63 -9.06
C SER A 55 -27.20 20.76 -8.35
N GLY A 56 -27.78 19.79 -9.03
CA GLY A 56 -28.77 18.92 -8.40
C GLY A 56 -30.09 19.58 -8.09
N ASP A 57 -30.41 20.65 -8.82
CA ASP A 57 -31.67 21.40 -8.58
C ASP A 57 -32.73 21.05 -9.62
N LYS A 58 -33.86 20.50 -9.16
CA LYS A 58 -34.98 20.17 -10.03
C LYS A 58 -36.13 21.14 -9.77
N ASN A 59 -37.08 21.15 -10.70
CA ASN A 59 -38.26 22.01 -10.57
C ASN A 59 -39.38 21.39 -11.39
N LEU A 60 -40.44 20.94 -10.71
CA LEU A 60 -41.57 20.29 -11.35
C LEU A 60 -42.77 21.23 -11.38
N ALA A 61 -43.80 20.80 -12.10
CA ALA A 61 -45.08 21.47 -12.02
C ALA A 61 -45.81 21.04 -10.76
N PRO A 62 -46.54 21.94 -10.10
CA PRO A 62 -47.26 21.57 -8.87
C PRO A 62 -48.25 20.42 -9.07
N ALA A 63 -48.69 20.17 -10.30
CA ALA A 63 -49.55 19.02 -10.57
C ALA A 63 -48.76 17.73 -10.61
N PHE A 64 -47.47 17.81 -10.93
CA PHE A 64 -46.58 16.65 -10.96
C PHE A 64 -45.66 16.59 -9.74
N GLN A 65 -46.05 17.26 -8.65
CA GLN A 65 -45.18 17.33 -7.48
C GLN A 65 -45.11 16.01 -6.73
N ASP A 66 -46.13 15.15 -6.85
CA ASP A 66 -46.20 13.92 -6.08
C ASP A 66 -45.83 12.68 -6.88
N ARG A 67 -46.09 12.67 -8.18
CA ARG A 67 -46.03 11.44 -8.98
C ARG A 67 -44.81 11.34 -9.87
N VAL A 68 -44.07 12.43 -10.09
CA VAL A 68 -42.92 12.44 -10.99
C VAL A 68 -41.65 12.51 -10.16
N ILE A 69 -40.71 11.62 -10.48
CA ILE A 69 -39.39 11.59 -9.85
C ILE A 69 -38.35 11.52 -10.95
N MET A 70 -37.50 12.54 -11.04
CA MET A 70 -36.48 12.64 -12.07
C MET A 70 -35.10 12.45 -11.47
N THR A 71 -34.31 11.55 -12.04
CA THR A 71 -32.97 11.27 -11.59
C THR A 71 -31.98 11.45 -12.74
N THR A 72 -30.72 11.67 -12.38
CA THR A 72 -29.63 11.79 -13.34
C THR A 72 -28.40 11.06 -12.80
N ASP A 73 -27.68 10.40 -13.69
CA ASP A 73 -26.39 9.82 -13.33
C ASP A 73 -25.31 10.89 -13.42
N THR A 74 -24.07 10.50 -13.15
CA THR A 74 -22.93 11.38 -13.34
C THR A 74 -22.39 11.20 -14.75
N GLU A 75 -21.93 12.29 -15.35
CA GLU A 75 -21.49 12.24 -16.74
C GLU A 75 -20.22 11.42 -16.89
N VAL A 76 -20.12 10.75 -18.03
CA VAL A 76 -18.93 9.95 -18.36
C VAL A 76 -18.15 10.70 -19.42
N PRO A 77 -17.12 11.46 -19.04
CA PRO A 77 -16.41 12.27 -20.03
C PRO A 77 -15.70 11.42 -21.07
N VAL A 78 -16.01 11.68 -22.34
CA VAL A 78 -15.33 11.02 -23.45
C VAL A 78 -14.11 11.81 -23.90
N THR A 79 -14.29 13.08 -24.20
CA THR A 79 -13.20 14.01 -24.45
C THR A 79 -13.26 15.13 -23.42
N SER A 80 -12.45 16.17 -23.63
CA SER A 80 -12.47 17.32 -22.74
C SER A 80 -13.76 18.13 -22.89
N PHE A 81 -14.49 17.95 -23.97
CA PHE A 81 -15.73 18.69 -24.22
C PHE A 81 -16.95 17.79 -24.39
N THR A 82 -16.78 16.47 -24.39
CA THR A 82 -17.88 15.53 -24.61
C THR A 82 -18.07 14.66 -23.39
N SER A 83 -19.33 14.40 -23.05
CA SER A 83 -19.69 13.53 -21.95
C SER A 83 -20.94 12.75 -22.32
N THR A 84 -21.10 11.58 -21.72
CA THR A 84 -22.25 10.70 -21.96
C THR A 84 -22.94 10.46 -20.63
N GLY A 85 -23.88 11.34 -20.28
CA GLY A 85 -24.66 11.19 -19.08
C GLY A 85 -25.94 10.41 -19.31
N ALA A 86 -26.83 10.49 -18.34
CA ALA A 86 -28.11 9.80 -18.41
C ALA A 86 -29.08 10.47 -17.45
N ALA A 87 -30.33 10.61 -17.88
CA ALA A 87 -31.39 11.22 -17.07
C ALA A 87 -32.61 10.32 -17.11
N TYR A 88 -32.96 9.74 -15.97
CA TYR A 88 -34.12 8.88 -15.87
C TYR A 88 -35.30 9.63 -15.25
N MET A 89 -36.50 9.14 -15.52
CA MET A 89 -37.72 9.73 -14.95
C MET A 89 -38.70 8.60 -14.65
N GLU A 90 -39.10 8.49 -13.40
CA GLU A 90 -40.11 7.52 -12.97
C GLU A 90 -41.42 8.24 -12.72
N ILE A 91 -42.51 7.72 -13.28
CA ILE A 91 -43.84 8.26 -13.09
C ILE A 91 -44.74 7.16 -12.51
N ARG A 92 -45.46 7.50 -11.46
CA ARG A 92 -46.33 6.56 -10.75
C ARG A 92 -47.77 7.06 -10.80
N ASN A 93 -48.68 6.25 -10.27
CA ASN A 93 -50.11 6.54 -10.24
C ASN A 93 -50.63 6.84 -11.65
N LEU A 94 -50.43 5.86 -12.53
CA LEU A 94 -50.82 6.01 -13.92
C LEU A 94 -52.34 6.08 -14.05
N LYS A 95 -52.81 7.07 -14.78
CA LYS A 95 -54.24 7.26 -15.07
C LYS A 95 -54.45 7.30 -16.58
N PHE A 96 -55.72 7.41 -16.98
CA PHE A 96 -56.04 7.44 -18.40
C PHE A 96 -55.61 8.75 -19.06
N ASP A 97 -55.43 9.82 -18.30
CA ASP A 97 -55.04 11.12 -18.84
C ASP A 97 -53.54 11.22 -19.10
N ASP A 98 -52.76 10.21 -18.74
CA ASP A 98 -51.31 10.23 -18.89
C ASP A 98 -50.85 9.32 -20.02
N THR A 99 -51.56 9.36 -21.15
CA THR A 99 -51.25 8.57 -22.33
C THR A 99 -50.81 9.50 -23.45
N GLY A 100 -49.60 9.31 -23.94
CA GLY A 100 -49.10 10.14 -25.03
C GLY A 100 -47.60 9.95 -25.22
N THR A 101 -47.01 10.89 -25.95
CA THR A 101 -45.58 10.87 -26.26
C THR A 101 -44.84 11.81 -25.33
N TYR A 102 -43.78 11.30 -24.71
CA TYR A 102 -43.01 12.05 -23.73
C TYR A 102 -41.66 12.45 -24.31
N PHE A 103 -41.09 13.51 -23.76
CA PHE A 103 -39.87 14.11 -24.31
C PHE A 103 -38.93 14.53 -23.19
N CYS A 104 -37.63 14.44 -23.48
CA CYS A 104 -36.59 15.08 -22.69
C CYS A 104 -35.73 15.91 -23.63
N ALA A 105 -35.26 17.07 -23.14
CA ALA A 105 -34.55 18.00 -24.00
C ALA A 105 -33.44 18.69 -23.20
N LYS A 106 -32.55 19.33 -23.95
CA LYS A 106 -31.38 20.00 -23.38
C LYS A 106 -31.71 21.44 -23.03
N GLY A 107 -31.14 21.92 -21.92
CA GLY A 107 -31.31 23.31 -21.55
C GLY A 107 -30.68 24.24 -22.57
N LEU A 108 -31.17 25.49 -22.59
CA LEU A 108 -30.74 26.45 -23.58
C LEU A 108 -29.34 26.98 -23.32
N LEU A 109 -29.19 27.82 -22.30
CA LEU A 109 -27.94 28.50 -22.02
C LEU A 109 -27.44 28.12 -20.63
N ARG A 110 -26.17 28.43 -20.38
CA ARG A 110 -25.56 28.24 -19.06
C ARG A 110 -25.66 29.48 -18.18
N ASP A 111 -26.13 30.60 -18.72
CA ASP A 111 -26.33 31.81 -17.94
C ASP A 111 -27.25 32.72 -18.73
N GLY A 112 -27.98 33.58 -18.01
CA GLY A 112 -28.90 34.49 -18.64
C GLY A 112 -30.31 34.39 -18.10
N SER A 113 -31.29 34.93 -18.83
CA SER A 113 -32.67 34.92 -18.39
C SER A 113 -33.43 33.68 -18.83
N SER A 114 -32.98 33.01 -19.90
CA SER A 114 -33.60 31.78 -20.39
C SER A 114 -32.50 30.73 -20.53
N THR A 115 -32.18 30.06 -19.42
CA THR A 115 -31.10 29.09 -19.38
C THR A 115 -31.57 27.65 -19.59
N TRP A 116 -32.71 27.28 -19.02
CA TRP A 116 -33.19 25.90 -19.06
C TRP A 116 -34.05 25.60 -20.27
N LEU A 117 -34.24 26.56 -21.18
CA LEU A 117 -35.22 26.41 -22.24
C LEU A 117 -34.85 25.23 -23.15
N PRO A 118 -35.80 24.36 -23.49
CA PRO A 118 -35.47 23.16 -24.28
C PRO A 118 -35.11 23.53 -25.71
N TYR A 119 -33.91 23.12 -26.13
CA TYR A 119 -33.41 23.35 -27.48
C TYR A 119 -33.32 22.06 -28.28
N LEU A 120 -32.47 21.13 -27.86
CA LEU A 120 -32.33 19.84 -28.54
C LEU A 120 -33.27 18.83 -27.90
N TRP A 121 -34.30 18.42 -28.64
CA TRP A 121 -35.29 17.48 -28.15
C TRP A 121 -34.92 16.05 -28.54
N GLY A 122 -35.35 15.11 -27.71
CA GLY A 122 -35.20 13.70 -28.04
C GLY A 122 -36.25 13.25 -29.05
N GLN A 123 -36.09 12.01 -29.51
CA GLN A 123 -37.02 11.49 -30.51
C GLN A 123 -38.40 11.20 -29.94
N GLY A 124 -38.51 11.05 -28.63
CA GLY A 124 -39.79 10.84 -28.00
C GLY A 124 -39.97 9.39 -27.54
N THR A 125 -40.97 9.20 -26.67
CA THR A 125 -41.30 7.87 -26.16
C THR A 125 -42.80 7.85 -25.88
N LEU A 126 -43.52 6.98 -26.59
CA LEU A 126 -44.97 6.93 -26.49
C LEU A 126 -45.38 5.92 -25.42
N LEU A 127 -46.34 6.33 -24.59
CA LEU A 127 -46.87 5.49 -23.51
C LEU A 127 -48.37 5.41 -23.63
N THR A 128 -48.91 4.20 -23.46
CA THR A 128 -50.36 3.95 -23.49
C THR A 128 -50.76 3.30 -22.18
N VAL A 129 -51.52 4.03 -21.37
CA VAL A 129 -52.03 3.50 -20.11
C VAL A 129 -53.29 2.70 -20.40
N SER A 130 -53.22 1.38 -20.23
CA SER A 130 -54.33 0.51 -20.58
C SER A 130 -54.34 -0.71 -19.69
N SER A 131 -55.54 -1.16 -19.33
CA SER A 131 -55.72 -2.42 -18.62
C SER A 131 -55.83 -3.61 -19.57
N ALA A 132 -55.77 -3.38 -20.88
CA ALA A 132 -55.89 -4.45 -21.85
C ALA A 132 -54.60 -5.27 -21.87
N SER A 133 -54.56 -6.24 -22.78
CA SER A 133 -53.47 -7.20 -22.87
C SER A 133 -52.59 -6.89 -24.07
N THR A 134 -51.34 -7.36 -23.98
CA THR A 134 -50.41 -7.30 -25.10
C THR A 134 -50.75 -8.40 -26.08
N LYS A 135 -51.06 -8.03 -27.32
CA LYS A 135 -51.41 -8.98 -28.36
C LYS A 135 -50.55 -8.74 -29.58
N GLY A 136 -49.90 -9.79 -30.07
CA GLY A 136 -49.06 -9.69 -31.23
C GLY A 136 -49.84 -9.38 -32.49
N PRO A 137 -49.14 -8.93 -33.53
CA PRO A 137 -49.80 -8.58 -34.78
C PRO A 137 -50.00 -9.79 -35.70
N SER A 138 -50.71 -9.54 -36.80
CA SER A 138 -50.88 -10.49 -37.88
C SER A 138 -50.42 -9.82 -39.16
N VAL A 139 -49.30 -10.28 -39.71
CA VAL A 139 -48.63 -9.62 -40.82
C VAL A 139 -48.94 -10.36 -42.11
N PHE A 140 -49.46 -9.62 -43.10
CA PHE A 140 -49.79 -10.14 -44.42
C PHE A 140 -49.00 -9.39 -45.49
N PRO A 141 -48.75 -10.02 -46.63
CA PRO A 141 -48.21 -9.29 -47.78
C PRO A 141 -49.33 -8.59 -48.55
N LEU A 142 -48.91 -7.66 -49.41
CA LEU A 142 -49.83 -6.90 -50.24
C LEU A 142 -49.57 -7.21 -51.71
N ALA A 143 -50.65 -7.37 -52.47
CA ALA A 143 -50.52 -7.64 -53.89
C ALA A 143 -50.07 -6.37 -54.63
N PRO A 144 -49.23 -6.51 -55.65
CA PRO A 144 -48.76 -5.32 -56.37
C PRO A 144 -49.88 -4.62 -57.10
N SER A 145 -49.80 -3.29 -57.13
CA SER A 145 -50.78 -2.45 -57.80
C SER A 145 -50.07 -1.55 -58.81
N SER A 146 -50.74 -1.29 -59.93
CA SER A 146 -50.19 -0.43 -60.97
C SER A 146 -50.31 1.03 -60.55
N LYS A 147 -49.23 1.79 -60.76
CA LYS A 147 -49.19 3.21 -60.47
C LYS A 147 -49.05 4.07 -61.71
N SER A 148 -48.30 3.60 -62.71
CA SER A 148 -48.18 4.31 -63.98
C SER A 148 -47.98 3.26 -65.07
N THR A 149 -48.99 3.09 -65.92
CA THR A 149 -48.91 2.07 -66.96
C THR A 149 -47.86 2.40 -68.00
N SER A 150 -47.77 3.68 -68.40
CA SER A 150 -46.77 4.07 -69.39
C SER A 150 -45.37 4.09 -68.79
N GLY A 151 -45.26 4.35 -67.49
CA GLY A 151 -43.96 4.38 -66.84
C GLY A 151 -43.49 3.02 -66.38
N GLY A 152 -44.43 2.20 -65.92
CA GLY A 152 -44.10 0.86 -65.45
C GLY A 152 -43.62 0.83 -64.01
N THR A 153 -44.50 1.19 -63.09
CA THR A 153 -44.17 1.21 -61.66
C THR A 153 -45.21 0.40 -60.89
N ALA A 154 -44.75 -0.49 -60.02
CA ALA A 154 -45.60 -1.30 -59.18
C ALA A 154 -45.54 -0.80 -57.74
N ALA A 155 -46.54 -1.18 -56.96
CA ALA A 155 -46.65 -0.77 -55.55
C ALA A 155 -46.98 -1.99 -54.71
N LEU A 156 -46.05 -2.41 -53.87
CA LEU A 156 -46.23 -3.56 -53.01
C LEU A 156 -45.80 -3.20 -51.58
N GLY A 157 -46.43 -3.85 -50.62
CA GLY A 157 -46.14 -3.57 -49.23
C GLY A 157 -46.51 -4.71 -48.32
N CYS A 158 -46.62 -4.40 -47.02
CA CYS A 158 -46.95 -5.37 -46.00
C CYS A 158 -47.99 -4.79 -45.06
N LEU A 159 -48.75 -5.68 -44.42
CA LEU A 159 -49.94 -5.31 -43.66
C LEU A 159 -49.83 -5.83 -42.23
N VAL A 160 -49.64 -4.92 -41.28
CA VAL A 160 -49.64 -5.25 -39.86
C VAL A 160 -51.03 -4.97 -39.31
N LYS A 161 -51.64 -5.98 -38.69
CA LYS A 161 -53.05 -5.91 -38.33
C LYS A 161 -53.28 -6.37 -36.90
N ASP A 162 -54.14 -5.64 -36.19
CA ASP A 162 -54.68 -6.04 -34.90
C ASP A 162 -53.60 -6.27 -33.85
N TYR A 163 -53.02 -5.18 -33.34
CA TYR A 163 -52.13 -5.22 -32.20
C TYR A 163 -52.59 -4.17 -31.19
N PHE A 164 -52.72 -4.57 -29.93
CA PHE A 164 -53.17 -3.67 -28.89
C PHE A 164 -52.06 -2.72 -28.40
N PRO A 165 -50.83 -3.22 -28.07
CA PRO A 165 -49.83 -2.32 -27.49
C PRO A 165 -49.22 -1.34 -28.49
N GLU A 166 -48.05 -0.79 -28.12
CA GLU A 166 -47.35 0.28 -28.82
C GLU A 166 -47.11 -0.07 -30.29
N PRO A 167 -46.97 0.94 -31.16
CA PRO A 167 -46.81 0.67 -32.60
C PRO A 167 -45.49 0.02 -32.96
N VAL A 168 -45.28 -0.21 -34.26
CA VAL A 168 -44.18 -1.03 -34.76
C VAL A 168 -43.44 -0.27 -35.84
N THR A 169 -42.11 -0.39 -35.86
CA THR A 169 -41.29 0.08 -36.95
C THR A 169 -40.97 -1.07 -37.90
N VAL A 170 -40.84 -0.76 -39.18
CA VAL A 170 -40.65 -1.76 -40.23
C VAL A 170 -39.52 -1.33 -41.14
N SER A 171 -38.57 -2.24 -41.38
CA SER A 171 -37.52 -2.05 -42.36
C SER A 171 -37.81 -2.89 -43.60
N TRP A 172 -37.04 -2.64 -44.66
CA TRP A 172 -37.22 -3.33 -45.94
C TRP A 172 -35.89 -3.91 -46.37
N ASN A 173 -35.85 -5.23 -46.55
CA ASN A 173 -34.64 -5.96 -46.91
C ASN A 173 -33.51 -5.65 -45.92
N SER A 174 -33.83 -5.78 -44.63
CA SER A 174 -32.91 -5.46 -43.54
C SER A 174 -32.43 -4.01 -43.63
N GLY A 175 -33.35 -3.10 -43.95
CA GLY A 175 -33.02 -1.69 -44.02
C GLY A 175 -32.26 -1.27 -45.25
N ALA A 176 -32.08 -2.15 -46.23
CA ALA A 176 -31.34 -1.82 -47.44
C ALA A 176 -32.17 -1.05 -48.45
N LEU A 177 -33.46 -0.84 -48.20
CA LEU A 177 -34.35 -0.12 -49.11
C LEU A 177 -35.03 1.02 -48.36
N THR A 178 -34.72 2.25 -48.74
CA THR A 178 -35.37 3.43 -48.19
C THR A 178 -36.09 4.28 -49.24
N SER A 179 -35.77 4.11 -50.51
CA SER A 179 -36.43 4.86 -51.57
C SER A 179 -37.82 4.27 -51.84
N GLY A 180 -38.84 5.11 -51.82
CA GLY A 180 -40.20 4.68 -52.03
C GLY A 180 -40.90 4.14 -50.80
N VAL A 181 -40.19 3.96 -49.69
CA VAL A 181 -40.79 3.44 -48.47
C VAL A 181 -41.76 4.47 -47.91
N HIS A 182 -43.05 4.13 -47.87
CA HIS A 182 -44.08 5.02 -47.38
C HIS A 182 -44.95 4.24 -46.40
N THR A 183 -44.97 4.69 -45.14
CA THR A 183 -45.66 3.99 -44.06
C THR A 183 -46.87 4.79 -43.62
N PHE A 184 -48.03 4.10 -43.47
CA PHE A 184 -49.35 4.61 -43.10
C PHE A 184 -49.56 4.51 -41.59
N PRO A 185 -50.33 5.41 -41.01
CA PRO A 185 -50.58 5.38 -39.56
C PRO A 185 -51.59 4.29 -39.19
N ALA A 186 -51.72 4.11 -37.88
CA ALA A 186 -52.53 3.02 -37.33
C ALA A 186 -54.00 3.39 -37.30
N VAL A 187 -54.83 2.39 -37.00
CA VAL A 187 -56.28 2.56 -36.90
C VAL A 187 -56.67 2.47 -35.42
N LEU A 188 -57.93 2.81 -35.15
CA LEU A 188 -58.50 2.68 -33.81
C LEU A 188 -59.84 1.97 -33.94
N GLN A 189 -59.88 0.69 -33.61
CA GLN A 189 -61.10 -0.10 -33.68
C GLN A 189 -61.97 0.19 -32.47
N SER A 190 -63.21 -0.31 -32.52
CA SER A 190 -64.13 -0.16 -31.40
C SER A 190 -63.66 -0.95 -30.19
N SER A 191 -62.96 -2.06 -30.41
CA SER A 191 -62.42 -2.85 -29.31
C SER A 191 -61.09 -2.30 -28.79
N GLY A 192 -60.52 -1.31 -29.46
CA GLY A 192 -59.23 -0.78 -29.07
C GLY A 192 -58.05 -1.33 -29.83
N LEU A 193 -58.24 -1.75 -31.08
CA LEU A 193 -57.17 -2.34 -31.87
C LEU A 193 -56.49 -1.29 -32.74
N TYR A 194 -55.21 -1.51 -33.00
CA TYR A 194 -54.41 -0.65 -33.86
C TYR A 194 -53.88 -1.47 -35.02
N SER A 195 -53.91 -0.89 -36.22
CA SER A 195 -53.47 -1.59 -37.42
C SER A 195 -53.12 -0.56 -38.49
N LEU A 196 -52.01 -0.78 -39.18
CA LEU A 196 -51.54 0.15 -40.20
C LEU A 196 -51.06 -0.66 -41.41
N SER A 197 -50.38 0.03 -42.33
CA SER A 197 -49.82 -0.62 -43.51
C SER A 197 -48.55 0.13 -43.92
N SER A 198 -47.80 -0.49 -44.83
CA SER A 198 -46.63 0.13 -45.42
C SER A 198 -46.53 -0.33 -46.87
N VAL A 199 -45.85 0.46 -47.70
CA VAL A 199 -45.78 0.20 -49.13
C VAL A 199 -44.50 0.79 -49.68
N VAL A 200 -44.10 0.33 -50.87
CA VAL A 200 -42.95 0.84 -51.59
C VAL A 200 -43.26 0.81 -53.08
N THR A 201 -42.87 1.85 -53.79
CA THR A 201 -43.07 1.94 -55.24
C THR A 201 -41.83 1.38 -55.93
N VAL A 202 -41.95 0.18 -56.49
CA VAL A 202 -40.82 -0.51 -57.10
C VAL A 202 -40.94 -0.44 -58.62
N PRO A 203 -39.83 -0.48 -59.35
CA PRO A 203 -39.92 -0.58 -60.81
C PRO A 203 -40.52 -1.91 -61.23
N SER A 204 -41.39 -1.86 -62.24
CA SER A 204 -41.99 -3.08 -62.76
C SER A 204 -40.97 -3.99 -63.43
N SER A 205 -39.86 -3.45 -63.93
CA SER A 205 -38.77 -4.26 -64.44
C SER A 205 -37.94 -4.89 -63.33
N SER A 206 -38.08 -4.41 -62.09
CA SER A 206 -37.34 -4.96 -60.95
C SER A 206 -38.11 -6.13 -60.35
N LEU A 207 -38.16 -7.22 -61.10
CA LEU A 207 -38.80 -8.44 -60.66
C LEU A 207 -37.91 -9.68 -60.73
N GLY A 208 -36.79 -9.62 -61.45
CA GLY A 208 -35.88 -10.75 -61.52
C GLY A 208 -34.46 -10.36 -61.13
N THR A 209 -34.28 -9.10 -60.73
CA THR A 209 -32.97 -8.60 -60.32
C THR A 209 -32.88 -8.24 -58.84
N GLN A 210 -34.00 -8.05 -58.16
CA GLN A 210 -34.02 -7.65 -56.77
C GLN A 210 -35.11 -8.41 -56.04
N THR A 211 -34.93 -8.55 -54.73
CA THR A 211 -35.88 -9.23 -53.86
C THR A 211 -36.26 -8.30 -52.71
N TYR A 212 -37.55 -8.22 -52.42
CA TYR A 212 -38.10 -7.27 -51.46
C TYR A 212 -38.70 -8.02 -50.28
N ILE A 213 -38.07 -7.88 -49.11
CA ILE A 213 -38.51 -8.53 -47.88
C ILE A 213 -38.77 -7.44 -46.84
N CYS A 214 -39.98 -7.42 -46.30
CA CYS A 214 -40.33 -6.48 -45.25
C CYS A 214 -40.08 -7.12 -43.89
N ASN A 215 -39.60 -6.31 -42.94
CA ASN A 215 -39.19 -6.80 -41.63
C ASN A 215 -39.97 -6.04 -40.56
N VAL A 216 -40.86 -6.73 -39.86
CA VAL A 216 -41.69 -6.16 -38.82
C VAL A 216 -41.06 -6.48 -37.47
N ASN A 217 -40.97 -5.47 -36.60
CA ASN A 217 -40.29 -5.61 -35.31
C ASN A 217 -41.17 -5.00 -34.21
N HIS A 218 -42.04 -5.82 -33.63
CA HIS A 218 -42.91 -5.40 -32.53
C HIS A 218 -42.16 -5.62 -31.23
N LYS A 219 -41.81 -4.53 -30.54
CA LYS A 219 -40.90 -4.61 -29.41
C LYS A 219 -41.58 -4.87 -28.07
N PRO A 220 -42.69 -4.18 -27.73
CA PRO A 220 -43.35 -4.52 -26.46
C PRO A 220 -43.80 -5.97 -26.37
N SER A 221 -44.21 -6.56 -27.48
CA SER A 221 -44.51 -8.00 -27.52
C SER A 221 -43.27 -8.83 -27.81
N ASN A 222 -42.18 -8.21 -28.25
CA ASN A 222 -40.91 -8.89 -28.55
C ASN A 222 -41.11 -9.97 -29.60
N THR A 223 -41.63 -9.56 -30.75
CA THR A 223 -41.87 -10.46 -31.88
C THR A 223 -41.33 -9.82 -33.16
N LYS A 224 -41.07 -10.68 -34.14
CA LYS A 224 -40.60 -10.25 -35.45
C LYS A 224 -41.24 -11.11 -36.53
N VAL A 225 -41.65 -10.48 -37.62
CA VAL A 225 -42.23 -11.17 -38.77
C VAL A 225 -41.51 -10.68 -40.02
N ASP A 226 -40.88 -11.60 -40.74
CA ASP A 226 -40.20 -11.30 -42.00
C ASP A 226 -41.01 -11.91 -43.13
N LYS A 227 -41.61 -11.06 -43.96
CA LYS A 227 -42.49 -11.49 -45.04
C LYS A 227 -41.85 -11.20 -46.39
N ARG A 228 -42.11 -12.09 -47.35
CA ARG A 228 -41.65 -11.92 -48.73
C ARG A 228 -42.86 -11.63 -49.61
N VAL A 229 -42.89 -10.43 -50.18
CA VAL A 229 -43.98 -10.04 -51.07
C VAL A 229 -43.79 -10.73 -52.42
N GLU A 230 -44.84 -11.40 -52.89
CA GLU A 230 -44.75 -12.13 -54.14
C GLU A 230 -44.68 -11.15 -55.31
N PRO A 231 -43.77 -11.35 -56.27
CA PRO A 231 -43.71 -10.46 -57.43
C PRO A 231 -44.82 -10.70 -58.46
N LYS A 232 -45.69 -11.67 -58.22
CA LYS A 232 -46.79 -11.97 -59.15
C LYS A 232 -47.89 -10.93 -58.95
N SER A 233 -48.14 -10.12 -59.98
CA SER A 233 -49.08 -9.02 -59.88
C SER A 233 -50.50 -9.51 -60.12
N CYS A 234 -51.47 -8.62 -59.86
CA CYS A 234 -52.88 -8.93 -60.04
C CYS A 234 -53.68 -7.78 -60.64
N ASP A 235 -53.08 -6.63 -60.89
CA ASP A 235 -53.79 -5.49 -61.47
C ASP A 235 -53.74 -5.59 -62.99
N LYS A 236 -54.90 -5.42 -63.63
CA LYS A 236 -54.97 -5.56 -65.08
C LYS A 236 -54.25 -4.44 -65.81
N GLY A 237 -54.06 -3.28 -65.17
CA GLY A 237 -53.27 -2.22 -65.77
C GLY A 237 -51.77 -2.45 -65.71
N LEU A 238 -51.33 -3.43 -64.93
CA LEU A 238 -49.91 -3.74 -64.80
C LEU A 238 -49.50 -5.01 -65.55
N GLU A 239 -50.45 -5.90 -65.85
CA GLU A 239 -50.12 -7.12 -66.57
C GLU A 239 -49.70 -6.82 -68.01
N VAL A 240 -50.20 -5.74 -68.59
CA VAL A 240 -49.87 -5.38 -69.97
C VAL A 240 -48.43 -4.91 -70.07
N SER B 2 -54.91 26.16 -19.19
CA SER B 2 -54.01 27.21 -19.66
C SER B 2 -54.71 28.55 -19.76
N VAL B 3 -54.37 29.48 -18.87
CA VAL B 3 -54.88 30.85 -18.97
C VAL B 3 -54.18 31.65 -20.05
N LEU B 4 -53.08 31.13 -20.59
CA LEU B 4 -52.37 31.76 -21.71
C LEU B 4 -53.15 31.45 -22.98
N THR B 5 -53.89 32.43 -23.47
CA THR B 5 -54.79 32.25 -24.61
C THR B 5 -54.14 32.74 -25.89
N GLN B 6 -54.26 31.95 -26.95
CA GLN B 6 -53.73 32.27 -28.26
C GLN B 6 -54.88 32.43 -29.25
N SER B 7 -54.53 32.49 -30.54
CA SER B 7 -55.54 32.53 -31.58
C SER B 7 -56.20 31.16 -31.73
N ALA B 8 -57.45 31.17 -32.19
CA ALA B 8 -58.22 29.95 -32.33
C ALA B 8 -57.62 29.04 -33.40
N SER B 9 -57.90 29.35 -34.67
CA SER B 9 -57.36 28.60 -35.80
C SER B 9 -56.96 29.59 -36.88
N VAL B 10 -55.76 29.41 -37.43
CA VAL B 10 -55.17 30.38 -38.35
C VAL B 10 -54.79 29.66 -39.65
N SER B 11 -55.18 30.25 -40.77
CA SER B 11 -54.78 29.79 -42.09
C SER B 11 -53.82 30.83 -42.70
N GLY B 12 -53.47 30.62 -43.97
CA GLY B 12 -52.56 31.54 -44.63
C GLY B 12 -52.44 31.22 -46.11
N SER B 13 -51.67 32.07 -46.78
CA SER B 13 -51.41 31.93 -48.22
C SER B 13 -49.94 31.63 -48.46
N LEU B 14 -49.62 31.29 -49.71
CA LEU B 14 -48.26 30.95 -50.07
C LEU B 14 -47.42 32.21 -50.27
N GLY B 15 -46.29 32.27 -49.58
CA GLY B 15 -45.36 33.36 -49.76
C GLY B 15 -45.81 34.69 -49.19
N GLN B 16 -46.65 34.68 -48.16
CA GLN B 16 -47.14 35.90 -47.53
C GLN B 16 -46.79 35.89 -46.04
N SER B 17 -47.34 36.85 -45.31
CA SER B 17 -47.14 36.99 -43.89
C SER B 17 -48.32 36.41 -43.12
N VAL B 18 -48.09 36.15 -41.83
CA VAL B 18 -49.12 35.61 -40.96
C VAL B 18 -48.78 36.02 -39.53
N THR B 19 -49.81 36.23 -38.72
CA THR B 19 -49.65 36.72 -37.35
C THR B 19 -50.38 35.78 -36.40
N ILE B 20 -49.71 35.43 -35.30
CA ILE B 20 -50.24 34.53 -34.29
C ILE B 20 -50.20 35.24 -32.94
N SER B 21 -51.29 35.16 -32.19
CA SER B 21 -51.42 35.86 -30.92
C SER B 21 -51.07 34.94 -29.76
N CYS B 22 -50.86 35.55 -28.60
CA CYS B 22 -50.51 34.84 -27.36
C CYS B 22 -50.64 35.79 -26.17
N THR B 23 -51.68 35.64 -25.36
CA THR B 23 -51.92 36.54 -24.25
C THR B 23 -52.62 35.79 -23.12
N GLY B 24 -52.81 36.49 -22.01
CA GLY B 24 -53.46 35.93 -20.85
C GLY B 24 -53.80 37.00 -19.83
N PRO B 25 -54.15 36.58 -18.61
CA PRO B 25 -54.47 37.55 -17.55
C PRO B 25 -53.24 38.33 -17.09
N ASN B 26 -53.45 39.23 -16.13
CA ASN B 26 -52.35 40.05 -15.63
C ASN B 26 -51.38 39.27 -14.74
N SER B 27 -51.78 38.08 -14.27
CA SER B 27 -50.85 37.26 -13.49
C SER B 27 -49.79 36.62 -14.37
N VAL B 28 -50.18 36.17 -15.57
CA VAL B 28 -49.24 35.60 -16.52
C VAL B 28 -49.13 36.56 -17.70
N CYS B 29 -49.08 37.85 -17.40
CA CYS B 29 -49.01 38.87 -18.43
C CYS B 29 -47.61 38.95 -19.02
N CYS B 30 -47.53 39.53 -20.23
CA CYS B 30 -46.27 39.73 -20.91
C CYS B 30 -45.60 41.05 -20.56
N SER B 31 -46.04 41.70 -19.47
CA SER B 31 -45.46 42.99 -19.10
C SER B 31 -44.05 42.84 -18.56
N HIS B 32 -43.80 41.79 -17.77
CA HIS B 32 -42.49 41.58 -17.18
C HIS B 32 -42.02 40.14 -17.28
N LYS B 33 -42.64 39.32 -18.11
CA LYS B 33 -42.26 37.92 -18.29
C LYS B 33 -41.72 37.69 -19.69
N SER B 34 -40.91 36.65 -19.83
CA SER B 34 -40.31 36.29 -21.11
C SER B 34 -41.24 35.38 -21.89
N ILE B 35 -41.25 35.53 -23.21
CA ILE B 35 -42.11 34.77 -24.11
C ILE B 35 -41.24 34.00 -25.08
N SER B 36 -41.62 32.74 -25.34
CA SER B 36 -40.92 31.90 -26.30
C SER B 36 -41.93 31.21 -27.20
N TRP B 37 -41.45 30.76 -28.37
CA TRP B 37 -42.30 30.13 -29.37
C TRP B 37 -41.74 28.78 -29.75
N TYR B 38 -42.63 27.81 -29.97
CA TYR B 38 -42.24 26.44 -30.28
C TYR B 38 -42.97 25.99 -31.55
N GLN B 39 -42.20 25.62 -32.57
CA GLN B 39 -42.75 24.91 -33.72
C GLN B 39 -42.94 23.45 -33.33
N TRP B 40 -44.20 23.00 -33.31
CA TRP B 40 -44.56 21.70 -32.75
C TRP B 40 -45.19 20.81 -33.82
N PRO B 41 -44.39 20.00 -34.52
CA PRO B 41 -44.97 18.91 -35.32
C PRO B 41 -45.57 17.86 -34.40
N PRO B 42 -46.89 17.66 -34.44
CA PRO B 42 -47.53 16.75 -33.49
C PRO B 42 -47.09 15.30 -33.67
N GLY B 43 -46.37 14.77 -32.69
CA GLY B 43 -45.86 13.41 -32.75
C GLY B 43 -44.43 13.28 -33.23
N ARG B 44 -43.75 14.39 -33.46
CA ARG B 44 -42.35 14.36 -33.89
C ARG B 44 -41.53 15.34 -33.05
N ALA B 45 -40.29 15.60 -33.47
CA ALA B 45 -39.39 16.45 -32.70
C ALA B 45 -39.77 17.92 -32.89
N PRO B 46 -40.15 18.63 -31.82
CA PRO B 46 -40.45 20.07 -31.97
C PRO B 46 -39.19 20.90 -32.14
N THR B 47 -39.33 22.22 -32.14
CA THR B 47 -38.20 23.11 -32.36
C THR B 47 -38.44 24.45 -31.68
N LEU B 48 -37.44 24.93 -30.95
CA LEU B 48 -37.47 26.29 -30.44
C LEU B 48 -37.07 27.26 -31.54
N ILE B 49 -37.85 28.32 -31.71
CA ILE B 49 -37.66 29.24 -32.82
C ILE B 49 -37.46 30.67 -32.31
N ILE B 50 -38.03 30.97 -31.14
CA ILE B 50 -38.02 32.31 -30.59
C ILE B 50 -37.89 32.18 -29.07
N TYR B 51 -36.90 32.86 -28.47
CA TYR B 51 -36.63 32.68 -27.06
C TYR B 51 -36.52 34.03 -26.34
N GLU B 52 -37.17 34.10 -25.17
CA GLU B 52 -37.05 35.17 -24.18
C GLU B 52 -37.54 36.54 -24.69
N ASP B 53 -37.54 36.74 -26.00
CA ASP B 53 -38.16 37.89 -26.65
C ASP B 53 -38.11 37.68 -28.15
N ASN B 54 -38.12 38.77 -28.93
CA ASN B 54 -38.07 38.64 -30.38
C ASN B 54 -36.79 37.97 -30.86
N GLU B 55 -35.77 37.82 -30.01
CA GLU B 55 -34.55 37.13 -30.39
C GLU B 55 -34.85 35.66 -30.69
N ARG B 56 -34.41 35.20 -31.86
CA ARG B 56 -34.72 33.88 -32.34
C ARG B 56 -33.58 32.90 -32.02
N ALA B 57 -33.90 31.62 -32.13
CA ALA B 57 -32.92 30.57 -31.89
C ALA B 57 -31.90 30.53 -33.03
N PRO B 58 -30.70 30.01 -32.76
CA PRO B 58 -29.70 29.90 -33.83
C PRO B 58 -30.16 28.96 -34.94
N GLY B 59 -29.78 29.30 -36.17
CA GLY B 59 -30.20 28.55 -37.34
C GLY B 59 -31.57 28.93 -37.87
N ILE B 60 -32.37 29.66 -37.12
CA ILE B 60 -33.69 30.06 -37.59
C ILE B 60 -33.55 31.12 -38.67
N SER B 61 -34.25 30.92 -39.78
CA SER B 61 -34.27 31.92 -40.83
C SER B 61 -34.99 33.18 -40.34
N PRO B 62 -34.57 34.36 -40.81
CA PRO B 62 -35.18 35.60 -40.30
C PRO B 62 -36.61 35.81 -40.77
N ARG B 63 -37.19 34.78 -41.40
CA ARG B 63 -38.59 34.85 -41.78
C ARG B 63 -39.50 34.96 -40.56
N PHE B 64 -39.05 34.44 -39.42
CA PHE B 64 -39.81 34.53 -38.18
C PHE B 64 -39.41 35.78 -37.41
N SER B 65 -40.36 36.30 -36.63
CA SER B 65 -40.11 37.46 -35.79
C SER B 65 -41.15 37.49 -34.68
N GLY B 66 -40.84 38.24 -33.63
CA GLY B 66 -41.71 38.32 -32.47
C GLY B 66 -41.90 39.76 -32.03
N TYR B 67 -42.94 39.95 -31.22
CA TYR B 67 -43.25 41.25 -30.64
C TYR B 67 -43.98 41.03 -29.32
N LYS B 68 -43.74 41.93 -28.38
CA LYS B 68 -44.33 41.83 -27.04
C LYS B 68 -44.91 43.19 -26.66
N SER B 69 -46.23 43.26 -26.56
CA SER B 69 -46.91 44.48 -26.15
C SER B 69 -47.01 44.49 -24.62
N TYR B 70 -47.87 45.34 -24.06
CA TYR B 70 -48.13 45.34 -22.64
C TYR B 70 -49.26 44.39 -22.25
N TRP B 71 -49.91 43.77 -23.24
CA TRP B 71 -51.02 42.85 -22.96
C TRP B 71 -51.02 41.61 -23.83
N SER B 72 -50.10 41.47 -24.78
CA SER B 72 -50.08 40.30 -25.66
C SER B 72 -48.72 40.20 -26.31
N ALA B 73 -48.44 39.00 -26.81
CA ALA B 73 -47.24 38.71 -27.61
C ALA B 73 -47.66 38.19 -28.97
N TYR B 74 -46.82 38.44 -29.97
CA TYR B 74 -47.15 38.11 -31.35
C TYR B 74 -45.99 37.41 -32.04
N LEU B 75 -46.33 36.50 -32.94
CA LEU B 75 -45.36 35.79 -33.77
C LEU B 75 -45.67 36.10 -35.22
N THR B 76 -44.68 36.64 -35.93
CA THR B 76 -44.84 37.04 -37.33
C THR B 76 -43.96 36.16 -38.21
N ILE B 77 -44.52 35.66 -39.31
CA ILE B 77 -43.83 34.75 -40.21
C ILE B 77 -43.90 35.34 -41.62
N SER B 78 -42.76 35.74 -42.15
CA SER B 78 -42.68 36.21 -43.53
C SER B 78 -42.36 35.05 -44.46
N ASP B 79 -42.84 35.15 -45.69
CA ASP B 79 -42.56 34.17 -46.75
C ASP B 79 -42.95 32.76 -46.29
N LEU B 80 -44.26 32.53 -46.26
CA LEU B 80 -44.79 31.26 -45.78
C LEU B 80 -44.40 30.12 -46.73
N ARG B 81 -43.91 29.03 -46.15
CA ARG B 81 -43.46 27.85 -46.88
C ARG B 81 -44.36 26.66 -46.58
N PRO B 82 -44.39 25.66 -47.46
CA PRO B 82 -45.25 24.49 -47.20
C PRO B 82 -44.89 23.75 -45.93
N GLU B 83 -43.62 23.75 -45.52
CA GLU B 83 -43.22 23.05 -44.30
C GLU B 83 -43.60 23.80 -43.04
N ASP B 84 -44.11 25.03 -43.15
CA ASP B 84 -44.58 25.79 -42.00
C ASP B 84 -46.00 25.41 -41.59
N GLU B 85 -46.61 24.43 -42.26
CA GLU B 85 -48.01 24.07 -42.02
C GLU B 85 -48.07 23.05 -40.88
N THR B 86 -48.00 23.58 -39.66
CA THR B 86 -48.11 22.75 -38.46
C THR B 86 -48.48 23.65 -37.28
N THR B 87 -48.77 23.01 -36.15
CA THR B 87 -49.26 23.72 -34.98
C THR B 87 -48.11 24.31 -34.17
N TYR B 88 -48.30 25.54 -33.70
CA TYR B 88 -47.30 26.24 -32.91
C TYR B 88 -47.82 26.50 -31.50
N TYR B 89 -46.88 26.76 -30.59
CA TYR B 89 -47.21 27.04 -29.19
C TYR B 89 -46.32 28.17 -28.69
N CYS B 90 -46.83 28.90 -27.70
CA CYS B 90 -46.07 29.94 -27.03
C CYS B 90 -45.92 29.58 -25.56
N CYS B 91 -44.80 29.99 -24.97
CA CYS B 91 -44.55 29.76 -23.55
C CYS B 91 -44.16 31.06 -22.87
N SER B 92 -44.68 31.26 -21.67
CA SER B 92 -44.30 32.38 -20.81
C SER B 92 -43.56 31.85 -19.59
N TYR B 93 -42.50 32.55 -19.19
CA TYR B 93 -41.68 32.09 -18.08
C TYR B 93 -40.87 33.26 -17.54
N THR B 94 -40.17 33.00 -16.44
CA THR B 94 -39.20 33.91 -15.86
C THR B 94 -37.82 33.24 -15.89
N HIS B 95 -36.88 33.81 -15.14
CA HIS B 95 -35.55 33.21 -15.06
C HIS B 95 -35.57 31.93 -14.23
N ASN B 96 -36.45 31.86 -13.23
CA ASN B 96 -36.49 30.73 -12.31
C ASN B 96 -37.68 29.80 -12.53
N SER B 97 -38.83 30.34 -12.94
CA SER B 97 -40.02 29.51 -13.12
C SER B 97 -39.89 28.64 -14.38
N GLY B 98 -40.75 27.62 -14.45
CA GLY B 98 -40.77 26.73 -15.59
C GLY B 98 -41.58 27.30 -16.73
N CYS B 99 -41.91 26.42 -17.68
CA CYS B 99 -42.66 26.83 -18.86
C CYS B 99 -44.16 26.75 -18.63
N VAL B 100 -44.89 27.69 -19.24
CA VAL B 100 -46.34 27.75 -19.18
C VAL B 100 -46.83 27.79 -20.62
N PHE B 101 -47.32 26.66 -21.12
CA PHE B 101 -47.77 26.58 -22.50
C PHE B 101 -49.10 27.29 -22.68
N GLY B 102 -49.41 27.62 -23.93
CA GLY B 102 -50.65 28.29 -24.28
C GLY B 102 -51.71 27.33 -24.81
N THR B 103 -52.74 27.91 -25.42
CA THR B 103 -53.85 27.11 -25.93
C THR B 103 -53.47 26.38 -27.21
N GLY B 104 -52.70 27.02 -28.09
CA GLY B 104 -52.31 26.42 -29.35
C GLY B 104 -52.84 27.16 -30.55
N THR B 105 -52.16 27.04 -31.69
CA THR B 105 -52.58 27.74 -32.91
C THR B 105 -52.16 26.87 -34.10
N LYS B 106 -53.13 26.20 -34.71
CA LYS B 106 -52.88 25.46 -35.92
C LYS B 106 -52.66 26.40 -37.10
N VAL B 107 -51.69 26.09 -37.94
CA VAL B 107 -51.33 26.92 -39.08
C VAL B 107 -51.50 26.11 -40.35
N SER B 108 -52.19 26.70 -41.34
CA SER B 108 -52.44 26.05 -42.62
C SER B 108 -52.10 27.03 -43.74
N VAL B 109 -51.04 26.74 -44.47
CA VAL B 109 -50.60 27.58 -45.58
C VAL B 109 -51.21 27.02 -46.86
N LEU B 110 -52.13 27.78 -47.45
CA LEU B 110 -52.80 27.37 -48.68
C LEU B 110 -52.17 28.10 -49.88
N GLY B 111 -52.85 28.08 -51.02
CA GLY B 111 -52.28 28.60 -52.24
C GLY B 111 -51.27 27.68 -52.90
N GLN B 112 -51.19 26.43 -52.46
CA GLN B 112 -50.22 25.47 -52.97
C GLN B 112 -50.90 24.55 -53.98
N SER B 113 -50.07 23.72 -54.62
CA SER B 113 -50.58 22.76 -55.60
C SER B 113 -51.29 21.61 -54.88
N LYS B 114 -52.57 21.42 -55.18
CA LYS B 114 -53.32 20.35 -54.54
C LYS B 114 -52.84 18.99 -55.04
N ALA B 115 -53.18 17.95 -54.28
CA ALA B 115 -52.69 16.61 -54.52
C ALA B 115 -53.85 15.66 -54.81
N ASN B 116 -53.75 14.94 -55.91
CA ASN B 116 -54.73 13.89 -56.20
C ASN B 116 -54.46 12.69 -55.30
N PRO B 117 -55.48 12.17 -54.62
CA PRO B 117 -55.23 11.14 -53.59
C PRO B 117 -54.87 9.80 -54.21
N SER B 118 -54.37 8.91 -53.34
CA SER B 118 -54.03 7.55 -53.68
C SER B 118 -54.76 6.62 -52.72
N VAL B 119 -55.88 6.06 -53.16
CA VAL B 119 -56.72 5.21 -52.33
C VAL B 119 -56.64 3.78 -52.88
N THR B 120 -56.27 2.84 -52.02
CA THR B 120 -56.10 1.45 -52.40
C THR B 120 -56.88 0.56 -51.44
N LEU B 121 -57.61 -0.42 -51.97
CA LEU B 121 -58.42 -1.33 -51.19
C LEU B 121 -57.79 -2.71 -51.21
N PHE B 122 -57.68 -3.33 -50.02
CA PHE B 122 -57.11 -4.66 -49.88
C PHE B 122 -58.08 -5.57 -49.12
N PRO B 123 -58.18 -6.83 -49.52
CA PRO B 123 -59.02 -7.77 -48.79
C PRO B 123 -58.20 -8.55 -47.77
N PRO B 124 -58.85 -9.30 -46.88
CA PRO B 124 -58.10 -10.22 -46.02
C PRO B 124 -57.53 -11.37 -46.82
N SER B 125 -56.40 -11.90 -46.35
CA SER B 125 -55.68 -12.95 -47.04
C SER B 125 -56.20 -14.32 -46.61
N SER B 126 -55.49 -15.38 -47.00
CA SER B 126 -55.92 -16.73 -46.64
C SER B 126 -55.66 -17.04 -45.17
N GLU B 127 -54.61 -16.43 -44.59
CA GLU B 127 -54.34 -16.68 -43.18
C GLU B 127 -55.41 -16.07 -42.28
N GLU B 128 -56.03 -14.97 -42.71
CA GLU B 128 -57.16 -14.42 -41.96
C GLU B 128 -58.42 -15.25 -42.17
N LEU B 129 -58.55 -15.88 -43.34
CA LEU B 129 -59.65 -16.85 -43.52
C LEU B 129 -59.47 -18.05 -42.60
N GLN B 130 -58.23 -18.37 -42.22
CA GLN B 130 -58.01 -19.36 -41.17
C GLN B 130 -58.36 -18.81 -39.80
N ALA B 131 -58.28 -17.48 -39.63
CA ALA B 131 -58.61 -16.83 -38.38
C ALA B 131 -60.10 -16.54 -38.22
N ASN B 132 -60.91 -16.89 -39.22
CA ASN B 132 -62.37 -16.73 -39.17
C ASN B 132 -62.80 -15.27 -39.00
N LYS B 133 -62.03 -14.35 -39.57
CA LYS B 133 -62.38 -12.92 -39.59
C LYS B 133 -62.16 -12.38 -41.00
N ALA B 134 -62.54 -11.12 -41.20
CA ALA B 134 -62.38 -10.44 -42.48
C ALA B 134 -62.23 -8.96 -42.23
N THR B 135 -61.20 -8.35 -42.83
CA THR B 135 -60.91 -6.94 -42.64
C THR B 135 -60.56 -6.31 -43.97
N LEU B 136 -61.38 -5.36 -44.42
CA LEU B 136 -61.07 -4.59 -45.61
C LEU B 136 -60.14 -3.44 -45.27
N VAL B 137 -59.12 -3.24 -46.11
CA VAL B 137 -58.07 -2.25 -45.87
C VAL B 137 -58.17 -1.18 -46.94
N CYS B 138 -58.47 0.05 -46.52
CA CYS B 138 -58.61 1.19 -47.43
C CYS B 138 -57.58 2.24 -47.02
N LEU B 139 -56.50 2.35 -47.80
CA LEU B 139 -55.37 3.22 -47.50
C LEU B 139 -55.49 4.51 -48.30
N ILE B 140 -55.23 5.64 -47.63
CA ILE B 140 -55.36 6.96 -48.23
C ILE B 140 -54.04 7.71 -48.06
N SER B 141 -53.56 8.32 -49.14
CA SER B 141 -52.32 9.08 -49.10
C SER B 141 -52.32 10.14 -50.19
N ASP B 142 -51.45 11.14 -50.01
CA ASP B 142 -51.15 12.14 -51.03
C ASP B 142 -52.40 12.93 -51.44
N PHE B 143 -53.05 13.52 -50.45
CA PHE B 143 -54.17 14.41 -50.67
C PHE B 143 -53.95 15.69 -49.86
N TYR B 144 -54.24 16.83 -50.48
CA TYR B 144 -53.84 18.12 -49.91
C TYR B 144 -54.78 18.61 -48.80
N PRO B 145 -56.10 18.73 -49.04
CA PRO B 145 -56.97 19.26 -47.98
C PRO B 145 -57.19 18.23 -46.88
N GLY B 146 -57.20 18.70 -45.64
CA GLY B 146 -57.35 17.81 -44.50
C GLY B 146 -58.80 17.47 -44.18
N ALA B 147 -59.47 16.80 -45.11
CA ALA B 147 -60.86 16.40 -44.91
C ALA B 147 -61.20 15.29 -45.87
N VAL B 148 -61.59 14.13 -45.35
CA VAL B 148 -62.02 13.00 -46.16
C VAL B 148 -63.22 12.35 -45.49
N THR B 149 -64.11 11.80 -46.32
CA THR B 149 -65.29 11.08 -45.85
C THR B 149 -65.31 9.71 -46.51
N VAL B 150 -65.30 8.65 -45.70
CA VAL B 150 -65.19 7.29 -46.18
C VAL B 150 -66.49 6.55 -45.89
N ALA B 151 -66.99 5.82 -46.89
CA ALA B 151 -68.21 5.03 -46.75
C ALA B 151 -67.93 3.60 -47.21
N TRP B 152 -68.41 2.64 -46.43
CA TRP B 152 -68.26 1.22 -46.75
C TRP B 152 -69.59 0.68 -47.28
N LYS B 153 -69.51 -0.01 -48.42
CA LYS B 153 -70.70 -0.55 -49.08
C LYS B 153 -70.49 -2.03 -49.38
N ALA B 154 -71.31 -2.87 -48.76
CA ALA B 154 -71.31 -4.30 -49.02
C ALA B 154 -72.36 -4.58 -50.11
N ASP B 155 -71.89 -5.02 -51.28
CA ASP B 155 -72.75 -5.15 -52.46
C ASP B 155 -73.43 -3.84 -52.79
N SER B 156 -72.68 -2.74 -52.68
CA SER B 156 -73.18 -1.39 -52.91
C SER B 156 -74.33 -1.06 -51.96
N SER B 157 -74.25 -1.56 -50.72
CA SER B 157 -75.23 -1.27 -49.69
C SER B 157 -74.49 -0.82 -48.43
N PRO B 158 -74.92 0.28 -47.80
CA PRO B 158 -74.11 0.88 -46.74
C PRO B 158 -73.91 -0.04 -45.53
N VAL B 159 -72.78 0.14 -44.87
CA VAL B 159 -72.44 -0.60 -43.65
C VAL B 159 -72.19 0.40 -42.53
N LYS B 160 -72.69 0.10 -41.34
CA LYS B 160 -72.52 0.98 -40.19
C LYS B 160 -71.78 0.33 -39.03
N ALA B 161 -71.88 -0.99 -38.85
CA ALA B 161 -71.17 -1.68 -37.79
C ALA B 161 -69.82 -2.18 -38.28
N GLY B 162 -68.83 -2.11 -37.41
CA GLY B 162 -67.48 -2.47 -37.79
C GLY B 162 -66.78 -1.47 -38.68
N VAL B 163 -67.37 -0.29 -38.87
CA VAL B 163 -66.79 0.76 -39.70
C VAL B 163 -65.91 1.63 -38.82
N GLU B 164 -64.61 1.70 -39.16
CA GLU B 164 -63.66 2.53 -38.43
C GLU B 164 -62.83 3.33 -39.43
N THR B 165 -62.70 4.62 -39.18
CA THR B 165 -61.95 5.52 -40.04
C THR B 165 -61.01 6.36 -39.19
N THR B 166 -59.77 6.53 -39.65
CA THR B 166 -58.74 7.21 -38.89
C THR B 166 -58.90 8.72 -39.01
N THR B 167 -57.89 9.46 -38.58
CA THR B 167 -57.81 10.90 -38.68
C THR B 167 -56.77 11.30 -39.72
N PRO B 168 -56.89 12.50 -40.31
CA PRO B 168 -55.87 12.94 -41.27
C PRO B 168 -54.51 13.11 -40.60
N SER B 169 -53.47 12.59 -41.26
CA SER B 169 -52.10 12.65 -40.76
C SER B 169 -51.20 13.22 -41.84
N LYS B 170 -50.31 14.12 -41.45
CA LYS B 170 -49.47 14.81 -42.42
C LYS B 170 -48.33 13.90 -42.88
N GLN B 171 -48.25 13.70 -44.20
CA GLN B 171 -47.12 12.99 -44.78
C GLN B 171 -45.87 13.85 -44.69
N SER B 172 -44.73 13.19 -44.45
CA SER B 172 -43.46 13.93 -44.35
C SER B 172 -43.13 14.65 -45.66
N ASN B 173 -43.82 14.33 -46.76
CA ASN B 173 -43.61 15.00 -48.03
C ASN B 173 -44.62 16.14 -48.13
N ASN B 174 -45.03 16.66 -46.98
CA ASN B 174 -45.95 17.79 -46.86
C ASN B 174 -47.34 17.51 -47.38
N LYS B 175 -47.67 16.25 -47.64
CA LYS B 175 -49.03 15.85 -48.00
C LYS B 175 -49.73 15.30 -46.77
N TYR B 176 -50.93 14.75 -46.96
CA TYR B 176 -51.69 14.16 -45.88
C TYR B 176 -51.91 12.67 -46.13
N ALA B 177 -52.32 11.96 -45.08
CA ALA B 177 -52.53 10.53 -45.17
C ALA B 177 -53.53 10.10 -44.10
N ALA B 178 -54.30 9.06 -44.41
CA ALA B 178 -55.28 8.49 -43.50
C ALA B 178 -55.60 7.08 -43.97
N SER B 179 -56.55 6.44 -43.29
CA SER B 179 -56.96 5.10 -43.65
C SER B 179 -58.31 4.80 -43.01
N SER B 180 -58.91 3.69 -43.42
CA SER B 180 -60.20 3.26 -42.90
C SER B 180 -60.32 1.75 -43.09
N TYR B 181 -60.84 1.06 -42.07
CA TYR B 181 -60.98 -0.38 -42.10
C TYR B 181 -62.44 -0.77 -41.91
N LEU B 182 -62.76 -1.99 -42.35
CA LEU B 182 -64.10 -2.55 -42.22
C LEU B 182 -63.97 -3.99 -41.74
N SER B 183 -64.46 -4.26 -40.53
CA SER B 183 -64.41 -5.61 -39.96
C SER B 183 -65.70 -6.34 -40.31
N LEU B 184 -65.56 -7.56 -40.83
CA LEU B 184 -66.69 -8.37 -41.23
C LEU B 184 -66.48 -9.80 -40.77
N THR B 185 -67.58 -10.55 -40.72
CA THR B 185 -67.58 -11.96 -40.37
C THR B 185 -67.46 -12.83 -41.61
N PRO B 186 -67.00 -14.08 -41.46
CA PRO B 186 -66.94 -14.97 -42.63
C PRO B 186 -68.29 -15.24 -43.26
N GLU B 187 -69.37 -15.18 -42.47
CA GLU B 187 -70.70 -15.31 -43.04
C GLU B 187 -71.05 -14.10 -43.91
N GLN B 188 -70.75 -12.90 -43.42
CA GLN B 188 -70.98 -11.69 -44.19
C GLN B 188 -69.95 -11.52 -45.31
N TRP B 189 -68.81 -12.20 -45.21
CA TRP B 189 -67.84 -12.17 -46.30
C TRP B 189 -68.26 -13.05 -47.46
N LYS B 190 -68.92 -14.18 -47.18
CA LYS B 190 -69.32 -15.12 -48.22
C LYS B 190 -70.62 -14.72 -48.89
N SER B 191 -71.50 -14.00 -48.19
CA SER B 191 -72.84 -13.70 -48.66
C SER B 191 -72.93 -12.39 -49.43
N HIS B 192 -71.88 -12.01 -50.16
CA HIS B 192 -71.90 -10.78 -50.94
C HIS B 192 -71.09 -10.97 -52.21
N ARG B 193 -71.34 -10.07 -53.18
CA ARG B 193 -70.68 -10.13 -54.48
C ARG B 193 -69.47 -9.20 -54.56
N SER B 194 -69.63 -7.92 -54.22
CA SER B 194 -68.56 -6.96 -54.33
C SER B 194 -68.57 -6.02 -53.12
N TYR B 195 -67.38 -5.58 -52.73
CA TYR B 195 -67.20 -4.63 -51.62
C TYR B 195 -66.60 -3.34 -52.16
N SER B 196 -67.05 -2.21 -51.60
CA SER B 196 -66.66 -0.90 -52.10
C SER B 196 -66.23 -0.01 -50.95
N CYS B 197 -65.07 0.64 -51.11
CA CYS B 197 -64.62 1.71 -50.23
C CYS B 197 -64.66 3.01 -51.02
N GLN B 198 -65.53 3.93 -50.59
CA GLN B 198 -65.69 5.22 -51.26
C GLN B 198 -65.06 6.31 -50.40
N VAL B 199 -64.22 7.14 -51.03
CA VAL B 199 -63.59 8.28 -50.37
C VAL B 199 -63.99 9.52 -51.16
N THR B 200 -64.88 10.33 -50.59
CA THR B 200 -65.41 11.51 -51.25
C THR B 200 -64.47 12.68 -50.99
N HIS B 201 -63.71 13.07 -52.00
CA HIS B 201 -62.85 14.25 -51.91
C HIS B 201 -63.70 15.51 -52.06
N GLU B 202 -63.09 16.65 -51.69
CA GLU B 202 -63.79 17.92 -51.83
C GLU B 202 -63.91 18.37 -53.29
N GLY B 203 -63.29 17.65 -54.22
CA GLY B 203 -63.40 17.96 -55.63
C GLY B 203 -63.44 16.74 -56.51
N SER B 204 -63.52 15.56 -55.88
CA SER B 204 -63.56 14.29 -56.60
C SER B 204 -64.10 13.21 -55.66
N THR B 205 -64.01 11.96 -56.09
CA THR B 205 -64.43 10.83 -55.27
C THR B 205 -63.76 9.57 -55.82
N VAL B 206 -62.98 8.90 -54.98
CA VAL B 206 -62.24 7.70 -55.38
C VAL B 206 -62.92 6.50 -54.75
N GLU B 207 -63.37 5.56 -55.59
CA GLU B 207 -64.01 4.34 -55.15
C GLU B 207 -63.24 3.13 -55.65
N LYS B 208 -63.05 2.16 -54.77
CA LYS B 208 -62.38 0.91 -55.10
C LYS B 208 -63.30 -0.26 -54.79
N THR B 209 -63.41 -1.20 -55.72
CA THR B 209 -64.33 -2.32 -55.61
C THR B 209 -63.57 -3.63 -55.73
N VAL B 210 -63.73 -4.50 -54.74
CA VAL B 210 -63.13 -5.83 -54.75
C VAL B 210 -64.24 -6.88 -54.76
N ALA B 211 -63.87 -8.15 -54.59
CA ALA B 211 -64.86 -9.22 -54.60
C ALA B 211 -64.28 -10.45 -53.91
N PRO B 212 -65.05 -11.16 -53.09
CA PRO B 212 -64.54 -12.40 -52.50
C PRO B 212 -64.33 -13.51 -53.51
N THR B 213 -65.03 -13.48 -54.64
CA THR B 213 -64.87 -14.50 -55.67
C THR B 213 -63.61 -14.32 -56.50
N GLU B 214 -62.95 -13.17 -56.40
CA GLU B 214 -61.73 -12.90 -57.16
C GLU B 214 -60.58 -12.53 -56.23
N GLU C 1 17.96 -6.31 49.61
CA GLU C 1 18.54 -7.54 49.07
C GLU C 1 17.51 -8.65 49.01
N ILE C 2 17.83 -9.71 48.26
CA ILE C 2 17.01 -10.92 48.19
C ILE C 2 17.93 -12.09 48.50
N VAL C 3 17.65 -12.78 49.60
CA VAL C 3 18.48 -13.89 50.06
C VAL C 3 17.62 -15.15 50.14
N LEU C 4 18.24 -16.28 49.87
CA LEU C 4 17.57 -17.58 49.85
C LEU C 4 18.07 -18.45 51.01
N THR C 5 17.19 -19.34 51.48
CA THR C 5 17.51 -20.27 52.54
C THR C 5 17.06 -21.67 52.13
N GLN C 6 17.85 -22.67 52.50
CA GLN C 6 17.54 -24.07 52.21
C GLN C 6 17.40 -24.84 53.51
N SER C 7 16.31 -25.58 53.64
CA SER C 7 15.92 -26.17 54.92
C SER C 7 16.57 -27.52 55.20
N PRO C 8 16.35 -28.56 54.36
CA PRO C 8 16.80 -29.90 54.79
C PRO C 8 18.31 -30.11 54.61
N VAL C 9 19.08 -29.39 55.43
CA VAL C 9 20.54 -29.29 55.35
C VAL C 9 21.19 -30.56 54.82
N THR C 10 20.99 -31.68 55.51
CA THR C 10 21.46 -32.99 55.06
C THR C 10 20.27 -33.93 54.99
N LEU C 11 19.94 -34.39 53.79
CA LEU C 11 18.76 -35.22 53.55
C LEU C 11 19.23 -36.60 53.09
N SER C 12 18.97 -37.62 53.92
CA SER C 12 19.40 -38.97 53.65
C SER C 12 18.35 -39.71 52.83
N LEU C 13 18.79 -40.39 51.77
CA LEU C 13 17.90 -41.14 50.89
C LEU C 13 18.59 -42.41 50.41
N SER C 14 17.84 -43.50 50.40
CA SER C 14 18.29 -44.76 49.83
C SER C 14 17.85 -44.84 48.38
N SER C 15 18.03 -46.01 47.76
CA SER C 15 17.61 -46.19 46.37
C SER C 15 16.09 -46.29 46.29
N GLY C 16 15.51 -45.53 45.35
CA GLY C 16 14.07 -45.48 45.20
C GLY C 16 13.36 -44.57 46.18
N GLU C 17 14.03 -44.11 47.24
CA GLU C 17 13.40 -43.24 48.21
C GLU C 17 13.15 -41.86 47.62
N THR C 18 12.13 -41.17 48.14
CA THR C 18 11.68 -39.89 47.63
C THR C 18 12.00 -38.78 48.63
N GLY C 19 12.58 -37.68 48.14
CA GLY C 19 12.91 -36.56 48.99
C GLY C 19 12.38 -35.26 48.39
N THR C 20 12.38 -34.23 49.22
CA THR C 20 11.86 -32.92 48.82
C THR C 20 12.70 -31.84 49.48
N LEU C 21 13.50 -31.13 48.67
CA LEU C 21 14.30 -30.02 49.15
C LEU C 21 13.51 -28.72 49.04
N SER C 22 13.81 -27.78 49.92
CA SER C 22 13.10 -26.52 49.98
C SER C 22 14.05 -25.34 49.83
N CYS C 23 13.52 -24.23 49.32
CA CYS C 23 14.30 -23.02 49.10
C CYS C 23 13.39 -21.83 49.36
N ARG C 24 13.45 -21.28 50.56
CA ARG C 24 12.60 -20.17 50.94
C ARG C 24 13.27 -18.84 50.60
N ALA C 25 12.51 -17.95 49.96
CA ALA C 25 12.96 -16.61 49.65
C ALA C 25 12.49 -15.64 50.71
N SER C 26 13.23 -14.54 50.88
CA SER C 26 12.86 -13.51 51.86
C SER C 26 11.59 -12.80 51.41
N GLN C 27 11.68 -12.03 50.33
CA GLN C 27 10.53 -11.34 49.80
C GLN C 27 9.71 -12.27 48.89
N ASN C 28 8.65 -11.72 48.32
CA ASN C 28 7.85 -12.44 47.33
C ASN C 28 8.48 -12.23 45.96
N ILE C 29 8.81 -13.33 45.28
CA ILE C 29 9.47 -13.27 44.00
C ILE C 29 8.60 -13.99 42.96
N SER C 30 8.86 -13.69 41.69
CA SER C 30 8.15 -14.35 40.62
C SER C 30 8.60 -15.81 40.49
N SER C 31 7.70 -16.65 39.98
CA SER C 31 7.98 -18.06 39.76
C SER C 31 8.74 -18.32 38.46
N SER C 32 9.46 -17.32 37.95
CA SER C 32 10.27 -17.47 36.74
C SER C 32 11.72 -17.03 36.96
N TRP C 33 12.15 -16.94 38.22
CA TRP C 33 13.48 -16.49 38.57
C TRP C 33 14.09 -17.40 39.63
N ILE C 34 13.85 -18.70 39.52
CA ILE C 34 14.41 -19.67 40.45
C ILE C 34 14.94 -20.86 39.66
N ALA C 35 16.21 -21.21 39.90
CA ALA C 35 16.84 -22.34 39.23
C ALA C 35 17.43 -23.29 40.27
N TRP C 36 17.52 -24.56 39.90
CA TRP C 36 18.08 -25.60 40.76
C TRP C 36 19.32 -26.19 40.10
N TYR C 37 20.38 -26.35 40.89
CA TYR C 37 21.66 -26.85 40.41
C TYR C 37 22.04 -28.13 41.13
N GLN C 38 22.75 -29.00 40.42
CA GLN C 38 23.33 -30.21 40.98
C GLN C 38 24.85 -30.08 40.98
N GLN C 39 25.47 -30.41 42.10
CA GLN C 39 26.92 -30.31 42.26
C GLN C 39 27.41 -31.58 42.93
N ARG C 40 28.07 -32.45 42.16
CA ARG C 40 28.50 -33.77 42.64
C ARG C 40 30.01 -33.78 42.79
N ARG C 41 30.48 -33.85 44.04
CA ARG C 41 31.89 -34.09 44.35
C ARG C 41 32.78 -32.98 43.82
N GLY C 42 32.46 -31.75 44.21
CA GLY C 42 33.25 -30.58 43.88
C GLY C 42 33.57 -30.40 42.40
N GLN C 43 32.69 -30.90 41.54
CA GLN C 43 32.87 -30.79 40.10
C GLN C 43 32.10 -29.58 39.57
N VAL C 44 31.81 -29.58 38.28
CA VAL C 44 31.09 -28.45 37.68
C VAL C 44 29.61 -28.54 38.06
N PRO C 45 28.98 -27.43 38.45
CA PRO C 45 27.54 -27.49 38.72
C PRO C 45 26.76 -27.68 37.42
N ARG C 46 25.68 -28.46 37.51
CA ARG C 46 24.82 -28.74 36.38
C ARG C 46 23.43 -28.16 36.65
N LEU C 47 22.91 -27.40 35.68
CA LEU C 47 21.59 -26.82 35.82
C LEU C 47 20.53 -27.91 35.72
N LEU C 48 19.79 -28.11 36.82
CA LEU C 48 18.74 -29.12 36.83
C LEU C 48 17.44 -28.57 36.24
N ILE C 49 16.89 -27.53 36.86
CA ILE C 49 15.59 -27.00 36.49
C ILE C 49 15.65 -25.48 36.51
N SER C 50 15.30 -24.86 35.39
CA SER C 50 15.19 -23.41 35.29
C SER C 50 13.74 -22.98 35.51
N ALA C 51 13.56 -21.73 35.91
CA ALA C 51 12.25 -21.12 36.15
C ALA C 51 11.44 -21.93 37.18
N ALA C 52 12.14 -22.63 38.07
CA ALA C 52 11.59 -23.42 39.16
C ALA C 52 10.70 -24.58 38.72
N SER C 53 10.51 -24.78 37.42
CA SER C 53 9.65 -25.87 36.94
C SER C 53 10.12 -26.41 35.61
N ALA C 54 10.77 -25.58 34.80
CA ALA C 54 11.21 -25.98 33.47
C ALA C 54 12.44 -26.88 33.60
N ARG C 55 12.26 -28.17 33.33
CA ARG C 55 13.37 -29.11 33.36
C ARG C 55 14.33 -28.81 32.22
N ALA C 56 15.62 -28.75 32.54
CA ALA C 56 16.63 -28.33 31.57
C ALA C 56 16.84 -29.42 30.52
N ALA C 57 17.89 -29.24 29.71
CA ALA C 57 18.19 -30.17 28.63
C ALA C 57 18.80 -31.44 29.20
N GLY C 58 18.19 -32.58 28.88
CA GLY C 58 18.70 -33.87 29.29
C GLY C 58 18.49 -34.24 30.74
N ILE C 59 17.97 -33.32 31.56
CA ILE C 59 17.73 -33.63 32.97
C ILE C 59 16.63 -34.68 33.07
N PRO C 60 16.82 -35.76 33.84
CA PRO C 60 15.87 -36.88 33.78
C PRO C 60 14.55 -36.55 34.45
N ASP C 61 13.60 -37.48 34.27
CA ASP C 61 12.25 -37.34 34.80
C ASP C 61 12.20 -37.33 36.33
N ARG C 62 13.25 -37.83 36.98
CA ARG C 62 13.23 -37.95 38.44
C ARG C 62 13.25 -36.60 39.15
N PHE C 63 13.58 -35.53 38.45
CA PHE C 63 13.68 -34.19 39.05
C PHE C 63 12.47 -33.37 38.63
N THR C 64 11.58 -33.11 39.58
CA THR C 64 10.40 -32.28 39.37
C THR C 64 10.50 -31.05 40.26
N GLY C 65 10.18 -29.89 39.70
CA GLY C 65 10.30 -28.62 40.39
C GLY C 65 8.94 -27.96 40.61
N ARG C 66 8.75 -27.41 41.80
CA ARG C 66 7.54 -26.67 42.15
C ARG C 66 7.93 -25.47 42.98
N GLY C 67 6.94 -24.65 43.30
CA GLY C 67 7.15 -23.49 44.16
C GLY C 67 6.43 -22.26 43.63
N SER C 68 6.18 -21.32 44.55
CA SER C 68 5.45 -20.10 44.21
C SER C 68 5.64 -19.07 45.31
N GLY C 69 5.97 -17.84 44.92
CA GLY C 69 6.00 -16.71 45.83
C GLY C 69 7.17 -16.69 46.79
N THR C 70 7.16 -17.57 47.78
CA THR C 70 8.17 -17.58 48.84
C THR C 70 8.93 -18.90 48.92
N ASP C 71 8.22 -20.02 48.91
CA ASP C 71 8.84 -21.34 49.02
C ASP C 71 8.90 -22.02 47.66
N PHE C 72 10.03 -22.66 47.38
CA PHE C 72 10.22 -23.43 46.15
C PHE C 72 10.78 -24.79 46.52
N THR C 73 10.18 -25.84 45.97
CA THR C 73 10.53 -27.22 46.32
C THR C 73 11.09 -27.95 45.11
N LEU C 74 12.00 -28.89 45.39
CA LEU C 74 12.57 -29.77 44.37
C LEU C 74 12.36 -31.20 44.83
N THR C 75 11.51 -31.94 44.11
CA THR C 75 11.12 -33.28 44.50
C THR C 75 11.87 -34.31 43.67
N ILE C 76 12.47 -35.28 44.34
CA ILE C 76 13.20 -36.37 43.69
C ILE C 76 12.44 -37.65 44.02
N THR C 77 11.66 -38.15 43.07
CA THR C 77 10.92 -39.39 43.28
C THR C 77 11.87 -40.55 43.52
N ARG C 78 12.76 -40.81 42.56
CA ARG C 78 13.76 -41.86 42.66
C ARG C 78 15.12 -41.26 42.29
N LEU C 79 16.18 -41.94 42.72
CA LEU C 79 17.53 -41.49 42.44
C LEU C 79 18.47 -42.68 42.35
N GLU C 80 19.40 -42.61 41.39
CA GLU C 80 20.51 -43.55 41.32
C GLU C 80 21.60 -43.10 42.28
N PRO C 81 22.65 -43.91 42.47
CA PRO C 81 23.87 -43.38 43.09
C PRO C 81 24.59 -42.36 42.22
N GLU C 82 24.05 -42.05 41.04
CA GLU C 82 24.65 -41.01 40.19
C GLU C 82 24.38 -39.63 40.77
N ASP C 83 23.12 -39.34 41.12
CA ASP C 83 22.74 -38.00 41.58
C ASP C 83 22.80 -37.95 43.11
N PHE C 84 24.02 -37.79 43.61
CA PHE C 84 24.27 -37.49 45.01
C PHE C 84 25.23 -36.31 45.09
N GLY C 85 25.06 -35.48 46.09
CA GLY C 85 25.93 -34.34 46.26
C GLY C 85 25.18 -33.16 46.85
N VAL C 86 25.62 -31.96 46.49
CA VAL C 86 25.10 -30.71 47.02
C VAL C 86 24.17 -30.08 45.99
N TYR C 87 22.97 -29.71 46.42
CA TYR C 87 21.99 -29.02 45.59
C TYR C 87 21.89 -27.57 46.01
N SER C 88 21.84 -26.68 45.02
CA SER C 88 21.78 -25.25 45.27
C SER C 88 20.63 -24.64 44.48
N CYS C 89 19.96 -23.67 45.08
CA CYS C 89 18.92 -22.90 44.41
C CYS C 89 19.40 -21.48 44.18
N GLN C 90 19.11 -20.94 43.00
CA GLN C 90 19.57 -19.62 42.59
C GLN C 90 18.38 -18.75 42.24
N TYR C 91 18.40 -17.50 42.73
CA TYR C 91 17.47 -16.48 42.28
C TYR C 91 18.17 -15.65 41.20
N TYR C 92 17.62 -15.67 40.00
CA TYR C 92 18.24 -15.00 38.86
C TYR C 92 17.33 -13.95 38.25
N GLY C 93 16.58 -13.24 39.11
CA GLY C 93 15.64 -12.25 38.64
C GLY C 93 16.21 -10.84 38.52
N GLY C 94 16.47 -10.21 39.66
CA GLY C 94 16.91 -8.83 39.68
C GLY C 94 18.31 -8.60 39.16
N SER C 95 18.87 -7.43 39.47
CA SER C 95 20.23 -7.10 39.03
C SER C 95 21.30 -7.77 39.88
N PHE C 96 20.93 -8.39 40.99
CA PHE C 96 21.89 -9.03 41.89
C PHE C 96 21.50 -10.49 42.07
N PHE C 97 22.31 -11.38 41.51
CA PHE C 97 22.07 -12.82 41.64
C PHE C 97 22.56 -13.31 43.00
N THR C 98 21.83 -14.25 43.57
CA THR C 98 22.17 -14.82 44.87
C THR C 98 21.82 -16.30 44.88
N PHE C 99 22.70 -17.11 45.45
CA PHE C 99 22.53 -18.55 45.52
C PHE C 99 22.05 -18.99 46.90
N GLY C 100 21.57 -20.22 46.96
CA GLY C 100 21.27 -20.86 48.22
C GLY C 100 22.55 -21.38 48.85
N PRO C 101 22.51 -21.67 50.16
CA PRO C 101 23.72 -22.13 50.85
C PRO C 101 24.14 -23.54 50.49
N GLY C 102 23.30 -24.31 49.80
CA GLY C 102 23.65 -25.66 49.45
C GLY C 102 23.04 -26.68 50.40
N THR C 103 22.71 -27.85 49.85
CA THR C 103 22.08 -28.92 50.62
C THR C 103 22.63 -30.25 50.13
N GLN C 104 23.31 -30.97 51.01
CA GLN C 104 23.91 -32.25 50.65
C GLN C 104 22.94 -33.40 50.92
N VAL C 105 23.01 -34.41 50.07
CA VAL C 105 22.20 -35.61 50.22
C VAL C 105 23.13 -36.80 50.47
N ASP C 106 22.65 -37.74 51.29
CA ASP C 106 23.43 -38.89 51.69
C ASP C 106 22.72 -40.18 51.29
N VAL C 107 23.51 -41.24 51.16
CA VAL C 107 22.96 -42.59 50.99
C VAL C 107 22.43 -43.04 52.34
N LYS C 108 21.11 -43.23 52.43
CA LYS C 108 20.50 -43.52 53.72
C LYS C 108 21.01 -44.84 54.27
N ARG C 109 21.39 -44.83 55.54
CA ARG C 109 22.06 -45.97 56.17
C ARG C 109 21.62 -46.05 57.62
N THR C 110 21.80 -47.23 58.20
CA THR C 110 21.55 -47.40 59.63
C THR C 110 22.49 -46.52 60.44
N VAL C 111 22.04 -46.16 61.66
CA VAL C 111 22.80 -45.25 62.50
C VAL C 111 24.11 -45.92 62.94
N ALA C 112 25.15 -45.10 63.11
CA ALA C 112 26.45 -45.59 63.52
C ALA C 112 27.16 -44.52 64.34
N ALA C 113 27.59 -44.89 65.55
CA ALA C 113 28.29 -43.97 66.42
C ALA C 113 29.76 -43.84 66.00
N PRO C 114 30.37 -42.68 66.25
CA PRO C 114 31.77 -42.49 65.83
C PRO C 114 32.75 -43.04 66.86
N SER C 115 33.79 -43.70 66.35
CA SER C 115 34.92 -44.11 67.19
C SER C 115 35.84 -42.91 67.34
N VAL C 116 35.95 -42.39 68.55
CA VAL C 116 36.64 -41.13 68.82
C VAL C 116 38.04 -41.42 69.31
N PHE C 117 39.01 -40.65 68.81
CA PHE C 117 40.39 -40.74 69.24
C PHE C 117 40.96 -39.34 69.37
N ILE C 118 42.05 -39.24 70.13
CA ILE C 118 42.72 -37.96 70.37
C ILE C 118 44.23 -38.18 70.29
N PHE C 119 44.93 -37.21 69.70
CA PHE C 119 46.36 -37.35 69.43
C PHE C 119 47.11 -36.15 69.99
N PRO C 120 47.96 -36.35 70.99
CA PRO C 120 48.76 -35.22 71.52
C PRO C 120 49.81 -34.78 70.51
N PRO C 121 50.37 -33.58 70.68
CA PRO C 121 51.41 -33.14 69.75
C PRO C 121 52.72 -33.86 69.98
N SER C 122 53.56 -33.83 68.95
CA SER C 122 54.89 -34.43 69.02
C SER C 122 55.88 -33.42 69.57
N ASP C 123 56.89 -33.92 70.28
CA ASP C 123 57.94 -33.05 70.81
C ASP C 123 58.77 -32.44 69.69
N GLU C 124 58.84 -33.13 68.54
CA GLU C 124 59.55 -32.57 67.39
C GLU C 124 58.86 -31.30 66.89
N GLN C 125 57.53 -31.28 66.94
CA GLN C 125 56.81 -30.06 66.58
C GLN C 125 56.93 -29.02 67.68
N LEU C 126 57.04 -29.44 68.94
CA LEU C 126 57.25 -28.50 70.04
C LEU C 126 58.60 -27.81 69.96
N LYS C 127 59.57 -28.40 69.25
CA LYS C 127 60.83 -27.72 69.00
C LYS C 127 60.68 -26.59 67.98
N SER C 128 59.58 -26.57 67.23
CA SER C 128 59.33 -25.55 66.23
C SER C 128 58.51 -24.38 66.76
N GLY C 129 57.91 -24.51 67.95
CA GLY C 129 57.13 -23.45 68.54
C GLY C 129 55.64 -23.54 68.30
N THR C 130 55.16 -24.60 67.65
CA THR C 130 53.74 -24.79 67.39
C THR C 130 53.28 -26.09 68.04
N ALA C 131 51.97 -26.14 68.31
CA ALA C 131 51.34 -27.31 68.92
C ALA C 131 50.06 -27.65 68.18
N SER C 132 49.85 -28.93 67.92
CA SER C 132 48.69 -29.38 67.14
C SER C 132 48.12 -30.63 67.79
N VAL C 133 46.99 -30.48 68.48
CA VAL C 133 46.25 -31.60 69.05
C VAL C 133 45.13 -31.96 68.08
N VAL C 134 44.99 -33.25 67.81
CA VAL C 134 44.06 -33.76 66.80
C VAL C 134 42.97 -34.57 67.47
N CYS C 135 41.72 -34.27 67.15
CA CYS C 135 40.57 -35.06 67.57
C CYS C 135 39.99 -35.74 66.33
N LEU C 136 39.75 -37.05 66.42
CA LEU C 136 39.32 -37.85 65.29
C LEU C 136 37.99 -38.52 65.60
N LEU C 137 37.07 -38.45 64.63
CA LEU C 137 35.81 -39.19 64.67
C LEU C 137 35.76 -40.06 63.42
N ASN C 138 35.69 -41.37 63.61
CA ASN C 138 35.83 -42.31 62.51
C ASN C 138 34.61 -43.19 62.38
N ASN C 139 34.17 -43.38 61.13
CA ASN C 139 33.14 -44.36 60.76
C ASN C 139 31.85 -44.15 61.55
N PHE C 140 31.19 -43.03 61.24
CA PHE C 140 29.88 -42.70 61.76
C PHE C 140 29.00 -42.30 60.59
N TYR C 141 27.77 -42.82 60.56
CA TYR C 141 26.92 -42.47 59.43
C TYR C 141 26.18 -41.15 59.64
N PRO C 142 25.36 -41.00 60.70
CA PRO C 142 24.54 -39.77 60.78
C PRO C 142 25.37 -38.50 60.86
N ARG C 143 25.31 -37.73 59.78
CA ARG C 143 26.02 -36.45 59.68
C ARG C 143 25.54 -35.51 60.79
N GLU C 144 26.24 -34.37 60.89
CA GLU C 144 26.04 -33.36 61.93
C GLU C 144 26.52 -33.87 63.27
N ALA C 145 27.82 -34.09 63.38
CA ALA C 145 28.49 -34.37 64.65
C ALA C 145 29.05 -33.06 65.21
N LYS C 146 29.01 -32.93 66.53
CA LYS C 146 29.42 -31.71 67.21
C LYS C 146 30.71 -31.99 67.98
N VAL C 147 31.76 -31.24 67.68
CA VAL C 147 33.07 -31.38 68.32
C VAL C 147 33.37 -30.09 69.07
N GLN C 148 33.67 -30.21 70.36
CA GLN C 148 33.95 -29.07 71.22
C GLN C 148 35.24 -29.34 71.99
N TRP C 149 36.21 -28.44 71.87
CA TRP C 149 37.48 -28.55 72.57
C TRP C 149 37.36 -27.93 73.96
N LYS C 150 37.85 -28.66 74.97
CA LYS C 150 37.84 -28.19 76.35
C LYS C 150 39.27 -28.17 76.87
N VAL C 151 39.74 -26.99 77.27
CA VAL C 151 41.06 -26.81 77.84
C VAL C 151 40.88 -26.49 79.31
N ASP C 152 41.21 -27.46 80.17
CA ASP C 152 40.89 -27.40 81.60
C ASP C 152 39.39 -27.16 81.80
N ASN C 153 38.59 -27.88 81.01
CA ASN C 153 37.13 -27.79 81.00
C ASN C 153 36.63 -26.39 80.61
N ALA C 154 37.44 -25.63 79.89
CA ALA C 154 37.06 -24.32 79.38
C ALA C 154 36.95 -24.41 77.85
N LEU C 155 35.78 -24.07 77.32
CA LEU C 155 35.54 -24.19 75.90
C LEU C 155 36.39 -23.19 75.12
N GLN C 156 36.89 -23.63 73.97
CA GLN C 156 37.68 -22.80 73.07
C GLN C 156 36.91 -22.54 71.79
N SER C 157 37.41 -21.60 71.00
CA SER C 157 36.80 -21.25 69.72
C SER C 157 37.80 -20.46 68.88
N GLY C 158 37.65 -20.55 67.57
CA GLY C 158 38.48 -19.78 66.66
C GLY C 158 39.65 -20.55 66.08
N ASN C 159 40.50 -21.08 66.95
CA ASN C 159 41.72 -21.77 66.54
C ASN C 159 41.53 -23.29 66.39
N SER C 160 40.34 -23.73 66.02
CA SER C 160 40.04 -25.16 65.87
C SER C 160 39.36 -25.37 64.52
N GLN C 161 40.16 -25.72 63.51
CA GLN C 161 39.64 -26.04 62.19
C GLN C 161 39.38 -27.55 62.09
N GLU C 162 38.55 -27.92 61.12
CA GLU C 162 38.20 -29.32 60.92
C GLU C 162 37.92 -29.58 59.45
N SER C 163 38.14 -30.83 59.04
CA SER C 163 37.88 -31.27 57.68
C SER C 163 37.24 -32.65 57.73
N VAL C 164 36.33 -32.92 56.81
CA VAL C 164 35.57 -34.15 56.79
C VAL C 164 35.70 -34.80 55.42
N THR C 165 35.94 -36.10 55.40
CA THR C 165 35.99 -36.84 54.15
C THR C 165 34.57 -36.97 53.57
N GLU C 166 34.51 -37.34 52.30
CA GLU C 166 33.21 -37.58 51.67
C GLU C 166 32.64 -38.91 52.15
N GLN C 167 31.37 -39.13 51.82
CA GLN C 167 30.70 -40.37 52.22
C GLN C 167 31.38 -41.56 51.58
N ASP C 168 31.86 -42.48 52.42
CA ASP C 168 32.58 -43.64 51.92
C ASP C 168 31.67 -44.47 51.03
N SER C 169 32.28 -45.10 50.02
CA SER C 169 31.49 -45.84 49.04
C SER C 169 30.98 -47.16 49.61
N LYS C 170 31.83 -47.85 50.38
CA LYS C 170 31.48 -49.19 50.84
C LYS C 170 30.48 -49.13 51.99
N ASP C 171 30.86 -48.52 53.10
CA ASP C 171 30.08 -48.59 54.33
C ASP C 171 29.26 -47.33 54.57
N SER C 172 29.33 -46.35 53.67
CA SER C 172 28.54 -45.13 53.76
C SER C 172 28.74 -44.45 55.12
N THR C 173 29.99 -44.34 55.53
CA THR C 173 30.35 -43.72 56.79
C THR C 173 31.19 -42.48 56.54
N TYR C 174 31.22 -41.60 57.54
CA TYR C 174 31.97 -40.35 57.48
C TYR C 174 33.10 -40.38 58.49
N SER C 175 34.00 -39.39 58.36
CA SER C 175 35.13 -39.26 59.27
C SER C 175 35.49 -37.78 59.37
N LEU C 176 35.70 -37.31 60.59
CA LEU C 176 36.03 -35.92 60.86
C LEU C 176 37.40 -35.82 61.49
N SER C 177 38.13 -34.76 61.15
CA SER C 177 39.46 -34.50 61.69
C SER C 177 39.51 -33.05 62.16
N SER C 178 39.38 -32.86 63.47
CA SER C 178 39.51 -31.53 64.07
C SER C 178 40.95 -31.32 64.53
N THR C 179 41.53 -30.19 64.15
CA THR C 179 42.91 -29.85 64.49
C THR C 179 42.91 -28.59 65.35
N LEU C 180 43.35 -28.72 66.59
CA LEU C 180 43.49 -27.58 67.50
C LEU C 180 44.93 -27.11 67.45
N THR C 181 45.14 -25.88 66.96
CA THR C 181 46.47 -25.33 66.74
C THR C 181 46.69 -24.16 67.70
N LEU C 182 47.72 -24.28 68.53
CA LEU C 182 48.13 -23.22 69.44
C LEU C 182 49.63 -22.96 69.27
N SER C 183 50.13 -22.01 70.04
CA SER C 183 51.54 -21.64 69.99
C SER C 183 52.33 -22.42 71.04
N LYS C 184 53.60 -22.07 71.23
CA LYS C 184 54.43 -22.75 72.21
C LYS C 184 54.05 -22.35 73.63
N ALA C 185 53.93 -21.04 73.88
CA ALA C 185 53.63 -20.58 75.24
C ALA C 185 52.19 -20.86 75.62
N ASP C 186 51.26 -20.67 74.69
CA ASP C 186 49.85 -20.96 74.98
C ASP C 186 49.62 -22.45 75.24
N TYR C 187 50.50 -23.31 74.75
CA TYR C 187 50.37 -24.75 75.02
C TYR C 187 50.70 -25.06 76.48
N GLU C 188 51.64 -24.33 77.07
CA GLU C 188 52.09 -24.61 78.42
C GLU C 188 51.26 -23.93 79.49
N LYS C 189 50.37 -23.00 79.12
CA LYS C 189 49.53 -22.33 80.11
C LYS C 189 48.45 -23.25 80.68
N HIS C 190 48.28 -24.44 80.14
CA HIS C 190 47.34 -25.42 80.65
C HIS C 190 47.94 -26.81 80.51
N LYS C 191 47.22 -27.83 80.97
CA LYS C 191 47.71 -29.19 80.91
C LYS C 191 46.66 -30.24 80.56
N VAL C 192 45.37 -29.96 80.69
CA VAL C 192 44.32 -30.92 80.39
C VAL C 192 43.68 -30.52 79.07
N TYR C 193 43.88 -31.33 78.03
CA TYR C 193 43.27 -31.12 76.73
C TYR C 193 42.31 -32.26 76.44
N ALA C 194 41.18 -31.94 75.80
CA ALA C 194 40.15 -32.92 75.52
C ALA C 194 39.29 -32.42 74.37
N CYS C 195 38.47 -33.34 73.83
CA CYS C 195 37.45 -32.99 72.86
C CYS C 195 36.20 -33.81 73.14
N GLU C 196 35.06 -33.15 73.18
CA GLU C 196 33.78 -33.78 73.45
C GLU C 196 32.99 -33.93 72.17
N VAL C 197 32.39 -35.11 71.98
CA VAL C 197 31.68 -35.45 70.76
C VAL C 197 30.20 -35.57 71.09
N THR C 198 29.38 -34.71 70.50
CA THR C 198 27.93 -34.81 70.57
C THR C 198 27.42 -35.42 69.27
N HIS C 199 26.62 -36.49 69.40
CA HIS C 199 26.25 -37.27 68.24
C HIS C 199 24.92 -37.98 68.50
N GLN C 200 24.22 -38.30 67.41
CA GLN C 200 22.90 -38.91 67.49
C GLN C 200 22.98 -40.33 68.05
N GLY C 201 23.58 -41.25 67.31
CA GLY C 201 23.71 -42.62 67.75
C GLY C 201 24.56 -42.79 69.00
N LEU C 202 25.27 -41.74 69.42
CA LEU C 202 26.05 -41.76 70.65
C LEU C 202 25.14 -41.26 71.77
N SER C 203 24.67 -42.20 72.61
CA SER C 203 23.66 -41.89 73.62
C SER C 203 24.14 -40.92 74.69
N SER C 204 25.43 -40.59 74.72
CA SER C 204 25.97 -39.65 75.69
C SER C 204 27.18 -38.98 75.10
N PRO C 205 27.34 -37.65 75.29
CA PRO C 205 28.51 -36.96 74.74
C PRO C 205 29.82 -37.50 75.29
N VAL C 206 30.59 -38.18 74.44
CA VAL C 206 31.82 -38.84 74.86
C VAL C 206 32.97 -37.83 74.84
N THR C 207 33.75 -37.81 75.91
CA THR C 207 34.91 -36.94 76.03
C THR C 207 36.18 -37.78 76.06
N LYS C 208 37.13 -37.47 75.18
CA LYS C 208 38.43 -38.10 75.15
C LYS C 208 39.47 -37.08 75.58
N SER C 209 40.17 -37.37 76.69
CA SER C 209 41.05 -36.39 77.31
C SER C 209 42.45 -36.98 77.46
N PHE C 210 43.39 -36.09 77.77
CA PHE C 210 44.75 -36.47 78.11
C PHE C 210 45.38 -35.30 78.87
N ASN C 211 46.53 -35.57 79.49
CA ASN C 211 47.26 -34.56 80.24
C ASN C 211 48.57 -34.21 79.54
N ARG C 212 49.12 -33.07 79.94
CA ARG C 212 50.37 -32.56 79.37
C ARG C 212 51.53 -33.21 80.11
N GLY C 213 52.07 -34.28 79.54
CA GLY C 213 53.17 -35.01 80.14
C GLY C 213 53.33 -36.42 79.62
N ASN D 3 -22.33 45.66 -37.41
CA ASN D 3 -23.15 45.39 -36.23
C ASN D 3 -22.28 44.89 -35.08
N LEU D 4 -21.26 44.10 -35.40
CA LEU D 4 -20.37 43.53 -34.40
C LEU D 4 -18.96 43.48 -34.95
N TRP D 5 -17.99 43.78 -34.09
CA TRP D 5 -16.59 43.88 -34.49
C TRP D 5 -15.73 43.02 -33.58
N VAL D 6 -14.57 42.62 -34.10
CA VAL D 6 -13.63 41.81 -33.33
C VAL D 6 -13.05 42.63 -32.19
N THR D 7 -12.91 42.01 -31.03
CA THR D 7 -12.37 42.65 -29.84
C THR D 7 -11.40 41.72 -29.15
N VAL D 8 -10.20 42.20 -28.88
CA VAL D 8 -9.19 41.40 -28.22
C VAL D 8 -9.42 41.43 -26.71
N TYR D 9 -9.05 40.35 -26.04
CA TYR D 9 -9.17 40.23 -24.59
C TYR D 9 -7.88 39.65 -24.04
N TYR D 10 -7.16 40.45 -23.26
CA TYR D 10 -5.86 40.07 -22.74
C TYR D 10 -6.04 39.53 -21.32
N GLY D 11 -5.75 38.24 -21.13
CA GLY D 11 -5.88 37.62 -19.83
C GLY D 11 -7.02 36.64 -19.75
N VAL D 12 -7.21 35.85 -20.81
CA VAL D 12 -8.28 34.86 -20.86
C VAL D 12 -7.74 33.51 -20.38
N PRO D 13 -8.54 32.71 -19.67
CA PRO D 13 -8.06 31.39 -19.24
C PRO D 13 -7.98 30.41 -20.41
N VAL D 14 -6.92 30.52 -21.21
CA VAL D 14 -6.69 29.63 -22.34
C VAL D 14 -5.28 29.06 -22.20
N TRP D 15 -5.18 27.73 -22.13
CA TRP D 15 -3.89 27.06 -22.03
C TRP D 15 -3.76 26.03 -23.14
N LYS D 16 -2.52 25.85 -23.60
CA LYS D 16 -2.15 24.79 -24.52
C LYS D 16 -1.04 23.95 -23.89
N ASP D 17 -1.15 22.64 -24.00
CA ASP D 17 -0.18 21.75 -23.38
C ASP D 17 1.17 21.85 -24.09
N ALA D 18 2.24 22.01 -23.30
CA ALA D 18 3.59 22.10 -23.83
C ALA D 18 4.56 21.59 -22.77
N GLU D 19 5.84 21.57 -23.11
CA GLU D 19 6.89 21.09 -22.22
C GLU D 19 8.00 22.14 -22.12
N THR D 20 8.31 22.54 -20.88
CA THR D 20 9.33 23.55 -20.63
C THR D 20 10.06 23.20 -19.34
N THR D 21 11.09 23.99 -19.03
CA THR D 21 11.89 23.74 -17.83
C THR D 21 11.13 24.16 -16.58
N LEU D 22 11.20 23.31 -15.56
CA LEU D 22 10.53 23.54 -14.28
C LEU D 22 11.55 23.90 -13.21
N PHE D 23 11.03 24.27 -12.04
CA PHE D 23 11.83 24.69 -10.90
C PHE D 23 12.02 23.52 -9.93
N CYS D 24 12.43 23.82 -8.71
CA CYS D 24 12.48 22.85 -7.62
C CYS D 24 12.44 23.62 -6.31
N ALA D 25 11.93 22.95 -5.27
CA ALA D 25 11.65 23.60 -4.00
C ALA D 25 12.64 23.15 -2.93
N SER D 26 12.95 24.07 -2.02
CA SER D 26 13.89 23.81 -0.93
C SER D 26 13.25 23.17 0.29
N ASP D 27 11.93 23.29 0.45
CA ASP D 27 11.10 22.73 1.51
C ASP D 27 11.24 23.50 2.83
N ALA D 28 12.18 24.45 2.93
CA ALA D 28 12.27 25.48 3.98
C ALA D 28 12.93 24.99 5.27
N LYS D 29 13.01 23.69 5.48
CA LYS D 29 13.78 23.16 6.61
C LYS D 29 15.25 22.97 6.25
N ALA D 30 15.67 23.41 5.07
CA ALA D 30 17.00 23.09 4.57
C ALA D 30 18.10 23.76 5.38
N TYR D 31 17.85 24.98 5.88
CA TYR D 31 18.86 25.66 6.67
C TYR D 31 19.09 24.97 8.01
N ASP D 32 18.05 24.34 8.57
CA ASP D 32 18.16 23.62 9.82
C ASP D 32 18.59 22.17 9.63
N THR D 33 18.74 21.71 8.39
CA THR D 33 19.35 20.40 8.15
C THR D 33 20.86 20.45 8.41
N GLU D 34 21.54 21.39 7.76
CA GLU D 34 22.97 21.61 7.94
C GLU D 34 23.77 20.33 7.69
N LYS D 35 23.32 19.53 6.73
CA LYS D 35 24.09 18.40 6.23
C LYS D 35 24.99 18.82 5.07
N HIS D 36 25.26 20.12 4.93
CA HIS D 36 26.13 20.70 3.91
C HIS D 36 25.57 20.52 2.51
N ASN D 37 25.14 19.32 2.17
CA ASN D 37 24.49 19.10 0.87
C ASN D 37 23.60 17.87 0.96
N VAL D 38 22.31 18.06 0.71
CA VAL D 38 21.38 16.95 0.56
C VAL D 38 21.25 16.70 -0.94
N TRP D 39 20.13 16.12 -1.38
CA TRP D 39 19.95 15.83 -2.79
C TRP D 39 19.92 17.12 -3.62
N ALA D 40 18.91 17.96 -3.39
CA ALA D 40 18.77 19.21 -4.14
C ALA D 40 18.70 20.44 -3.24
N THR D 41 19.09 20.31 -1.98
CA THR D 41 19.21 21.47 -1.10
C THR D 41 20.23 22.47 -1.64
N HIS D 42 21.12 22.02 -2.53
CA HIS D 42 22.16 22.89 -3.09
C HIS D 42 21.56 24.14 -3.72
N ALA D 43 20.59 23.99 -4.62
CA ALA D 43 20.17 25.08 -5.48
C ALA D 43 18.70 25.45 -5.39
N CYS D 44 17.84 24.60 -4.83
CA CYS D 44 16.41 24.86 -4.89
C CYS D 44 16.00 26.02 -3.99
N VAL D 45 14.91 26.69 -4.38
CA VAL D 45 14.43 27.89 -3.70
C VAL D 45 13.37 27.50 -2.68
N PRO D 46 13.18 28.27 -1.61
CA PRO D 46 12.24 27.88 -0.57
C PRO D 46 10.79 27.83 -1.06
N THR D 47 9.98 27.08 -0.32
CA THR D 47 8.57 26.92 -0.65
C THR D 47 7.78 28.15 -0.25
N ASP D 48 6.74 28.45 -1.02
CA ASP D 48 5.86 29.55 -0.69
C ASP D 48 5.12 29.26 0.62
N PRO D 49 4.76 30.29 1.38
CA PRO D 49 4.06 30.05 2.66
C PRO D 49 2.73 29.35 2.49
N ASN D 50 2.04 29.56 1.38
CA ASN D 50 0.74 28.94 1.12
C ASN D 50 0.73 28.36 -0.29
N PRO D 51 0.64 27.05 -0.46
CA PRO D 51 0.54 26.47 -1.81
C PRO D 51 -0.77 26.85 -2.48
N GLN D 52 -0.68 27.62 -3.58
CA GLN D 52 -1.85 28.13 -4.29
C GLN D 52 -2.50 26.97 -5.05
N GLU D 53 -3.36 26.23 -4.35
CA GLU D 53 -4.13 25.13 -4.94
C GLU D 53 -5.54 25.63 -5.21
N ILE D 54 -5.87 25.84 -6.48
CA ILE D 54 -7.15 26.39 -6.90
C ILE D 54 -7.84 25.37 -7.79
N HIS D 55 -9.00 24.88 -7.35
CA HIS D 55 -9.81 23.99 -8.15
C HIS D 55 -10.51 24.76 -9.26
N LEU D 56 -10.56 24.16 -10.44
CA LEU D 56 -11.14 24.78 -11.63
C LEU D 56 -12.45 24.04 -11.93
N GLU D 57 -13.57 24.67 -11.57
CA GLU D 57 -14.87 24.04 -11.75
C GLU D 57 -15.21 23.90 -13.24
N ASN D 58 -16.01 22.89 -13.55
CA ASN D 58 -16.51 22.63 -14.90
C ASN D 58 -15.39 22.28 -15.88
N VAL D 59 -14.24 21.83 -15.40
CA VAL D 59 -13.07 21.60 -16.23
C VAL D 59 -12.78 20.11 -16.28
N THR D 60 -12.77 19.55 -17.49
CA THR D 60 -12.30 18.20 -17.76
C THR D 60 -11.08 18.30 -18.67
N GLU D 61 -9.94 17.87 -18.18
CA GLU D 61 -8.67 17.96 -18.90
C GLU D 61 -8.15 16.56 -19.18
N GLU D 62 -7.70 16.32 -20.41
CA GLU D 62 -7.20 15.02 -20.80
C GLU D 62 -5.74 14.88 -20.38
N PHE D 63 -5.46 13.92 -19.50
CA PHE D 63 -4.13 13.65 -19.02
C PHE D 63 -3.57 12.38 -19.66
N ASN D 64 -2.25 12.29 -19.69
CA ASN D 64 -1.57 11.08 -20.15
C ASN D 64 -0.22 11.03 -19.44
N MET D 65 -0.13 10.19 -18.40
CA MET D 65 1.09 10.08 -17.61
C MET D 65 2.22 9.42 -18.38
N TRP D 66 1.92 8.68 -19.45
CA TRP D 66 2.94 7.92 -20.15
C TRP D 66 3.61 8.70 -21.28
N LYS D 67 3.02 9.81 -21.72
CA LYS D 67 3.66 10.72 -22.66
C LYS D 67 4.12 12.00 -21.98
N ASN D 68 4.22 11.99 -20.66
CA ASN D 68 4.55 13.19 -19.91
C ASN D 68 6.03 13.53 -20.05
N ASN D 69 6.32 14.84 -20.04
CA ASN D 69 7.69 15.34 -20.10
C ASN D 69 8.22 15.75 -18.73
N MET D 70 7.38 15.76 -17.69
CA MET D 70 7.89 16.03 -16.35
C MET D 70 8.75 14.90 -15.84
N VAL D 71 8.45 13.66 -16.23
CA VAL D 71 9.26 12.52 -15.83
C VAL D 71 10.65 12.60 -16.46
N GLU D 72 10.72 13.03 -17.71
CA GLU D 72 12.02 13.17 -18.37
C GLU D 72 12.87 14.25 -17.72
N GLN D 73 12.23 15.28 -17.17
CA GLN D 73 12.99 16.34 -16.51
C GLN D 73 13.56 15.86 -15.18
N MET D 74 12.74 15.20 -14.36
CA MET D 74 13.23 14.69 -13.08
C MET D 74 14.25 13.58 -13.29
N HIS D 75 14.11 12.81 -14.36
CA HIS D 75 15.12 11.80 -14.68
C HIS D 75 16.44 12.45 -15.02
N THR D 76 16.42 13.50 -15.84
CA THR D 76 17.63 14.22 -16.20
C THR D 76 18.13 15.12 -15.07
N ASP D 77 17.27 15.44 -14.10
CA ASP D 77 17.72 16.20 -12.95
C ASP D 77 18.43 15.33 -11.93
N ILE D 78 17.95 14.09 -11.73
CA ILE D 78 18.58 13.19 -10.78
C ILE D 78 19.95 12.75 -11.27
N ILE D 79 20.08 12.48 -12.57
CA ILE D 79 21.37 12.05 -13.11
C ILE D 79 22.39 13.18 -13.01
N SER D 80 22.01 14.38 -13.44
CA SER D 80 22.89 15.53 -13.27
C SER D 80 23.11 15.87 -11.80
N LEU D 81 22.23 15.40 -10.92
CA LEU D 81 22.43 15.56 -9.48
C LEU D 81 23.49 14.60 -8.97
N TRP D 82 23.50 13.37 -9.50
CA TRP D 82 24.52 12.39 -9.10
C TRP D 82 25.91 12.86 -9.49
N ASP D 83 26.09 13.26 -10.76
CA ASP D 83 27.41 13.59 -11.26
C ASP D 83 27.99 14.82 -10.56
N GLN D 84 27.17 15.86 -10.37
CA GLN D 84 27.65 17.06 -9.71
C GLN D 84 27.91 16.83 -8.22
N SER D 85 27.30 15.80 -7.63
CA SER D 85 27.56 15.50 -6.23
C SER D 85 28.86 14.70 -6.06
N LEU D 86 29.15 13.82 -7.01
CA LEU D 86 30.37 13.00 -6.97
C LEU D 86 31.55 13.66 -7.66
N LYS D 87 31.36 14.84 -8.26
CA LYS D 87 32.46 15.47 -9.01
C LYS D 87 33.60 15.92 -8.09
N PRO D 88 33.38 16.72 -7.04
CA PRO D 88 34.50 17.20 -6.24
C PRO D 88 34.97 16.24 -5.15
N CYS D 89 34.43 15.02 -5.09
CA CYS D 89 34.75 14.09 -4.01
C CYS D 89 36.07 13.38 -4.31
N VAL D 90 36.39 12.38 -3.50
CA VAL D 90 37.68 11.70 -3.56
C VAL D 90 37.61 10.57 -4.58
N LYS D 91 38.55 10.58 -5.53
CA LYS D 91 38.69 9.51 -6.49
C LYS D 91 39.56 8.40 -5.90
N LEU D 92 39.29 7.16 -6.31
CA LEU D 92 39.98 5.99 -5.76
C LEU D 92 40.59 5.14 -6.87
N THR D 93 41.06 5.76 -7.94
CA THR D 93 41.70 5.00 -9.01
C THR D 93 42.94 4.22 -8.57
N PRO D 94 43.76 4.67 -7.61
CA PRO D 94 44.85 3.81 -7.13
C PRO D 94 44.41 2.59 -6.35
N LEU D 95 43.11 2.44 -6.08
CA LEU D 95 42.63 1.24 -5.39
C LEU D 95 42.56 0.04 -6.32
N CYS D 96 42.56 0.26 -7.64
CA CYS D 96 42.60 -0.84 -8.59
C CYS D 96 43.95 -1.54 -8.55
N VAL D 97 44.21 -2.28 -7.47
CA VAL D 97 45.46 -3.03 -7.33
C VAL D 97 45.11 -4.51 -7.19
N THR D 98 46.11 -5.33 -6.89
CA THR D 98 45.88 -6.74 -6.61
C THR D 98 45.66 -6.92 -5.11
N LEU D 99 44.60 -7.64 -4.75
CA LEU D 99 44.19 -7.80 -3.36
C LEU D 99 44.26 -9.27 -2.99
N GLN D 100 45.25 -9.64 -2.19
CA GLN D 100 45.29 -10.98 -1.62
C GLN D 100 44.31 -11.03 -0.44
N CYS D 101 43.21 -11.75 -0.61
CA CYS D 101 42.10 -11.72 0.32
C CYS D 101 42.00 -13.05 1.07
N THR D 102 41.06 -13.08 2.03
CA THR D 102 40.81 -14.25 2.84
C THR D 102 39.34 -14.23 3.25
N ASN D 103 38.71 -15.41 3.24
CA ASN D 103 37.36 -15.52 3.80
C ASN D 103 37.36 -15.05 5.25
N VAL D 104 36.20 -14.57 5.70
CA VAL D 104 36.09 -14.13 7.09
C VAL D 104 36.35 -15.33 8.00
N THR D 105 36.82 -15.04 9.22
CA THR D 105 37.24 -16.10 10.12
C THR D 105 36.09 -16.94 10.65
N ASN D 106 34.84 -16.56 10.39
CA ASN D 106 33.68 -17.25 10.95
C ASN D 106 32.77 -17.71 9.80
N ASN D 107 33.07 -18.88 9.25
CA ASN D 107 32.21 -19.54 8.27
C ASN D 107 31.22 -20.51 8.93
N ILE D 108 31.02 -20.37 10.24
CA ILE D 108 30.39 -21.39 11.10
C ILE D 108 29.21 -22.06 10.41
N THR D 109 29.25 -23.40 10.35
CA THR D 109 28.30 -24.20 9.60
C THR D 109 28.23 -23.73 8.15
N ASP D 110 29.18 -24.18 7.32
CA ASP D 110 29.28 -23.68 5.95
C ASP D 110 28.05 -23.96 5.11
N ASP D 111 27.05 -24.70 5.61
CA ASP D 111 25.75 -24.74 4.95
C ASP D 111 25.14 -23.34 4.90
N MET D 112 25.23 -22.60 6.00
CA MET D 112 24.92 -21.18 5.94
C MET D 112 26.12 -20.42 5.36
N ARG D 113 25.83 -19.26 4.80
CA ARG D 113 26.80 -18.54 3.97
C ARG D 113 27.52 -17.47 4.77
N GLY D 114 28.80 -17.27 4.45
CA GLY D 114 29.60 -16.18 4.99
C GLY D 114 30.58 -15.68 3.96
N GLU D 115 30.37 -14.45 3.45
CA GLU D 115 31.15 -13.94 2.32
C GLU D 115 31.56 -12.48 2.57
N LEU D 116 32.62 -12.31 3.36
CA LEU D 116 33.33 -11.05 3.47
C LEU D 116 34.81 -11.35 3.40
N LYS D 117 35.54 -10.63 2.56
CA LYS D 117 36.91 -10.98 2.19
C LYS D 117 37.89 -10.06 2.89
N ASN D 118 38.59 -10.59 3.90
CA ASN D 118 39.62 -9.82 4.61
C ASN D 118 40.78 -9.58 3.66
N CYS D 119 40.61 -8.58 2.80
CA CYS D 119 41.58 -8.25 1.77
C CYS D 119 42.66 -7.32 2.31
N SER D 120 43.90 -7.58 1.93
CA SER D 120 45.01 -6.68 2.19
C SER D 120 45.72 -6.38 0.87
N PHE D 121 46.24 -5.16 0.76
CA PHE D 121 46.81 -4.71 -0.51
C PHE D 121 47.79 -3.58 -0.25
N ASN D 122 48.66 -3.37 -1.23
CA ASN D 122 49.65 -2.28 -1.18
C ASN D 122 49.02 -1.02 -1.76
N MET D 123 48.54 -0.16 -0.88
CA MET D 123 47.96 1.11 -1.31
C MET D 123 49.01 2.20 -1.27
N THR D 124 48.85 3.19 -2.16
CA THR D 124 49.71 4.35 -2.10
C THR D 124 49.41 5.16 -0.84
N THR D 125 50.31 6.07 -0.49
CA THR D 125 50.22 6.75 0.78
C THR D 125 50.19 8.26 0.60
N GLU D 126 50.33 8.97 1.73
CA GLU D 126 50.49 10.41 1.74
C GLU D 126 51.59 10.85 0.78
N LEU D 127 52.79 10.33 0.98
CA LEU D 127 53.92 10.64 0.11
C LEU D 127 53.85 9.82 -1.17
N ARG D 128 54.73 10.18 -2.11
CA ARG D 128 54.89 9.39 -3.33
C ARG D 128 56.08 8.44 -3.27
N ASP D 129 57.06 8.73 -2.41
CA ASP D 129 58.24 7.87 -2.31
C ASP D 129 57.87 6.47 -1.80
N LYS D 130 57.37 6.41 -0.57
CA LYS D 130 57.03 5.14 0.05
C LYS D 130 55.60 4.72 -0.28
N LYS D 131 55.26 3.49 0.10
CA LYS D 131 53.91 2.97 0.02
C LYS D 131 53.67 2.09 1.24
N GLN D 132 52.42 2.07 1.71
CA GLN D 132 52.06 1.28 2.88
C GLN D 132 51.05 0.21 2.50
N LYS D 133 51.03 -0.87 3.26
CA LYS D 133 50.07 -1.95 3.07
C LYS D 133 48.95 -1.81 4.09
N VAL D 134 47.71 -1.81 3.60
CA VAL D 134 46.54 -1.70 4.46
C VAL D 134 45.68 -2.94 4.23
N TYR D 135 44.43 -2.90 4.69
CA TYR D 135 43.59 -4.09 4.63
C TYR D 135 42.12 -3.70 4.76
N SER D 136 41.25 -4.70 4.62
CA SER D 136 39.85 -4.67 5.04
C SER D 136 38.92 -3.97 4.07
N LEU D 137 39.02 -4.27 2.77
CA LEU D 137 38.04 -3.76 1.82
C LEU D 137 36.72 -4.51 1.95
N PHE D 138 36.77 -5.83 1.92
CA PHE D 138 35.65 -6.73 2.22
C PHE D 138 34.59 -6.79 1.13
N TYR D 139 33.59 -7.65 1.35
CA TYR D 139 32.29 -7.70 0.69
C TYR D 139 32.27 -8.56 -0.57
N ARG D 140 31.06 -9.00 -0.94
CA ARG D 140 30.88 -10.06 -1.92
C ARG D 140 31.30 -9.65 -3.32
N LEU D 141 30.99 -8.40 -3.72
CA LEU D 141 31.36 -7.92 -5.03
C LEU D 141 32.87 -7.92 -5.22
N ASP D 142 33.38 -8.78 -6.10
CA ASP D 142 34.80 -8.89 -6.36
C ASP D 142 35.03 -9.87 -7.50
N VAL D 143 36.26 -9.86 -8.02
CA VAL D 143 36.71 -10.83 -9.00
C VAL D 143 36.89 -12.17 -8.29
N VAL D 144 37.19 -13.22 -9.05
CA VAL D 144 37.69 -14.46 -8.48
C VAL D 144 39.20 -14.58 -8.63
N GLN D 145 39.84 -13.66 -9.37
CA GLN D 145 41.25 -13.56 -9.75
C GLN D 145 41.44 -14.11 -11.16
N ILE D 146 42.68 -14.13 -11.64
CA ILE D 146 43.02 -14.85 -12.86
C ILE D 146 43.78 -16.11 -12.47
N ASN D 147 43.46 -17.22 -13.13
CA ASN D 147 44.07 -18.50 -12.82
C ASN D 147 43.92 -19.48 -13.97
N ASN D 158 44.93 -17.72 1.46
CA ASN D 158 45.01 -16.45 0.74
C ASN D 158 44.97 -16.66 -0.76
N LYS D 159 43.89 -16.16 -1.38
CA LYS D 159 43.76 -16.15 -2.83
C LYS D 159 43.74 -14.71 -3.32
N GLU D 160 44.36 -14.47 -4.48
CA GLU D 160 44.39 -13.14 -5.04
C GLU D 160 42.99 -12.69 -5.45
N TYR D 161 42.76 -11.38 -5.35
CA TYR D 161 41.54 -10.75 -5.84
C TYR D 161 41.89 -9.37 -6.40
N ARG D 162 40.97 -8.84 -7.17
CA ARG D 162 41.01 -7.47 -7.68
C ARG D 162 39.56 -7.01 -7.78
N LEU D 163 39.37 -5.76 -8.21
CA LEU D 163 38.04 -5.19 -8.33
C LEU D 163 37.55 -5.32 -9.76
N ILE D 164 36.34 -5.88 -9.92
CA ILE D 164 35.69 -5.92 -11.23
C ILE D 164 34.98 -4.61 -11.53
N ASN D 165 34.80 -3.75 -10.53
CA ASN D 165 34.54 -2.35 -10.82
C ASN D 165 35.61 -1.78 -11.73
N CYS D 166 36.87 -2.13 -11.47
CA CYS D 166 37.97 -1.76 -12.34
C CYS D 166 37.86 -2.45 -13.71
N ASN D 167 37.15 -3.57 -13.78
CA ASN D 167 36.88 -4.26 -15.04
C ASN D 167 35.90 -3.50 -15.92
N THR D 168 35.28 -2.43 -15.42
CA THR D 168 34.36 -1.65 -16.24
C THR D 168 34.72 -0.17 -16.27
N SER D 169 34.69 0.49 -15.11
CA SER D 169 34.74 1.95 -15.06
C SER D 169 35.68 2.40 -13.95
N ALA D 170 36.00 3.69 -13.98
CA ALA D 170 36.76 4.32 -12.91
C ALA D 170 35.91 4.41 -11.66
N ILE D 171 36.57 4.63 -10.52
CA ILE D 171 35.93 4.64 -9.22
C ILE D 171 36.20 5.96 -8.53
N THR D 172 35.18 6.53 -7.91
CA THR D 172 35.30 7.69 -7.05
C THR D 172 34.49 7.46 -5.79
N GLN D 173 35.02 7.92 -4.66
CA GLN D 173 34.33 7.75 -3.38
C GLN D 173 33.32 8.86 -3.17
N ALA D 174 32.18 8.51 -2.58
CA ALA D 174 31.20 9.52 -2.22
C ALA D 174 31.73 10.38 -1.09
N CYS D 175 31.42 11.68 -1.14
CA CYS D 175 31.81 12.58 -0.07
C CYS D 175 31.15 12.13 1.23
N PRO D 176 31.91 11.96 2.32
CA PRO D 176 31.29 11.52 3.58
C PRO D 176 30.43 12.59 4.23
N LYS D 177 30.61 13.85 3.87
CA LYS D 177 29.83 14.92 4.50
C LYS D 177 28.41 15.00 3.97
N VAL D 178 28.20 14.67 2.69
CA VAL D 178 26.86 14.70 2.11
C VAL D 178 26.09 13.48 2.60
N SER D 179 24.77 13.49 2.42
CA SER D 179 23.92 12.40 2.84
C SER D 179 23.05 11.96 1.67
N PHE D 180 22.40 10.80 1.84
CA PHE D 180 21.48 10.26 0.85
C PHE D 180 20.05 10.21 1.37
N GLU D 181 19.78 10.80 2.53
CA GLU D 181 18.41 10.91 3.02
C GLU D 181 17.62 11.83 2.10
N PRO D 182 16.52 11.36 1.49
CA PRO D 182 15.80 12.17 0.51
C PRO D 182 15.05 13.32 1.18
N ILE D 183 15.37 14.55 0.76
CA ILE D 183 14.64 15.74 1.21
C ILE D 183 13.40 15.85 0.33
N PRO D 184 12.23 16.21 0.89
CA PRO D 184 11.03 16.39 0.05
C PRO D 184 11.23 17.48 -0.98
N ILE D 185 11.20 17.08 -2.25
CA ILE D 185 11.42 17.98 -3.37
C ILE D 185 10.17 17.97 -4.24
N HIS D 186 9.47 19.09 -4.31
CA HIS D 186 8.32 19.23 -5.19
C HIS D 186 8.64 20.25 -6.28
N TYR D 187 8.45 19.82 -7.54
CA TYR D 187 8.71 20.69 -8.67
C TYR D 187 7.74 21.86 -8.70
N CYS D 188 8.20 22.97 -9.28
CA CYS D 188 7.42 24.19 -9.33
C CYS D 188 7.36 24.70 -10.76
N ALA D 189 6.22 25.30 -11.11
CA ALA D 189 6.03 25.86 -12.45
C ALA D 189 6.56 27.28 -12.51
N PRO D 190 7.24 27.65 -13.59
CA PRO D 190 7.78 29.02 -13.69
C PRO D 190 6.72 30.04 -14.01
N ALA D 191 7.13 31.28 -14.28
CA ALA D 191 6.19 32.32 -14.62
C ALA D 191 5.62 32.09 -16.02
N GLY D 192 4.33 32.35 -16.18
CA GLY D 192 3.67 32.19 -17.46
C GLY D 192 3.11 30.82 -17.73
N PHE D 193 3.44 29.83 -16.91
CA PHE D 193 2.97 28.47 -17.08
C PHE D 193 2.17 28.05 -15.83
N ALA D 194 1.59 26.85 -15.90
CA ALA D 194 0.79 26.34 -14.80
C ALA D 194 0.85 24.82 -14.80
N ILE D 195 0.60 24.24 -13.63
CA ILE D 195 0.61 22.79 -13.45
C ILE D 195 -0.80 22.36 -13.06
N LEU D 196 -1.38 21.46 -13.84
CA LEU D 196 -2.74 20.98 -13.62
C LEU D 196 -2.71 19.68 -12.83
N LYS D 197 -3.49 19.63 -11.76
CA LYS D 197 -3.46 18.53 -10.81
C LYS D 197 -4.79 17.79 -10.83
N CYS D 198 -4.78 16.53 -11.24
CA CYS D 198 -5.97 15.71 -11.17
C CYS D 198 -6.35 15.46 -9.71
N LYS D 199 -7.65 15.30 -9.47
CA LYS D 199 -8.12 15.23 -8.09
C LYS D 199 -9.15 14.15 -7.81
N ASP D 200 -9.72 13.50 -8.82
CA ASP D 200 -10.66 12.42 -8.53
C ASP D 200 -9.90 11.22 -7.96
N LYS D 201 -10.58 10.47 -7.08
CA LYS D 201 -9.91 9.40 -6.35
C LYS D 201 -9.43 8.30 -7.28
N LYS D 202 -10.28 7.86 -8.20
CA LYS D 202 -9.93 6.84 -9.18
C LYS D 202 -9.49 7.52 -10.47
N PHE D 203 -8.28 7.21 -10.92
CA PHE D 203 -7.76 7.80 -12.14
C PHE D 203 -6.99 6.75 -12.93
N ASN D 204 -7.35 6.60 -14.20
CA ASN D 204 -6.73 5.61 -15.07
C ASN D 204 -5.30 5.97 -15.44
N GLY D 205 -4.90 7.22 -15.25
CA GLY D 205 -3.62 7.71 -15.75
C GLY D 205 -3.73 8.25 -17.15
N THR D 206 -4.41 7.51 -18.02
CA THR D 206 -4.70 7.92 -19.38
C THR D 206 -6.20 8.19 -19.49
N GLY D 207 -6.57 9.43 -19.77
CA GLY D 207 -7.96 9.80 -19.92
C GLY D 207 -8.26 11.18 -19.38
N PRO D 208 -9.52 11.59 -19.49
CA PRO D 208 -9.90 12.94 -19.02
C PRO D 208 -10.14 12.95 -17.51
N CYS D 209 -9.53 13.92 -16.82
CA CYS D 209 -9.72 14.09 -15.40
C CYS D 209 -10.87 15.08 -15.18
N PRO D 210 -12.01 14.66 -14.63
CA PRO D 210 -13.15 15.58 -14.49
C PRO D 210 -13.00 16.62 -13.40
N SER D 211 -12.10 16.42 -12.44
CA SER D 211 -11.89 17.36 -11.34
C SER D 211 -10.42 17.79 -11.37
N VAL D 212 -10.17 18.98 -11.90
CA VAL D 212 -8.81 19.49 -12.12
C VAL D 212 -8.61 20.74 -11.29
N SER D 213 -7.46 20.81 -10.62
CA SER D 213 -7.00 22.01 -9.94
C SER D 213 -5.68 22.45 -10.54
N THR D 214 -5.22 23.63 -10.15
CA THR D 214 -3.98 24.19 -10.67
C THR D 214 -3.10 24.68 -9.52
N VAL D 215 -1.78 24.53 -9.71
CA VAL D 215 -0.79 24.95 -8.73
C VAL D 215 0.44 25.45 -9.49
N GLN D 216 1.36 26.09 -8.77
CA GLN D 216 2.70 26.38 -9.27
C GLN D 216 3.69 25.33 -8.79
N CYS D 217 3.87 25.22 -7.48
CA CYS D 217 4.67 24.16 -6.87
C CYS D 217 3.81 22.94 -6.63
N THR D 218 4.36 21.77 -6.93
CA THR D 218 3.64 20.51 -6.76
C THR D 218 3.66 20.11 -5.28
N HIS D 219 3.18 18.90 -5.00
CA HIS D 219 3.24 18.36 -3.65
C HIS D 219 4.58 17.65 -3.44
N GLY D 220 5.03 17.64 -2.19
CA GLY D 220 6.34 17.10 -1.84
C GLY D 220 6.60 15.69 -2.34
N ILE D 221 7.66 15.53 -3.12
CA ILE D 221 8.06 14.24 -3.69
C ILE D 221 9.45 13.92 -3.17
N LYS D 222 9.64 12.70 -2.66
CA LYS D 222 10.93 12.26 -2.19
C LYS D 222 11.62 11.47 -3.29
N PRO D 223 12.76 11.92 -3.81
CA PRO D 223 13.48 11.15 -4.83
C PRO D 223 14.04 9.85 -4.25
N VAL D 224 13.37 8.74 -4.54
CA VAL D 224 13.72 7.43 -3.99
C VAL D 224 14.15 6.53 -5.12
N VAL D 225 15.39 6.02 -5.04
CA VAL D 225 15.90 5.05 -5.99
C VAL D 225 15.63 3.66 -5.42
N SER D 226 14.67 2.95 -5.99
CA SER D 226 14.31 1.62 -5.52
C SER D 226 13.79 0.79 -6.68
N THR D 227 13.97 -0.51 -6.58
CA THR D 227 13.52 -1.46 -7.59
C THR D 227 12.60 -2.49 -6.95
N GLN D 228 11.69 -3.03 -7.76
CA GLN D 228 10.73 -4.06 -7.34
C GLN D 228 9.73 -3.57 -6.30
N LEU D 229 10.11 -2.58 -5.50
CA LEU D 229 9.25 -2.06 -4.44
C LEU D 229 9.42 -0.56 -4.37
N LEU D 230 8.33 0.18 -4.54
CA LEU D 230 8.35 1.63 -4.37
C LEU D 230 8.28 1.96 -2.89
N LEU D 231 9.17 2.85 -2.44
CA LEU D 231 9.33 3.16 -1.02
C LEU D 231 9.07 4.63 -0.75
N ASN D 232 8.44 4.91 0.39
CA ASN D 232 8.15 6.27 0.83
C ASN D 232 7.36 7.06 -0.21
N GLY D 233 6.51 6.37 -0.96
CA GLY D 233 5.74 7.00 -2.02
C GLY D 233 4.38 7.50 -1.54
N SER D 234 3.69 8.18 -2.45
CA SER D 234 2.37 8.73 -2.15
C SER D 234 1.32 7.63 -2.25
N LEU D 235 0.43 7.59 -1.26
CA LEU D 235 -0.61 6.57 -1.21
C LEU D 235 -1.71 6.87 -2.21
N ALA D 236 -2.36 5.80 -2.68
CA ALA D 236 -3.51 5.96 -3.55
C ALA D 236 -4.71 6.45 -2.75
N GLU D 237 -5.82 6.66 -3.45
CA GLU D 237 -7.06 7.17 -2.83
C GLU D 237 -8.12 6.07 -2.87
N GLU D 238 -8.31 5.42 -1.72
CA GLU D 238 -9.44 4.53 -1.46
C GLU D 238 -9.38 3.21 -2.22
N GLU D 239 -8.70 3.15 -3.36
CA GLU D 239 -8.64 1.93 -4.14
C GLU D 239 -7.24 1.74 -4.71
N VAL D 240 -6.87 0.47 -4.90
CA VAL D 240 -5.57 0.13 -5.47
C VAL D 240 -5.61 0.36 -6.97
N MET D 241 -4.61 1.08 -7.49
CA MET D 241 -4.56 1.44 -8.90
C MET D 241 -3.60 0.52 -9.65
N ILE D 242 -4.02 0.09 -10.84
CA ILE D 242 -3.22 -0.76 -11.71
C ILE D 242 -3.05 0.02 -13.01
N ARG D 243 -1.94 0.75 -13.13
CA ARG D 243 -1.67 1.58 -14.29
C ARG D 243 -0.67 0.91 -15.22
N SER D 244 -0.81 1.18 -16.51
CA SER D 244 0.07 0.61 -17.52
C SER D 244 -0.03 1.43 -18.79
N GLU D 245 1.09 1.54 -19.50
CA GLU D 245 1.06 2.18 -20.82
C GLU D 245 0.27 1.34 -21.81
N ASN D 246 0.33 0.02 -21.67
CA ASN D 246 -0.48 -0.88 -22.50
C ASN D 246 -0.59 -2.20 -21.75
N ILE D 247 -1.80 -2.50 -21.25
CA ILE D 247 -1.99 -3.69 -20.44
C ILE D 247 -1.90 -4.95 -21.30
N THR D 248 -2.41 -4.89 -22.53
CA THR D 248 -2.36 -6.05 -23.41
C THR D 248 -0.93 -6.41 -23.79
N ASN D 249 -0.10 -5.40 -24.08
CA ASN D 249 1.29 -5.65 -24.40
C ASN D 249 2.05 -6.07 -23.15
N ASN D 250 2.73 -7.21 -23.23
CA ASN D 250 3.37 -7.79 -22.06
C ASN D 250 4.62 -7.03 -21.65
N ALA D 251 5.40 -6.57 -22.63
CA ALA D 251 6.70 -5.97 -22.33
C ALA D 251 6.56 -4.69 -21.50
N LYS D 252 5.45 -3.98 -21.64
CA LYS D 252 5.24 -2.77 -20.86
C LYS D 252 4.97 -3.12 -19.40
N ASN D 253 5.65 -2.44 -18.49
CA ASN D 253 5.53 -2.74 -17.08
C ASN D 253 4.15 -2.35 -16.54
N ILE D 254 3.85 -2.85 -15.35
CA ILE D 254 2.56 -2.64 -14.70
C ILE D 254 2.84 -1.94 -13.38
N LEU D 255 2.60 -0.63 -13.34
CA LEU D 255 2.80 0.13 -12.11
C LEU D 255 1.61 -0.06 -11.19
N VAL D 256 1.89 -0.32 -9.91
CA VAL D 256 0.86 -0.53 -8.90
C VAL D 256 1.05 0.52 -7.81
N GLN D 257 -0.07 1.02 -7.28
CA GLN D 257 -0.07 1.93 -6.16
C GLN D 257 -0.94 1.37 -5.04
N PHE D 258 -0.45 1.47 -3.82
CA PHE D 258 -1.11 0.85 -2.68
C PHE D 258 -2.07 1.83 -1.99
N ASN D 259 -3.15 1.28 -1.44
CA ASN D 259 -4.04 2.06 -0.58
C ASN D 259 -3.51 2.11 0.84
N THR D 260 -3.18 0.94 1.41
CA THR D 260 -2.61 0.84 2.74
C THR D 260 -1.10 0.64 2.64
N PRO D 261 -0.30 1.37 3.42
CA PRO D 261 1.15 1.20 3.35
C PRO D 261 1.60 -0.10 3.98
N VAL D 262 2.49 -0.80 3.28
CA VAL D 262 3.05 -2.06 3.77
C VAL D 262 4.30 -1.75 4.59
N GLN D 263 4.25 -2.08 5.88
CA GLN D 263 5.36 -1.79 6.77
C GLN D 263 6.54 -2.70 6.45
N ILE D 264 7.74 -2.11 6.40
CA ILE D 264 8.96 -2.87 6.14
C ILE D 264 10.06 -2.32 7.06
N ASN D 265 10.83 -3.24 7.64
CA ASN D 265 11.93 -2.89 8.53
C ASN D 265 13.20 -3.58 8.03
N CYS D 266 14.21 -2.80 7.72
CA CYS D 266 15.49 -3.31 7.23
C CYS D 266 16.59 -3.00 8.24
N THR D 267 17.52 -3.95 8.42
CA THR D 267 18.58 -3.80 9.39
C THR D 267 19.90 -4.30 8.82
N ARG D 268 20.96 -3.51 9.05
CA ARG D 268 22.32 -3.97 8.86
C ARG D 268 22.88 -4.28 10.25
N PRO D 269 22.87 -5.53 10.70
CA PRO D 269 23.14 -5.80 12.13
C PRO D 269 24.60 -5.69 12.51
N ASN D 270 25.53 -5.72 11.56
CA ASN D 270 26.95 -5.72 11.88
C ASN D 270 27.35 -4.38 12.48
N ASN D 271 27.55 -4.35 13.79
CA ASN D 271 28.08 -3.17 14.48
C ASN D 271 29.46 -2.87 13.90
N ASN D 272 29.49 -2.11 12.80
CA ASN D 272 30.68 -1.94 11.99
C ASN D 272 31.50 -0.72 12.44
N THR D 273 32.73 -0.65 11.95
CA THR D 273 33.62 0.47 12.21
C THR D 273 34.33 0.86 10.92
N ARG D 274 34.98 2.01 10.95
CA ARG D 274 35.61 2.57 9.76
C ARG D 274 37.08 2.89 10.04
N LYS D 275 37.84 3.04 8.97
CA LYS D 275 39.24 3.44 9.04
C LYS D 275 39.50 4.54 8.03
N SER D 276 40.14 5.62 8.47
CA SER D 276 40.50 6.73 7.59
C SER D 276 42.00 6.63 7.33
N ILE D 277 42.36 5.84 6.32
CA ILE D 277 43.75 5.71 5.91
C ILE D 277 44.08 6.81 4.92
N ARG D 278 45.26 7.43 5.09
CA ARG D 278 45.61 8.63 4.35
C ARG D 278 46.23 8.27 3.01
N ILE D 279 45.67 8.82 1.93
CA ILE D 279 46.14 8.60 0.58
C ILE D 279 46.30 9.96 -0.09
N GLY D 280 47.52 10.28 -0.54
CA GLY D 280 47.77 11.49 -1.26
C GLY D 280 47.86 12.71 -0.37
N PRO D 281 48.13 13.86 -0.97
CA PRO D 281 48.35 15.07 -0.17
C PRO D 281 47.09 15.59 0.51
N GLY D 282 45.92 15.37 -0.08
CA GLY D 282 44.69 15.89 0.50
C GLY D 282 43.58 14.88 0.67
N GLN D 283 43.59 13.83 -0.17
CA GLN D 283 42.52 12.85 -0.13
C GLN D 283 42.64 11.97 1.12
N ALA D 284 41.58 11.23 1.40
CA ALA D 284 41.53 10.31 2.53
C ALA D 284 40.48 9.25 2.24
N PHE D 285 40.88 7.98 2.25
CA PHE D 285 40.00 6.88 1.89
C PHE D 285 39.44 6.23 3.16
N TYR D 286 38.14 5.98 3.16
CA TYR D 286 37.45 5.37 4.30
C TYR D 286 37.26 3.89 4.01
N ALA D 287 37.84 3.05 4.86
CA ALA D 287 37.81 1.60 4.70
C ALA D 287 36.95 0.95 5.78
N THR D 288 36.30 -0.14 5.40
CA THR D 288 35.48 -0.90 6.34
C THR D 288 36.37 -1.61 7.36
N GLY D 289 36.28 -1.22 8.61
CA GLY D 289 37.09 -1.83 9.65
C GLY D 289 36.63 -3.23 10.01
N ASP D 290 37.31 -3.82 10.99
CA ASP D 290 36.94 -5.13 11.48
C ASP D 290 35.59 -5.06 12.18
N ILE D 291 34.75 -6.06 11.92
CA ILE D 291 33.39 -6.06 12.47
C ILE D 291 33.46 -6.36 13.96
N ILE D 292 32.97 -5.42 14.77
CA ILE D 292 32.93 -5.58 16.22
C ILE D 292 31.61 -6.23 16.61
N GLY D 293 31.69 -7.31 17.37
CA GLY D 293 30.52 -8.07 17.74
C GLY D 293 30.27 -9.23 16.81
N ASP D 294 29.09 -9.82 16.96
CA ASP D 294 28.70 -10.94 16.11
C ASP D 294 28.32 -10.45 14.71
N ILE D 295 28.30 -11.39 13.77
CA ILE D 295 27.97 -11.10 12.39
C ILE D 295 26.78 -11.94 11.96
N ARG D 296 25.91 -11.35 11.15
CA ARG D 296 24.86 -12.07 10.44
C ARG D 296 24.42 -11.19 9.27
N GLN D 297 23.70 -11.81 8.34
CA GLN D 297 23.35 -11.13 7.11
C GLN D 297 22.31 -10.03 7.35
N ALA D 298 22.40 -8.97 6.57
CA ALA D 298 21.38 -7.94 6.59
C ALA D 298 20.07 -8.49 6.04
N HIS D 299 18.96 -7.93 6.52
CA HIS D 299 17.65 -8.47 6.17
C HIS D 299 16.61 -7.36 6.22
N CYS D 300 15.42 -7.69 5.75
CA CYS D 300 14.27 -6.78 5.78
C CYS D 300 13.04 -7.57 6.20
N ASN D 301 12.31 -7.05 7.18
CA ASN D 301 11.13 -7.72 7.72
C ASN D 301 9.87 -7.05 7.20
N VAL D 302 8.93 -7.87 6.72
CA VAL D 302 7.61 -7.42 6.32
C VAL D 302 6.59 -8.29 7.04
N SER D 303 5.64 -7.66 7.72
CA SER D 303 4.63 -8.41 8.45
C SER D 303 3.79 -9.24 7.49
N LYS D 304 3.62 -10.52 7.82
CA LYS D 304 2.96 -11.45 6.91
C LYS D 304 1.47 -11.17 6.78
N ALA D 305 0.83 -10.70 7.86
CA ALA D 305 -0.60 -10.44 7.81
C ALA D 305 -0.92 -9.24 6.91
N THR D 306 -0.11 -8.18 7.00
CA THR D 306 -0.34 -7.00 6.16
C THR D 306 -0.06 -7.31 4.70
N TRP D 307 0.98 -8.10 4.42
CA TRP D 307 1.30 -8.44 3.04
C TRP D 307 0.29 -9.42 2.47
N ASN D 308 -0.22 -10.33 3.29
CA ASN D 308 -1.29 -11.24 2.85
C ASN D 308 -2.55 -10.46 2.51
N GLU D 309 -2.87 -9.44 3.30
CA GLU D 309 -4.02 -8.60 3.02
C GLU D 309 -3.79 -7.73 1.79
N THR D 310 -2.58 -7.21 1.63
CA THR D 310 -2.28 -6.36 0.47
C THR D 310 -2.35 -7.15 -0.83
N LEU D 311 -1.85 -8.39 -0.82
CA LEU D 311 -1.97 -9.22 -2.01
C LEU D 311 -3.42 -9.61 -2.28
N GLY D 312 -4.18 -9.93 -1.22
CA GLY D 312 -5.58 -10.24 -1.38
C GLY D 312 -6.41 -9.06 -1.84
N LYS D 313 -5.88 -7.84 -1.71
CA LYS D 313 -6.55 -6.64 -2.19
C LYS D 313 -6.12 -6.25 -3.59
N VAL D 314 -4.86 -6.53 -3.95
CA VAL D 314 -4.39 -6.25 -5.30
C VAL D 314 -4.93 -7.27 -6.30
N VAL D 315 -5.10 -8.52 -5.88
CA VAL D 315 -5.56 -9.56 -6.81
C VAL D 315 -6.95 -9.24 -7.34
N LYS D 316 -7.80 -8.61 -6.53
CA LYS D 316 -9.14 -8.27 -6.99
C LYS D 316 -9.10 -7.14 -8.00
N GLN D 317 -8.19 -6.17 -7.80
CA GLN D 317 -8.05 -5.10 -8.78
C GLN D 317 -7.41 -5.61 -10.07
N LEU D 318 -6.64 -6.70 -9.99
CA LEU D 318 -6.06 -7.28 -11.19
C LEU D 318 -7.05 -8.13 -11.97
N ARG D 319 -8.04 -8.71 -11.27
CA ARG D 319 -9.05 -9.52 -11.96
C ARG D 319 -9.99 -8.68 -12.82
N LYS D 320 -10.07 -7.37 -12.56
CA LYS D 320 -10.94 -6.52 -13.37
C LYS D 320 -10.48 -6.44 -14.82
N HIS D 321 -9.18 -6.63 -15.06
CA HIS D 321 -8.64 -6.63 -16.41
C HIS D 321 -8.46 -8.03 -16.99
N PHE D 322 -8.34 -9.05 -16.14
CA PHE D 322 -7.97 -10.39 -16.58
C PHE D 322 -9.00 -11.45 -16.22
N GLY D 323 -10.19 -11.07 -15.76
CA GLY D 323 -11.23 -12.08 -15.61
C GLY D 323 -11.74 -12.25 -14.20
N ASN D 324 -13.06 -12.24 -14.07
CA ASN D 324 -13.71 -12.53 -12.80
C ASN D 324 -13.79 -14.05 -12.62
N ASN D 325 -13.38 -14.52 -11.43
CA ASN D 325 -13.29 -15.94 -11.12
C ASN D 325 -12.27 -16.64 -12.03
N THR D 326 -11.04 -16.13 -11.97
CA THR D 326 -9.90 -16.76 -12.62
C THR D 326 -8.71 -16.68 -11.66
N ILE D 327 -7.68 -17.47 -11.96
CA ILE D 327 -6.53 -17.61 -11.08
C ILE D 327 -5.34 -16.90 -11.71
N ILE D 328 -4.56 -16.21 -10.86
CA ILE D 328 -3.31 -15.58 -11.28
C ILE D 328 -2.21 -16.01 -10.33
N ARG D 329 -0.98 -16.04 -10.85
CA ARG D 329 0.19 -16.48 -10.11
C ARG D 329 1.25 -15.38 -10.21
N PHE D 330 2.20 -15.40 -9.27
CA PHE D 330 3.41 -14.60 -9.42
C PHE D 330 4.54 -15.26 -8.64
N ALA D 331 5.60 -15.63 -9.35
CA ALA D 331 6.80 -16.19 -8.77
C ALA D 331 7.84 -15.09 -8.61
N ASN D 332 9.09 -15.48 -8.35
CA ASN D 332 10.15 -14.50 -8.16
C ASN D 332 10.66 -14.02 -9.53
N SER D 333 11.78 -13.30 -9.53
CA SER D 333 12.31 -12.73 -10.75
C SER D 333 12.78 -13.81 -11.71
N SER D 334 12.94 -13.42 -12.99
CA SER D 334 13.42 -14.35 -14.00
C SER D 334 14.93 -14.49 -13.95
N GLY D 335 15.65 -13.40 -14.13
CA GLY D 335 17.09 -13.42 -14.12
C GLY D 335 17.66 -12.26 -14.89
N GLY D 336 18.95 -12.02 -14.69
CA GLY D 336 19.65 -10.96 -15.38
C GLY D 336 20.45 -10.05 -14.48
N ASP D 337 20.23 -8.75 -14.60
CA ASP D 337 21.00 -7.78 -13.83
C ASP D 337 20.66 -7.85 -12.34
N LEU D 338 21.67 -7.58 -11.52
CA LEU D 338 21.47 -7.63 -10.07
C LEU D 338 20.54 -6.52 -9.60
N GLU D 339 20.61 -5.35 -10.24
CA GLU D 339 19.72 -4.26 -9.88
C GLU D 339 18.29 -4.51 -10.35
N VAL D 340 18.09 -5.40 -11.32
CA VAL D 340 16.76 -5.71 -11.82
C VAL D 340 16.16 -6.89 -11.05
N THR D 341 16.96 -7.91 -10.76
CA THR D 341 16.46 -9.11 -10.11
C THR D 341 16.27 -8.96 -8.60
N THR D 342 16.74 -7.88 -8.01
CA THR D 342 16.70 -7.72 -6.56
C THR D 342 16.08 -6.37 -6.19
N HIS D 343 15.43 -6.34 -5.03
CA HIS D 343 14.91 -5.10 -4.48
C HIS D 343 16.06 -4.23 -3.98
N SER D 344 16.61 -3.40 -4.87
CA SER D 344 17.76 -2.57 -4.54
C SER D 344 17.30 -1.20 -4.08
N PHE D 345 17.92 -0.71 -3.01
CA PHE D 345 17.62 0.62 -2.49
C PHE D 345 18.76 1.05 -1.56
N ASN D 346 18.61 2.23 -0.96
CA ASN D 346 19.60 2.80 -0.08
C ASN D 346 18.97 3.12 1.27
N CYS D 347 19.79 3.14 2.31
CA CYS D 347 19.32 3.50 3.65
C CYS D 347 20.54 3.78 4.51
N GLY D 348 20.64 5.00 5.02
CA GLY D 348 21.74 5.39 5.89
C GLY D 348 23.08 5.54 5.21
N GLY D 349 23.24 5.07 3.98
CA GLY D 349 24.52 5.11 3.30
C GLY D 349 24.86 3.80 2.64
N GLU D 350 24.37 2.70 3.20
CA GLU D 350 24.57 1.37 2.64
C GLU D 350 23.47 1.07 1.63
N PHE D 351 23.83 0.28 0.62
CA PHE D 351 22.95 -0.01 -0.50
C PHE D 351 22.51 -1.47 -0.43
N PHE D 352 21.31 -1.70 0.10
CA PHE D 352 20.79 -3.04 0.28
C PHE D 352 20.31 -3.63 -1.05
N TYR D 353 20.73 -4.85 -1.34
CA TYR D 353 20.26 -5.61 -2.50
C TYR D 353 19.57 -6.86 -1.97
N CYS D 354 18.30 -6.71 -1.59
CA CYS D 354 17.54 -7.82 -1.04
C CYS D 354 16.85 -8.60 -2.15
N ASN D 355 16.69 -9.90 -1.92
CA ASN D 355 15.98 -10.79 -2.84
C ASN D 355 14.57 -11.00 -2.32
N THR D 356 13.57 -10.73 -3.17
CA THR D 356 12.17 -10.82 -2.81
C THR D 356 11.55 -12.16 -3.19
N SER D 357 12.38 -13.20 -3.36
CA SER D 357 11.85 -14.52 -3.70
C SER D 357 10.97 -15.09 -2.61
N GLY D 358 11.16 -14.66 -1.36
CA GLY D 358 10.35 -15.10 -0.25
C GLY D 358 8.99 -14.46 -0.15
N LEU D 359 8.66 -13.54 -1.06
CA LEU D 359 7.37 -12.86 -1.04
C LEU D 359 6.42 -13.31 -2.14
N PHE D 360 6.93 -13.86 -3.23
CA PHE D 360 6.13 -14.11 -4.43
C PHE D 360 6.07 -15.62 -4.71
N ASN D 361 5.34 -16.35 -3.86
CA ASN D 361 4.95 -17.74 -4.11
C ASN D 361 3.45 -17.84 -3.82
N SER D 362 2.63 -17.57 -4.83
CA SER D 362 1.20 -17.44 -4.60
C SER D 362 0.41 -17.86 -5.83
N THR D 363 -0.65 -18.64 -5.59
CA THR D 363 -1.72 -18.87 -6.54
C THR D 363 -3.04 -18.53 -5.85
N TRP D 364 -4.03 -18.11 -6.63
CA TRP D 364 -5.20 -17.44 -6.07
C TRP D 364 -6.50 -18.09 -6.53
N ILE D 365 -7.21 -18.70 -5.59
CA ILE D 365 -8.60 -19.09 -5.83
C ILE D 365 -9.50 -17.87 -5.77
N SER D 366 -10.72 -18.01 -6.29
CA SER D 366 -11.64 -16.88 -6.37
C SER D 366 -12.09 -16.39 -4.99
N ASN D 367 -11.77 -17.11 -3.92
CA ASN D 367 -12.11 -16.68 -2.56
C ASN D 367 -10.93 -16.67 -1.60
N THR D 368 -9.85 -17.39 -1.89
CA THR D 368 -8.72 -17.52 -0.97
C THR D 368 -7.46 -17.75 -1.77
N SER D 369 -6.40 -18.16 -1.09
CA SER D 369 -5.11 -18.46 -1.71
C SER D 369 -4.70 -19.88 -1.37
N VAL D 370 -3.61 -20.32 -2.01
CA VAL D 370 -3.08 -21.65 -1.78
C VAL D 370 -1.73 -21.57 -1.09
N SER D 378 0.27 -19.16 10.65
CA SER D 378 0.71 -18.06 11.52
C SER D 378 1.92 -17.35 10.93
N ASN D 379 3.10 -17.63 11.49
CA ASN D 379 4.35 -17.00 11.07
C ASN D 379 4.23 -15.48 11.16
N ASP D 380 4.63 -14.92 12.31
CA ASP D 380 4.33 -13.53 12.61
C ASP D 380 4.86 -12.58 11.54
N SER D 381 6.02 -12.88 10.97
CA SER D 381 6.62 -11.99 9.99
C SER D 381 7.30 -12.81 8.90
N ILE D 382 7.55 -12.15 7.77
CA ILE D 382 8.30 -12.72 6.66
C ILE D 382 9.62 -11.96 6.58
N THR D 383 10.72 -12.69 6.75
CA THR D 383 12.05 -12.10 6.65
C THR D 383 12.58 -12.29 5.24
N LEU D 384 13.48 -11.39 4.84
CA LEU D 384 14.05 -11.39 3.49
C LEU D 384 15.56 -11.30 3.57
N PRO D 385 16.30 -12.28 3.04
CA PRO D 385 17.76 -12.14 2.99
C PRO D 385 18.17 -10.96 2.13
N CYS D 386 19.25 -10.30 2.53
CA CYS D 386 19.68 -9.10 1.84
C CYS D 386 21.20 -8.99 1.85
N ARG D 387 21.78 -8.83 0.67
CA ARG D 387 23.20 -8.56 0.53
C ARG D 387 23.44 -7.06 0.38
N ILE D 388 24.67 -6.65 0.65
CA ILE D 388 25.04 -5.24 0.65
C ILE D 388 26.16 -5.02 -0.37
N LYS D 389 26.12 -3.87 -1.04
CA LYS D 389 27.09 -3.54 -2.07
C LYS D 389 27.51 -2.09 -1.90
N GLN D 390 28.80 -1.82 -2.09
CA GLN D 390 29.34 -0.48 -1.90
C GLN D 390 29.80 0.18 -3.20
N ILE D 391 30.08 -0.59 -4.24
CA ILE D 391 30.50 -0.04 -5.53
C ILE D 391 29.38 -0.30 -6.52
N ILE D 392 28.81 0.78 -7.06
CA ILE D 392 27.60 0.71 -7.86
C ILE D 392 27.89 1.24 -9.25
N ASN D 393 27.57 0.45 -10.27
CA ASN D 393 27.61 0.89 -11.65
C ASN D 393 26.21 1.23 -12.18
N MET D 394 25.35 1.73 -11.29
CA MET D 394 24.00 2.14 -11.67
C MET D 394 23.99 3.34 -12.59
N TRP D 395 25.12 4.05 -12.72
CA TRP D 395 25.16 5.26 -13.52
C TRP D 395 25.09 4.91 -15.00
N GLN D 396 24.16 5.57 -15.71
CA GLN D 396 23.99 5.33 -17.13
C GLN D 396 25.24 5.74 -17.91
N ARG D 397 25.99 6.70 -17.40
CA ARG D 397 27.35 6.95 -17.86
C ARG D 397 28.25 5.86 -17.31
N ILE D 398 28.69 4.93 -18.16
CA ILE D 398 29.43 3.76 -17.72
C ILE D 398 30.90 4.12 -17.57
N GLY D 399 31.20 5.42 -17.54
CA GLY D 399 32.55 5.88 -17.31
C GLY D 399 32.88 6.16 -15.86
N GLN D 400 31.94 5.96 -14.94
CA GLN D 400 32.16 6.24 -13.53
C GLN D 400 31.43 5.21 -12.68
N ALA D 401 31.91 5.06 -11.46
CA ALA D 401 31.26 4.22 -10.46
C ALA D 401 31.52 4.84 -9.09
N MET D 402 30.60 4.59 -8.16
CA MET D 402 30.62 5.23 -6.85
C MET D 402 30.95 4.22 -5.77
N TYR D 403 31.83 4.61 -4.85
CA TYR D 403 32.17 3.80 -3.69
C TYR D 403 31.42 4.34 -2.48
N ALA D 404 30.61 3.50 -1.86
CA ALA D 404 29.84 3.92 -0.69
C ALA D 404 30.73 3.88 0.55
N PRO D 405 30.83 4.98 1.29
CA PRO D 405 31.63 4.95 2.52
C PRO D 405 30.96 4.09 3.57
N PRO D 406 31.74 3.42 4.42
CA PRO D 406 31.13 2.59 5.47
C PRO D 406 30.46 3.43 6.54
N ILE D 407 29.41 2.87 7.13
CA ILE D 407 28.64 3.54 8.17
C ILE D 407 29.06 2.96 9.51
N GLN D 408 29.60 3.81 10.37
CA GLN D 408 30.13 3.38 11.68
C GLN D 408 28.95 3.16 12.63
N GLY D 409 28.57 1.91 12.83
CA GLY D 409 27.53 1.53 13.77
C GLY D 409 26.53 0.59 13.13
N VAL D 410 25.44 0.35 13.85
CA VAL D 410 24.36 -0.51 13.39
C VAL D 410 23.34 0.35 12.64
N ILE D 411 22.72 -0.24 11.61
CA ILE D 411 21.79 0.47 10.75
C ILE D 411 20.43 -0.20 10.85
N ARG D 412 19.41 0.60 11.14
CA ARG D 412 18.01 0.16 11.11
C ARG D 412 17.15 1.29 10.58
N CYS D 413 16.32 0.99 9.58
CA CYS D 413 15.50 1.99 8.92
C CYS D 413 14.14 1.39 8.58
N VAL D 414 13.07 2.10 8.91
CA VAL D 414 11.72 1.68 8.60
C VAL D 414 11.25 2.47 7.40
N SER D 415 10.23 1.94 6.71
CA SER D 415 9.74 2.58 5.50
C SER D 415 8.34 2.07 5.19
N ASN D 416 7.62 2.86 4.40
CA ASN D 416 6.34 2.45 3.83
C ASN D 416 6.56 1.90 2.43
N ILE D 417 5.92 0.77 2.14
CA ILE D 417 5.90 0.21 0.79
C ILE D 417 4.59 0.63 0.13
N THR D 418 4.69 1.33 -1.00
CA THR D 418 3.51 1.89 -1.66
C THR D 418 3.28 1.37 -3.07
N GLY D 419 4.28 0.73 -3.70
CA GLY D 419 4.12 0.37 -5.09
C GLY D 419 4.83 -0.92 -5.45
N LEU D 420 4.58 -1.36 -6.69
CA LEU D 420 5.21 -2.53 -7.26
C LEU D 420 5.48 -2.27 -8.74
N ILE D 421 6.38 -3.07 -9.31
CA ILE D 421 6.68 -3.04 -10.73
C ILE D 421 6.71 -4.48 -11.20
N LEU D 422 5.74 -4.85 -12.04
CA LEU D 422 5.53 -6.24 -12.42
C LEU D 422 5.58 -6.39 -13.95
N THR D 423 5.98 -7.58 -14.38
CA THR D 423 5.99 -7.95 -15.79
C THR D 423 5.18 -9.23 -15.97
N ARG D 424 4.38 -9.27 -17.03
CA ARG D 424 3.54 -10.42 -17.32
C ARG D 424 4.26 -11.38 -18.26
N ASP D 425 4.15 -12.68 -17.97
CA ASP D 425 4.74 -13.70 -18.83
C ASP D 425 3.98 -13.78 -20.13
N GLY D 426 4.66 -13.52 -21.24
CA GLY D 426 4.00 -13.53 -22.54
C GLY D 426 3.74 -14.94 -23.04
N GLY D 427 3.08 -14.99 -24.19
CA GLY D 427 2.73 -16.24 -24.84
C GLY D 427 1.23 -16.44 -24.88
N SER D 428 0.83 -17.66 -25.22
CA SER D 428 -0.58 -18.03 -25.31
C SER D 428 -1.02 -18.63 -23.97
N THR D 429 -1.14 -17.75 -22.98
CA THR D 429 -1.55 -18.12 -21.63
C THR D 429 -2.97 -17.63 -21.30
N ASN D 430 -3.84 -17.58 -22.31
CA ASN D 430 -5.19 -17.05 -22.10
C ASN D 430 -6.04 -18.02 -21.29
N SER D 431 -6.24 -19.24 -21.81
CA SER D 431 -7.06 -20.22 -21.10
C SER D 431 -6.43 -20.65 -19.78
N THR D 432 -5.10 -20.60 -19.70
CA THR D 432 -4.41 -20.91 -18.46
C THR D 432 -4.32 -19.65 -17.61
N THR D 433 -3.39 -19.62 -16.65
CA THR D 433 -3.26 -18.51 -15.72
C THR D 433 -2.14 -17.56 -16.17
N GLU D 434 -2.19 -16.34 -15.64
CA GLU D 434 -1.18 -15.33 -15.91
C GLU D 434 -0.22 -15.23 -14.73
N THR D 435 1.00 -14.77 -15.02
CA THR D 435 2.06 -14.69 -14.02
C THR D 435 2.67 -13.29 -14.03
N PHE D 436 2.82 -12.70 -12.84
CA PHE D 436 3.29 -11.32 -12.68
C PHE D 436 4.63 -11.34 -11.93
N ARG D 437 5.70 -11.61 -12.65
CA ARG D 437 7.01 -11.57 -12.03
C ARG D 437 7.45 -10.12 -11.81
N PRO D 438 8.21 -9.85 -10.75
CA PRO D 438 8.67 -8.48 -10.51
C PRO D 438 9.73 -8.06 -11.50
N GLY D 439 9.87 -6.76 -11.66
CA GLY D 439 10.83 -6.20 -12.58
C GLY D 439 11.17 -4.77 -12.24
N GLY D 440 11.77 -4.08 -13.21
CA GLY D 440 12.16 -2.70 -13.03
C GLY D 440 13.19 -2.25 -14.04
N GLY D 441 14.26 -1.61 -13.56
CA GLY D 441 15.32 -1.15 -14.44
C GLY D 441 15.23 0.33 -14.78
N ASP D 442 14.19 0.70 -15.53
CA ASP D 442 14.02 2.09 -15.94
C ASP D 442 13.64 2.95 -14.74
N MET D 443 14.45 3.97 -14.46
CA MET D 443 14.18 4.84 -13.33
C MET D 443 12.89 5.64 -13.51
N ARG D 444 12.48 5.87 -14.77
CA ARG D 444 11.31 6.70 -15.03
C ARG D 444 10.04 6.06 -14.47
N ASP D 445 10.00 4.74 -14.38
CA ASP D 445 8.86 4.08 -13.76
C ASP D 445 8.75 4.38 -12.27
N ASN D 446 9.86 4.73 -11.63
CA ASN D 446 9.81 5.13 -10.22
C ASN D 446 9.20 6.52 -10.03
N TRP D 447 9.13 7.32 -11.09
CA TRP D 447 8.59 8.67 -11.00
C TRP D 447 7.15 8.77 -11.46
N ARG D 448 6.70 7.88 -12.34
CA ARG D 448 5.35 7.96 -12.86
C ARG D 448 4.29 7.68 -11.80
N SER D 449 4.66 7.01 -10.70
CA SER D 449 3.74 6.82 -9.59
C SER D 449 3.60 8.07 -8.73
N GLU D 450 4.34 9.14 -9.04
CA GLU D 450 4.23 10.40 -8.32
C GLU D 450 3.90 11.58 -9.23
N LEU D 451 4.11 11.48 -10.53
CA LEU D 451 3.82 12.55 -11.48
C LEU D 451 2.70 12.18 -12.44
N TYR D 452 1.86 11.20 -12.08
CA TYR D 452 0.77 10.81 -12.96
C TYR D 452 -0.34 11.85 -12.97
N LYS D 453 -0.55 12.54 -11.86
CA LYS D 453 -1.64 13.50 -11.71
C LYS D 453 -1.24 14.91 -12.11
N TYR D 454 -0.07 15.10 -12.71
CA TYR D 454 0.44 16.43 -13.03
C TYR D 454 0.71 16.56 -14.52
N LYS D 455 0.35 17.72 -15.07
CA LYS D 455 0.62 18.05 -16.46
C LYS D 455 0.99 19.53 -16.54
N VAL D 456 1.92 19.86 -17.43
CA VAL D 456 2.41 21.22 -17.62
C VAL D 456 1.69 21.83 -18.80
N VAL D 457 1.14 23.03 -18.61
CA VAL D 457 0.44 23.77 -19.65
C VAL D 457 0.98 25.19 -19.70
N LYS D 458 1.03 25.75 -20.90
CA LYS D 458 1.45 27.13 -21.10
C LYS D 458 0.23 28.02 -21.33
N ILE D 459 0.32 29.24 -20.84
CA ILE D 459 -0.80 30.17 -20.88
C ILE D 459 -0.73 30.98 -22.16
N GLU D 460 -1.85 31.07 -22.88
CA GLU D 460 -1.99 31.88 -24.08
C GLU D 460 -3.15 32.84 -23.84
N PRO D 461 -2.89 34.01 -23.23
CA PRO D 461 -3.99 34.88 -22.78
C PRO D 461 -4.57 35.79 -23.85
N LEU D 462 -4.19 35.64 -25.12
CA LEU D 462 -4.66 36.52 -26.19
C LEU D 462 -5.87 35.87 -26.85
N GLY D 463 -7.03 36.48 -26.67
CA GLY D 463 -8.25 35.97 -27.26
C GLY D 463 -9.00 37.04 -28.02
N VAL D 464 -9.74 36.60 -29.04
CA VAL D 464 -10.54 37.49 -29.88
C VAL D 464 -12.00 37.04 -29.80
N ALA D 465 -12.91 38.02 -29.73
CA ALA D 465 -14.33 37.73 -29.61
C ALA D 465 -15.13 38.91 -30.13
N PRO D 466 -16.27 38.68 -30.78
CA PRO D 466 -17.03 39.80 -31.34
C PRO D 466 -18.00 40.45 -30.36
N THR D 467 -17.90 41.76 -30.20
CA THR D 467 -18.89 42.56 -29.50
C THR D 467 -19.17 43.81 -30.31
N ARG D 468 -20.22 44.53 -29.93
CA ARG D 468 -20.61 45.74 -30.63
C ARG D 468 -19.96 46.95 -29.95
N CYS D 469 -19.09 47.63 -30.69
CA CYS D 469 -18.43 48.85 -30.23
C CYS D 469 -17.72 49.46 -31.42
N LYS D 470 -17.41 50.75 -31.29
CA LYS D 470 -16.81 51.51 -32.38
C LYS D 470 -15.78 52.49 -31.84
N ARG D 471 -14.65 52.59 -32.53
CA ARG D 471 -13.60 53.55 -32.20
C ARG D 471 -13.80 54.83 -32.98
N ARG D 472 -13.17 55.90 -32.50
CA ARG D 472 -13.17 57.24 -33.13
C ARG D 472 -14.54 57.65 -33.64
N VAL E 7 -17.66 37.19 -9.66
CA VAL E 7 -17.03 36.38 -8.63
C VAL E 7 -15.59 36.07 -9.01
N PHE E 8 -14.70 36.04 -8.01
CA PHE E 8 -13.26 35.89 -8.28
C PHE E 8 -12.89 34.43 -8.53
N LEU E 9 -12.92 33.61 -7.48
CA LEU E 9 -12.49 32.21 -7.51
C LEU E 9 -11.00 32.07 -7.84
N GLY E 10 -10.22 33.13 -7.65
CA GLY E 10 -8.78 33.04 -7.76
C GLY E 10 -8.27 32.90 -9.18
N PHE E 11 -7.08 32.32 -9.27
CA PHE E 11 -6.36 32.18 -10.54
C PHE E 11 -6.99 31.08 -11.40
N LEU E 12 -7.29 31.42 -12.65
CA LEU E 12 -7.89 30.49 -13.62
C LEU E 12 -9.22 29.91 -13.14
N GLY E 13 -9.89 30.59 -12.20
CA GLY E 13 -11.11 30.06 -11.63
C GLY E 13 -12.25 29.91 -12.61
N ALA E 14 -12.25 30.70 -13.68
CA ALA E 14 -13.32 30.70 -14.67
C ALA E 14 -12.88 30.07 -15.98
N ALA E 15 -12.14 28.96 -15.90
CA ALA E 15 -11.70 28.26 -17.10
C ALA E 15 -12.83 27.49 -17.77
N GLY E 16 -13.90 27.17 -17.05
CA GLY E 16 -15.01 26.45 -17.61
C GLY E 16 -16.31 27.23 -17.58
N SER E 17 -16.25 28.48 -17.11
CA SER E 17 -17.41 29.34 -17.06
C SER E 17 -17.67 29.95 -18.44
N THR E 18 -18.68 30.82 -18.49
CA THR E 18 -18.97 31.52 -19.74
C THR E 18 -17.89 32.55 -20.04
N MET E 19 -17.75 32.88 -21.32
CA MET E 19 -16.80 33.91 -21.71
C MET E 19 -17.18 35.29 -21.16
N GLY E 20 -18.46 35.53 -20.87
CA GLY E 20 -18.83 36.77 -20.21
C GLY E 20 -18.49 36.77 -18.73
N ALA E 21 -18.64 35.62 -18.08
CA ALA E 21 -18.24 35.53 -16.68
C ALA E 21 -16.74 35.49 -16.53
N ALA E 22 -16.05 34.84 -17.47
CA ALA E 22 -14.59 34.82 -17.44
C ALA E 22 -13.99 36.17 -17.80
N SER E 23 -14.72 36.98 -18.58
CA SER E 23 -14.28 38.34 -18.85
C SER E 23 -14.24 39.18 -17.59
N MET E 24 -14.90 38.73 -16.52
CA MET E 24 -14.87 39.40 -15.23
C MET E 24 -13.67 38.99 -14.38
N THR E 25 -12.70 38.28 -14.96
CA THR E 25 -11.50 37.85 -14.25
C THR E 25 -10.28 37.96 -15.15
N LEU E 26 -10.16 39.08 -15.86
CA LEU E 26 -9.02 39.27 -16.76
C LEU E 26 -7.77 39.66 -16.00
N THR E 27 -7.88 40.59 -15.06
CA THR E 27 -6.73 41.08 -14.32
C THR E 27 -6.17 40.05 -13.35
N VAL E 28 -6.91 38.97 -13.06
CA VAL E 28 -6.39 37.93 -12.19
C VAL E 28 -5.45 37.02 -12.95
N GLN E 29 -5.83 36.62 -14.16
CA GLN E 29 -4.95 35.77 -14.96
C GLN E 29 -3.71 36.50 -15.43
N ALA E 30 -3.78 37.83 -15.54
CA ALA E 30 -2.64 38.60 -16.01
C ALA E 30 -1.61 38.80 -14.91
N ARG E 31 -2.05 39.09 -13.68
CA ARG E 31 -1.13 39.46 -12.62
C ARG E 31 -0.23 38.31 -12.18
N ASN E 32 -0.62 37.06 -12.46
CA ASN E 32 0.12 35.90 -11.98
C ASN E 32 0.91 35.19 -13.05
N LEU E 33 0.93 35.70 -14.29
CA LEU E 33 1.69 35.05 -15.35
C LEU E 33 3.08 35.65 -15.51
N LEU E 34 3.26 36.93 -15.21
CA LEU E 34 4.54 37.60 -15.46
C LEU E 34 5.53 37.41 -14.32
N SER E 35 5.08 37.62 -13.08
CA SER E 35 5.97 37.60 -11.92
C SER E 35 5.63 36.39 -11.05
N GLY E 36 6.29 35.28 -11.33
CA GLY E 36 6.31 34.15 -10.42
C GLY E 36 7.66 34.07 -9.75
N ASN E 37 8.16 35.25 -9.35
CA ASN E 37 9.53 35.57 -8.96
C ASN E 37 10.20 34.51 -8.10
N PRO E 38 11.16 33.76 -8.64
CA PRO E 38 12.05 32.98 -7.77
C PRO E 38 13.34 33.75 -7.49
N ASP E 39 13.79 33.74 -6.24
CA ASP E 39 15.02 34.44 -5.86
C ASP E 39 16.22 33.54 -6.11
N TRP E 40 17.19 34.04 -6.86
CA TRP E 40 18.38 33.28 -7.24
C TRP E 40 19.64 33.93 -6.67
N LEU E 41 19.54 34.44 -5.45
CA LEU E 41 20.73 34.92 -4.76
C LEU E 41 21.79 33.84 -4.57
N PRO E 42 21.46 32.60 -4.21
CA PRO E 42 22.49 31.56 -4.15
C PRO E 42 23.14 31.33 -5.51
N ASP E 43 24.46 31.13 -5.49
CA ASP E 43 25.25 30.95 -6.70
C ASP E 43 25.54 29.47 -6.87
N MET E 44 24.65 28.77 -7.57
CA MET E 44 24.83 27.37 -7.91
C MET E 44 25.00 27.25 -9.42
N THR E 45 26.09 26.60 -9.82
CA THR E 45 26.64 26.73 -11.17
C THR E 45 25.68 26.35 -12.30
N VAL E 46 25.43 25.06 -12.47
CA VAL E 46 24.83 24.57 -13.71
C VAL E 46 23.30 24.51 -13.68
N TRP E 47 22.68 24.53 -12.50
CA TRP E 47 21.24 24.41 -12.42
C TRP E 47 20.51 25.73 -12.56
N GLY E 48 21.22 26.85 -12.59
CA GLY E 48 20.59 28.14 -12.77
C GLY E 48 20.30 28.44 -14.23
N ILE E 49 21.20 28.00 -15.12
CA ILE E 49 21.07 28.32 -16.53
C ILE E 49 19.83 27.69 -17.15
N LYS E 50 19.29 26.63 -16.55
CA LYS E 50 18.07 26.02 -17.08
C LYS E 50 16.83 26.80 -16.65
N GLN E 51 16.76 27.18 -15.38
CA GLN E 51 15.62 27.95 -14.90
C GLN E 51 15.70 29.42 -15.30
N LEU E 52 16.92 29.96 -15.43
CA LEU E 52 17.06 31.34 -15.89
C LEU E 52 16.70 31.46 -17.37
N GLN E 53 17.08 30.46 -18.17
CA GLN E 53 16.62 30.41 -19.56
C GLN E 53 15.11 30.31 -19.62
N ALA E 54 14.50 29.61 -18.67
CA ALA E 54 13.04 29.48 -18.66
C ALA E 54 12.37 30.83 -18.39
N ARG E 55 12.86 31.56 -17.39
CA ARG E 55 12.27 32.84 -17.04
C ARG E 55 12.76 33.98 -17.92
N VAL E 56 13.69 33.73 -18.82
CA VAL E 56 14.01 34.69 -19.89
C VAL E 56 13.14 34.45 -21.11
N LEU E 57 12.90 33.19 -21.47
CA LEU E 57 11.92 32.88 -22.50
C LEU E 57 10.50 33.25 -22.06
N ALA E 58 10.27 33.39 -20.76
CA ALA E 58 8.96 33.83 -20.27
C ALA E 58 8.68 35.27 -20.70
N VAL E 59 9.65 36.16 -20.51
CA VAL E 59 9.46 37.55 -20.93
C VAL E 59 9.64 37.72 -22.42
N GLU E 60 10.33 36.80 -23.09
CA GLU E 60 10.36 36.82 -24.55
C GLU E 60 9.00 36.47 -25.13
N ARG E 61 8.31 35.50 -24.53
CA ARG E 61 6.95 35.18 -24.94
C ARG E 61 5.98 36.26 -24.50
N TYR E 62 6.25 36.92 -23.36
CA TYR E 62 5.37 37.98 -22.88
C TYR E 62 5.44 39.19 -23.80
N LEU E 63 6.65 39.64 -24.14
CA LEU E 63 6.79 40.82 -24.99
C LEU E 63 6.37 40.55 -26.43
N ARG E 64 6.33 39.28 -26.86
CA ARG E 64 5.77 38.97 -28.17
C ARG E 64 4.28 39.27 -28.21
N ASP E 65 3.58 38.98 -27.10
CA ASP E 65 2.16 39.32 -27.03
C ASP E 65 1.96 40.83 -26.92
N GLN E 66 2.81 41.51 -26.14
CA GLN E 66 2.74 42.95 -26.05
C GLN E 66 3.04 43.61 -27.39
N GLN E 67 3.93 43.01 -28.19
CA GLN E 67 4.19 43.53 -29.52
C GLN E 67 2.98 43.38 -30.43
N LEU E 68 2.34 42.20 -30.40
CA LEU E 68 1.08 42.04 -31.11
C LEU E 68 -0.01 42.93 -30.54
N LEU E 69 0.00 43.15 -29.24
CA LEU E 69 -0.91 44.09 -28.58
C LEU E 69 -0.43 45.54 -28.70
N GLY E 70 0.56 45.79 -29.54
CA GLY E 70 1.04 47.15 -29.75
C GLY E 70 0.90 47.57 -31.20
N ILE E 71 1.14 46.63 -32.12
CA ILE E 71 0.97 46.91 -33.54
C ILE E 71 -0.50 47.08 -33.90
N TRP E 72 -1.41 46.54 -33.09
CA TRP E 72 -2.83 46.75 -33.30
C TRP E 72 -3.27 48.07 -32.68
N GLY E 73 -4.40 48.58 -33.17
CA GLY E 73 -4.98 49.76 -32.57
C GLY E 73 -5.23 49.58 -31.09
N CYS E 74 -5.45 48.35 -30.65
CA CYS E 74 -5.52 48.04 -29.23
C CYS E 74 -4.13 48.12 -28.61
N SER E 75 -4.03 48.82 -27.48
CA SER E 75 -2.78 48.91 -26.74
C SER E 75 -2.96 48.92 -25.23
N GLY E 76 -4.14 49.24 -24.70
CA GLY E 76 -4.36 49.13 -23.28
C GLY E 76 -4.48 47.67 -22.86
N LYS E 77 -3.75 47.29 -21.83
CA LYS E 77 -3.74 45.91 -21.36
C LYS E 77 -5.06 45.55 -20.69
N LEU E 78 -6.16 45.76 -21.40
CA LEU E 78 -7.50 45.60 -20.85
C LEU E 78 -8.38 45.02 -21.95
N ILE E 79 -9.70 45.10 -21.77
CA ILE E 79 -10.61 44.91 -22.90
C ILE E 79 -10.38 46.04 -23.89
N CYS E 80 -10.54 45.72 -25.17
CA CYS E 80 -10.32 46.74 -26.18
C CYS E 80 -11.07 46.40 -27.45
N CYS E 81 -11.53 47.43 -28.14
CA CYS E 81 -12.29 47.32 -29.36
C CYS E 81 -11.46 47.77 -30.56
N THR E 82 -11.78 47.22 -31.71
CA THR E 82 -11.11 47.54 -32.96
C THR E 82 -12.13 48.07 -33.97
N ASN E 83 -11.70 48.17 -35.22
CA ASN E 83 -12.57 48.62 -36.31
C ASN E 83 -12.63 47.58 -37.43
N VAL E 84 -12.22 46.35 -37.17
CA VAL E 84 -12.31 45.26 -38.13
C VAL E 84 -13.63 44.54 -37.90
N PRO E 85 -14.46 44.38 -38.93
CA PRO E 85 -15.78 43.76 -38.72
C PRO E 85 -15.67 42.25 -38.52
N TRP E 86 -16.62 41.71 -37.78
CA TRP E 86 -16.70 40.27 -37.61
C TRP E 86 -17.22 39.63 -38.88
N ASN E 87 -16.69 38.45 -39.20
CA ASN E 87 -17.05 37.72 -40.41
C ASN E 87 -18.03 36.61 -40.07
N SER E 88 -19.10 36.50 -40.86
CA SER E 88 -20.09 35.45 -40.63
C SER E 88 -19.53 34.06 -40.88
N SER E 89 -18.47 33.94 -41.68
CA SER E 89 -17.83 32.65 -41.87
C SER E 89 -17.14 32.17 -40.60
N TRP E 90 -16.64 33.09 -39.78
CA TRP E 90 -16.06 32.75 -38.50
C TRP E 90 -17.17 32.62 -37.47
N SER E 91 -17.33 31.41 -36.91
CA SER E 91 -18.33 31.14 -35.87
C SER E 91 -19.72 31.62 -36.28
N ASN E 92 -20.41 30.85 -37.12
CA ASN E 92 -21.75 31.22 -37.55
C ASN E 92 -22.73 31.16 -36.38
N ARG E 93 -22.61 32.10 -35.45
CA ARG E 93 -23.43 32.14 -34.25
C ARG E 93 -23.83 33.59 -33.97
N ASN E 94 -24.99 33.76 -33.35
CA ASN E 94 -25.45 35.07 -32.93
C ASN E 94 -24.83 35.43 -31.58
N LEU E 95 -25.15 36.63 -31.11
CA LEU E 95 -24.68 37.05 -29.79
C LEU E 95 -25.43 36.29 -28.69
N SER E 96 -24.82 36.26 -27.51
CA SER E 96 -25.36 35.62 -26.31
C SER E 96 -25.48 34.11 -26.46
N GLU E 97 -25.32 33.59 -27.69
CA GLU E 97 -25.05 32.17 -27.85
C GLU E 97 -23.59 31.87 -27.53
N ILE E 98 -22.72 32.86 -27.70
CA ILE E 98 -21.30 32.71 -27.37
C ILE E 98 -21.08 32.99 -25.90
N TRP E 99 -21.36 34.22 -25.47
CA TRP E 99 -20.98 34.74 -24.17
C TRP E 99 -21.77 34.14 -23.01
N ASP E 100 -22.72 33.25 -23.28
CA ASP E 100 -23.49 32.61 -22.21
C ASP E 100 -23.63 31.11 -22.40
N ASN E 101 -22.96 30.53 -23.42
CA ASN E 101 -22.90 29.08 -23.53
C ASN E 101 -21.60 28.65 -24.21
N MET E 102 -20.48 29.26 -23.83
CA MET E 102 -19.22 28.87 -24.44
C MET E 102 -18.07 29.27 -23.53
N THR E 103 -17.02 28.46 -23.55
CA THR E 103 -15.80 28.73 -22.83
C THR E 103 -14.73 29.27 -23.76
N TRP E 104 -13.72 29.92 -23.18
CA TRP E 104 -12.63 30.46 -24.00
C TRP E 104 -11.85 29.36 -24.69
N LEU E 105 -11.77 28.18 -24.08
CA LEU E 105 -11.08 27.06 -24.71
C LEU E 105 -11.83 26.58 -25.95
N GLN E 106 -13.14 26.34 -25.82
CA GLN E 106 -13.93 25.91 -26.97
C GLN E 106 -14.02 26.99 -28.02
N TRP E 107 -13.95 28.26 -27.61
CA TRP E 107 -13.94 29.35 -28.57
C TRP E 107 -12.65 29.35 -29.38
N ASP E 108 -11.50 29.26 -28.69
CA ASP E 108 -10.22 29.20 -29.40
C ASP E 108 -10.13 27.96 -30.28
N LYS E 109 -10.86 26.90 -29.93
CA LYS E 109 -10.85 25.68 -30.74
C LYS E 109 -11.55 25.90 -32.08
N GLU E 110 -12.72 26.55 -32.05
CA GLU E 110 -13.45 26.78 -33.29
C GLU E 110 -12.80 27.86 -34.15
N ILE E 111 -12.11 28.82 -33.53
CA ILE E 111 -11.42 29.85 -34.28
C ILE E 111 -10.06 29.37 -34.78
N SER E 112 -9.50 28.32 -34.17
CA SER E 112 -8.18 27.83 -34.57
C SER E 112 -8.10 27.55 -36.06
N ASN E 113 -9.23 27.24 -36.70
CA ASN E 113 -9.24 27.06 -38.15
C ASN E 113 -9.05 28.38 -38.88
N TYR E 114 -9.63 29.46 -38.34
CA TYR E 114 -9.64 30.75 -39.02
C TYR E 114 -8.87 31.83 -38.27
N THR E 115 -8.14 31.48 -37.21
CA THR E 115 -7.53 32.50 -36.36
C THR E 115 -6.30 33.14 -37.00
N GLN E 116 -5.57 32.41 -37.84
CA GLN E 116 -4.28 32.90 -38.33
C GLN E 116 -4.43 34.14 -39.19
N ILE E 117 -5.54 34.28 -39.92
CA ILE E 117 -5.73 35.45 -40.76
C ILE E 117 -6.26 36.64 -39.98
N ILE E 118 -6.88 36.42 -38.81
CA ILE E 118 -7.43 37.53 -38.04
C ILE E 118 -6.31 38.41 -37.52
N TYR E 119 -5.18 37.82 -37.12
CA TYR E 119 -4.04 38.62 -36.69
C TYR E 119 -3.52 39.50 -37.81
N GLY E 120 -3.52 38.99 -39.04
CA GLY E 120 -3.14 39.81 -40.17
C GLY E 120 -4.15 40.90 -40.48
N LEU E 121 -5.44 40.59 -40.31
CA LEU E 121 -6.48 41.59 -40.52
C LEU E 121 -6.46 42.67 -39.44
N LEU E 122 -5.78 42.43 -38.32
CA LEU E 122 -5.67 43.42 -37.27
C LEU E 122 -4.36 44.21 -37.31
N GLU E 123 -3.35 43.70 -38.03
CA GLU E 123 -2.06 44.38 -38.10
C GLU E 123 -1.86 45.16 -39.40
N GLU E 124 -2.61 44.84 -40.44
CA GLU E 124 -2.51 45.53 -41.72
C GLU E 124 -3.74 46.35 -42.05
N SER E 125 -4.93 45.75 -41.96
CA SER E 125 -6.16 46.46 -42.32
C SER E 125 -6.41 47.68 -41.44
N GLN E 126 -5.72 47.78 -40.30
CA GLN E 126 -5.88 48.95 -39.43
C GLN E 126 -4.65 49.86 -39.50
N ASN E 127 -3.63 49.55 -38.70
CA ASN E 127 -2.56 50.50 -38.47
C ASN E 127 -1.65 50.73 -39.66
N GLN E 128 -1.76 49.93 -40.72
CA GLN E 128 -1.11 50.33 -41.96
C GLN E 128 -1.91 51.40 -42.69
N GLN E 129 -3.19 51.54 -42.34
CA GLN E 129 -4.11 52.48 -42.95
C GLN E 129 -4.70 53.47 -41.95
N GLU E 130 -5.01 53.01 -40.73
CA GLU E 130 -5.55 53.90 -39.71
C GLU E 130 -4.52 54.97 -39.33
N LYS E 131 -3.27 54.56 -39.11
CA LYS E 131 -2.21 55.51 -38.85
C LYS E 131 -2.00 56.45 -40.04
N ASN E 132 -1.97 55.88 -41.25
CA ASN E 132 -1.80 56.68 -42.45
C ASN E 132 -2.94 57.68 -42.60
N GLU E 133 -4.17 57.28 -42.24
CA GLU E 133 -5.28 58.22 -42.25
C GLU E 133 -5.17 59.23 -41.12
N GLN E 134 -4.62 58.83 -39.97
CA GLN E 134 -4.43 59.77 -38.87
C GLN E 134 -3.42 60.85 -39.24
N ASP E 135 -2.38 60.49 -40.02
CA ASP E 135 -1.43 61.49 -40.48
C ASP E 135 -2.03 62.38 -41.56
N LEU E 136 -2.96 61.86 -42.35
CA LEU E 136 -3.58 62.60 -43.45
C LEU E 136 -4.93 63.18 -43.06
N LEU E 137 -5.23 63.27 -41.76
CA LEU E 137 -6.48 63.88 -41.31
C LEU E 137 -6.30 64.75 -40.07
N ALA E 138 -5.06 65.03 -39.64
CA ALA E 138 -4.80 65.82 -38.45
C ALA E 138 -4.24 67.20 -38.75
N LEU E 139 -3.87 67.49 -40.00
CA LEU E 139 -3.30 68.79 -40.34
C LEU E 139 -4.35 69.90 -40.33
N ASP E 140 -5.63 69.54 -40.38
CA ASP E 140 -6.70 70.54 -40.38
C ASP E 140 -7.27 70.74 -38.98
N GLN F 1 25.36 -26.37 20.09
CA GLN F 1 26.09 -26.69 21.31
C GLN F 1 27.29 -25.76 21.47
N VAL F 2 27.43 -25.17 22.67
CA VAL F 2 28.51 -24.24 22.97
C VAL F 2 29.40 -24.85 24.04
N GLN F 3 30.49 -24.16 24.34
CA GLN F 3 31.46 -24.63 25.32
C GLN F 3 32.26 -23.43 25.82
N LEU F 4 32.72 -23.53 27.06
CA LEU F 4 33.50 -22.47 27.70
C LEU F 4 34.86 -23.01 28.11
N VAL F 5 35.92 -22.28 27.76
CA VAL F 5 37.29 -22.65 28.07
C VAL F 5 37.93 -21.51 28.85
N GLN F 6 38.40 -21.81 30.06
CA GLN F 6 38.97 -20.81 30.94
C GLN F 6 40.48 -20.90 30.93
N SER F 7 41.12 -20.16 31.84
CA SER F 7 42.57 -20.18 32.00
C SER F 7 42.96 -21.30 32.97
N GLY F 8 44.26 -21.43 33.20
CA GLY F 8 44.76 -22.32 34.22
C GLY F 8 44.71 -21.66 35.59
N ALA F 9 45.05 -22.46 36.60
CA ALA F 9 45.05 -21.95 37.96
C ALA F 9 46.16 -20.92 38.15
N GLU F 10 46.00 -20.07 39.17
CA GLU F 10 46.99 -19.06 39.50
C GLU F 10 47.07 -18.90 41.01
N VAL F 11 48.22 -18.38 41.46
CA VAL F 11 48.47 -18.06 42.85
C VAL F 11 48.91 -16.61 42.93
N ARG F 12 48.25 -15.82 43.77
CA ARG F 12 48.50 -14.40 43.88
C ARG F 12 48.78 -14.01 45.32
N LYS F 13 49.64 -13.02 45.50
CA LYS F 13 49.93 -12.50 46.82
C LYS F 13 48.73 -11.68 47.33
N PRO F 14 48.49 -11.66 48.64
CA PRO F 14 47.38 -10.87 49.17
C PRO F 14 47.55 -9.39 48.87
N GLY F 15 46.43 -8.74 48.54
CA GLY F 15 46.43 -7.34 48.17
C GLY F 15 46.68 -7.06 46.70
N SER F 16 47.16 -8.05 45.95
CA SER F 16 47.44 -7.86 44.53
C SER F 16 46.17 -8.05 43.70
N SER F 17 46.33 -8.26 42.39
CA SER F 17 45.21 -8.44 41.49
C SER F 17 45.42 -9.68 40.64
N VAL F 18 44.32 -10.22 40.13
CA VAL F 18 44.33 -11.41 39.28
C VAL F 18 43.42 -11.16 38.10
N THR F 19 43.76 -11.77 36.96
CA THR F 19 42.99 -11.64 35.73
C THR F 19 42.75 -13.02 35.14
N ILE F 20 41.48 -13.38 34.93
CA ILE F 20 41.09 -14.69 34.47
C ILE F 20 40.41 -14.54 33.11
N SER F 21 40.79 -15.39 32.16
CA SER F 21 40.19 -15.38 30.83
C SER F 21 39.11 -16.45 30.72
N CYS F 22 38.19 -16.22 29.80
CA CYS F 22 37.14 -17.19 29.47
C CYS F 22 36.73 -16.96 28.03
N LYS F 23 36.94 -17.95 27.17
CA LYS F 23 36.62 -17.84 25.76
C LYS F 23 35.52 -18.83 25.40
N PRO F 24 34.36 -18.38 24.97
CA PRO F 24 33.34 -19.32 24.46
C PRO F 24 33.76 -19.90 23.13
N VAL F 25 33.23 -21.08 22.83
CA VAL F 25 33.56 -21.81 21.61
C VAL F 25 32.25 -22.22 20.93
N GLY F 26 32.02 -21.71 19.73
CA GLY F 26 30.89 -22.12 18.92
C GLY F 26 29.54 -21.62 19.40
N GLY F 27 29.39 -20.31 19.52
CA GLY F 27 28.12 -19.75 19.93
C GLY F 27 28.10 -18.24 19.72
N THR F 28 26.91 -17.67 19.91
CA THR F 28 26.75 -16.23 19.80
C THR F 28 27.50 -15.53 20.92
N PHE F 29 28.14 -14.40 20.60
CA PHE F 29 29.01 -13.72 21.53
C PHE F 29 28.31 -12.58 22.28
N THR F 30 27.56 -11.75 21.57
CA THR F 30 27.01 -10.51 22.14
C THR F 30 25.60 -10.66 22.67
N ASN F 31 24.96 -11.81 22.50
CA ASN F 31 23.59 -11.98 22.96
C ASN F 31 23.53 -12.21 24.46
N PHE F 32 23.79 -13.43 24.90
CA PHE F 32 23.62 -13.79 26.31
C PHE F 32 24.79 -13.30 27.14
N ALA F 33 24.52 -13.04 28.42
CA ALA F 33 25.48 -12.45 29.33
C ALA F 33 26.33 -13.51 30.00
N ILE F 34 27.58 -13.14 30.29
CA ILE F 34 28.53 -14.02 30.97
C ILE F 34 28.52 -13.65 32.45
N HIS F 35 28.02 -14.56 33.28
CA HIS F 35 28.08 -14.39 34.72
C HIS F 35 29.26 -15.16 35.29
N TRP F 36 29.70 -14.75 36.48
CA TRP F 36 30.82 -15.38 37.17
C TRP F 36 30.35 -15.86 38.53
N VAL F 37 30.44 -17.17 38.75
CA VAL F 37 30.05 -17.80 40.01
C VAL F 37 31.29 -18.39 40.65
N ARG F 38 31.56 -18.01 41.90
CA ARG F 38 32.72 -18.52 42.61
C ARG F 38 32.28 -19.40 43.76
N GLN F 39 33.22 -20.18 44.29
CA GLN F 39 32.97 -21.07 45.41
C GLN F 39 34.20 -21.06 46.31
N ALA F 40 34.08 -20.39 47.45
CA ALA F 40 35.13 -20.47 48.46
C ALA F 40 35.25 -21.92 48.94
N PRO F 41 36.47 -22.36 49.30
CA PRO F 41 36.67 -23.78 49.62
C PRO F 41 35.83 -24.26 50.79
N GLY F 42 34.78 -25.01 50.50
CA GLY F 42 33.94 -25.60 51.51
C GLY F 42 32.64 -24.88 51.79
N GLN F 43 32.35 -23.79 51.06
CA GLN F 43 31.14 -23.00 51.27
C GLN F 43 30.27 -23.05 50.02
N GLY F 44 29.12 -22.39 50.11
CA GLY F 44 28.18 -22.36 49.02
C GLY F 44 28.64 -21.49 47.86
N LEU F 45 27.88 -21.58 46.76
CA LEU F 45 28.19 -20.79 45.58
C LEU F 45 27.89 -19.32 45.83
N GLU F 46 28.72 -18.45 45.25
CA GLU F 46 28.56 -17.01 45.41
C GLU F 46 28.64 -16.35 44.04
N TRP F 47 27.64 -15.53 43.72
CA TRP F 47 27.63 -14.81 42.46
C TRP F 47 28.60 -13.63 42.53
N VAL F 48 29.47 -13.52 41.53
CA VAL F 48 30.48 -12.47 41.49
C VAL F 48 29.94 -11.29 40.69
N GLY F 49 29.77 -11.49 39.39
CA GLY F 49 29.27 -10.43 38.53
C GLY F 49 28.69 -11.01 37.26
N GLY F 50 28.12 -10.12 36.46
CA GLY F 50 27.59 -10.50 35.16
C GLY F 50 27.76 -9.36 34.19
N ARG F 51 27.96 -9.71 32.92
CA ARG F 51 28.25 -8.69 31.91
C ARG F 51 27.95 -9.24 30.53
N VAL F 52 27.09 -8.55 29.78
CA VAL F 52 27.01 -8.77 28.34
C VAL F 52 28.32 -8.30 27.71
N PRO F 53 28.97 -9.13 26.88
CA PRO F 53 30.34 -8.81 26.44
C PRO F 53 30.53 -7.43 25.83
N VAL F 54 29.98 -7.19 24.65
CA VAL F 54 30.25 -5.93 23.95
C VAL F 54 29.25 -4.84 24.29
N VAL F 55 27.99 -5.21 24.54
CA VAL F 55 26.96 -4.21 24.78
C VAL F 55 27.22 -3.44 26.07
N GLY F 56 27.84 -4.08 27.06
CA GLY F 56 28.20 -3.40 28.28
C GLY F 56 27.20 -3.51 29.41
N ILE F 57 26.07 -4.19 29.19
CA ILE F 57 25.10 -4.38 30.26
C ILE F 57 25.75 -5.24 31.35
N TYR F 58 26.20 -4.60 32.42
CA TYR F 58 26.92 -5.30 33.48
C TYR F 58 26.44 -4.82 34.84
N LYS F 59 26.68 -5.66 35.85
CA LYS F 59 26.43 -5.29 37.23
C LYS F 59 27.22 -6.21 38.13
N TYR F 60 27.95 -5.63 39.08
CA TYR F 60 28.77 -6.39 40.00
C TYR F 60 28.01 -6.66 41.30
N GLY F 61 28.54 -7.56 42.11
CA GLY F 61 27.96 -7.82 43.41
C GLY F 61 28.18 -6.69 44.38
N LYS F 62 27.32 -6.63 45.40
CA LYS F 62 27.48 -5.61 46.44
C LYS F 62 28.83 -5.71 47.14
N LYS F 63 29.34 -6.93 47.28
CA LYS F 63 30.58 -7.19 48.01
C LYS F 63 31.83 -6.82 47.22
N PHE F 64 31.72 -6.58 45.92
CA PHE F 64 32.88 -6.51 45.04
C PHE F 64 33.08 -5.14 44.40
N HIS F 65 32.50 -4.09 44.96
CA HIS F 65 32.74 -2.75 44.42
C HIS F 65 34.14 -2.28 44.80
N ASP F 66 34.73 -1.48 43.92
CA ASP F 66 36.09 -0.94 44.04
C ASP F 66 37.16 -2.02 44.07
N ARG F 67 36.81 -3.26 43.70
CA ARG F 67 37.78 -4.33 43.58
C ARG F 67 37.63 -5.18 42.34
N LEU F 68 36.46 -5.20 41.71
CA LEU F 68 36.17 -6.04 40.56
C LEU F 68 36.08 -5.20 39.29
N ARG F 69 36.50 -5.78 38.17
CA ARG F 69 36.43 -5.10 36.88
C ARG F 69 36.32 -6.16 35.80
N LEU F 70 35.18 -6.20 35.11
CA LEU F 70 34.94 -7.15 34.04
C LEU F 70 35.09 -6.45 32.69
N TYR F 71 35.89 -7.04 31.80
CA TYR F 71 36.07 -6.52 30.46
C TYR F 71 36.17 -7.71 29.50
N GLU F 72 36.42 -7.40 28.22
CA GLU F 72 36.43 -8.41 27.18
C GLU F 72 37.44 -8.01 26.11
N ASP F 73 37.54 -8.86 25.07
CA ASP F 73 38.44 -8.59 23.94
C ASP F 73 37.90 -9.39 22.75
N ASP F 74 37.09 -8.73 21.93
CA ASP F 74 36.40 -9.38 20.82
C ASP F 74 37.33 -9.77 19.67
N PRO F 75 38.47 -9.10 19.43
CA PRO F 75 39.44 -9.67 18.49
C PRO F 75 39.84 -11.09 18.84
N MET F 76 39.99 -11.38 20.14
CA MET F 76 40.21 -12.73 20.62
C MET F 76 38.92 -13.42 21.05
N LYS F 77 37.81 -12.68 21.11
CA LYS F 77 36.52 -13.21 21.54
C LYS F 77 36.61 -13.85 22.92
N THR F 78 37.18 -13.11 23.87
CA THR F 78 37.46 -13.62 25.20
C THR F 78 37.12 -12.57 26.24
N VAL F 79 36.33 -12.96 27.24
CA VAL F 79 36.01 -12.07 28.35
C VAL F 79 37.04 -12.27 29.45
N PHE F 80 37.13 -11.30 30.36
CA PHE F 80 38.12 -11.34 31.42
C PHE F 80 37.51 -10.84 32.73
N LEU F 81 37.93 -11.47 33.82
CA LEU F 81 37.59 -11.03 35.18
C LEU F 81 38.85 -10.51 35.85
N GLU F 82 38.73 -9.36 36.51
CA GLU F 82 39.84 -8.77 37.24
C GLU F 82 39.39 -8.42 38.65
N LEU F 83 40.08 -8.97 39.65
CA LEU F 83 39.77 -8.76 41.05
C LEU F 83 40.98 -8.19 41.76
N ARG F 84 40.80 -7.05 42.43
CA ARG F 84 41.86 -6.35 43.12
C ARG F 84 41.70 -6.46 44.63
N SER F 85 42.76 -6.12 45.34
CA SER F 85 42.82 -6.15 46.80
C SER F 85 42.42 -7.53 47.33
N LEU F 86 43.26 -8.51 46.99
CA LEU F 86 42.96 -9.89 47.30
C LEU F 86 43.24 -10.22 48.77
N THR F 87 42.31 -10.95 49.38
CA THR F 87 42.47 -11.50 50.71
C THR F 87 42.32 -13.01 50.63
N SER F 88 42.52 -13.68 51.77
CA SER F 88 42.34 -15.13 51.81
C SER F 88 40.88 -15.54 51.67
N ASP F 89 39.94 -14.60 51.78
CA ASP F 89 38.54 -14.90 51.51
C ASP F 89 38.33 -15.17 50.02
N ASP F 90 39.05 -14.44 49.16
CA ASP F 90 38.88 -14.55 47.72
C ASP F 90 39.49 -15.82 47.13
N THR F 91 40.06 -16.68 47.97
CA THR F 91 40.56 -17.97 47.48
C THR F 91 39.38 -18.88 47.15
N GLY F 92 39.49 -19.57 46.03
CA GLY F 92 38.44 -20.50 45.64
C GLY F 92 38.57 -20.86 44.16
N VAL F 93 37.47 -21.38 43.63
CA VAL F 93 37.37 -21.77 42.22
C VAL F 93 36.36 -20.85 41.55
N TYR F 94 36.78 -20.17 40.49
CA TYR F 94 35.94 -19.21 39.80
C TYR F 94 35.40 -19.82 38.52
N TYR F 95 34.10 -19.70 38.31
CA TYR F 95 33.42 -20.33 37.18
C TYR F 95 32.94 -19.28 36.19
N CYS F 96 33.07 -19.61 34.90
CA CYS F 96 32.54 -18.81 33.81
C CYS F 96 31.22 -19.45 33.39
N THR F 97 30.12 -18.71 33.55
CA THR F 97 28.77 -19.25 33.33
C THR F 97 28.08 -18.48 32.21
N ARG F 98 27.13 -19.15 31.57
CA ARG F 98 26.43 -18.59 30.42
C ARG F 98 25.20 -19.43 30.13
N TRP F 99 24.20 -18.80 29.51
CA TRP F 99 23.04 -19.48 28.98
C TRP F 99 23.21 -19.72 27.48
N ARG F 100 22.64 -20.82 26.99
CA ARG F 100 22.60 -21.12 25.57
C ARG F 100 21.16 -21.35 25.15
N GLY F 101 20.80 -20.86 23.96
CA GLY F 101 19.42 -20.93 23.53
C GLY F 101 19.19 -20.96 22.03
N CYS F 102 18.19 -21.74 21.61
CA CYS F 102 17.78 -21.87 20.21
C CYS F 102 18.94 -22.27 19.31
N GLY F 103 19.86 -21.34 19.06
CA GLY F 103 20.96 -21.60 18.12
C GLY F 103 20.59 -21.42 16.66
N MET F 104 19.44 -21.94 16.23
CA MET F 104 19.02 -21.81 14.84
C MET F 104 18.61 -20.38 14.52
N CYS F 105 17.97 -19.70 15.46
CA CYS F 105 17.51 -18.34 15.25
C CYS F 105 18.68 -17.36 15.24
N PRO F 106 18.98 -16.70 14.12
CA PRO F 106 20.14 -15.81 14.08
C PRO F 106 19.79 -14.33 14.14
N TYR F 107 18.57 -13.99 13.71
CA TYR F 107 18.15 -12.59 13.60
C TYR F 107 17.99 -11.91 14.96
N ASP F 108 18.16 -12.64 16.06
CA ASP F 108 18.07 -12.04 17.39
C ASP F 108 19.31 -11.18 17.64
N THR F 109 19.14 -9.86 17.59
CA THR F 109 20.23 -8.92 17.84
C THR F 109 20.18 -8.37 19.26
N SER F 110 19.26 -8.83 20.09
CA SER F 110 19.05 -8.27 21.41
C SER F 110 20.13 -8.76 22.38
N SER F 111 20.04 -8.28 23.62
CA SER F 111 21.01 -8.61 24.66
C SER F 111 20.26 -9.01 25.92
N TYR F 112 20.64 -10.15 26.50
CA TYR F 112 19.96 -10.73 27.64
C TYR F 112 20.89 -10.78 28.84
N TYR F 113 20.32 -10.64 30.03
CA TYR F 113 21.09 -10.64 31.27
C TYR F 113 20.45 -11.41 32.42
N ASN F 114 19.12 -11.50 32.49
CA ASN F 114 18.44 -12.19 33.58
C ASN F 114 18.12 -13.62 33.13
N ASP F 115 19.11 -14.50 33.27
CA ASP F 115 18.97 -15.89 32.87
C ASP F 115 19.70 -16.78 33.88
N ALA F 116 19.42 -18.08 33.78
CA ALA F 116 20.15 -19.08 34.55
C ALA F 116 21.47 -19.38 33.85
N SER F 117 22.10 -20.51 34.20
CA SER F 117 23.39 -20.85 33.61
C SER F 117 23.46 -22.38 33.48
N ASP F 118 23.29 -22.87 32.25
CA ASP F 118 23.49 -24.28 31.95
C ASP F 118 24.86 -24.58 31.37
N VAL F 119 25.55 -23.56 30.86
CA VAL F 119 26.88 -23.72 30.29
C VAL F 119 27.89 -23.20 31.31
N TRP F 120 28.73 -24.08 31.82
CA TRP F 120 29.67 -23.75 32.87
C TRP F 120 31.10 -24.04 32.43
N GLY F 121 32.01 -23.13 32.75
CA GLY F 121 33.42 -23.36 32.53
C GLY F 121 33.97 -24.34 33.54
N PRO F 122 35.08 -25.01 33.19
CA PRO F 122 35.65 -26.00 34.11
C PRO F 122 36.12 -25.41 35.43
N GLY F 123 36.36 -24.11 35.48
CA GLY F 123 36.79 -23.47 36.71
C GLY F 123 38.24 -23.05 36.66
N THR F 124 38.57 -22.06 37.50
CA THR F 124 39.93 -21.53 37.61
C THR F 124 40.24 -21.37 39.09
N LYS F 125 41.19 -22.17 39.58
CA LYS F 125 41.53 -22.17 41.00
C LYS F 125 42.43 -20.99 41.31
N VAL F 126 41.94 -20.05 42.10
CA VAL F 126 42.69 -18.88 42.53
C VAL F 126 43.08 -19.08 43.99
N ILE F 127 44.37 -19.10 44.27
CA ILE F 127 44.90 -19.32 45.61
C ILE F 127 45.58 -18.04 46.08
N VAL F 128 45.12 -17.49 47.19
CA VAL F 128 45.70 -16.30 47.78
C VAL F 128 46.54 -16.73 48.98
N SER F 129 47.86 -16.66 48.85
CA SER F 129 48.76 -17.09 49.91
C SER F 129 50.14 -16.50 49.65
N ALA F 130 50.66 -15.74 50.62
CA ALA F 130 51.98 -15.13 50.50
C ALA F 130 53.02 -16.12 51.00
N ALA F 131 53.46 -17.01 50.10
CA ALA F 131 54.50 -17.97 50.43
C ALA F 131 55.03 -18.54 49.12
N SER F 132 55.98 -19.46 49.23
CA SER F 132 56.66 -20.03 48.07
C SER F 132 56.62 -21.55 48.16
N THR F 133 57.20 -22.21 47.15
CA THR F 133 57.24 -23.66 47.10
C THR F 133 58.00 -24.22 48.29
N LYS F 134 57.27 -24.70 49.30
CA LYS F 134 57.86 -25.22 50.53
C LYS F 134 57.44 -26.66 50.73
N GLY F 135 58.39 -27.51 51.10
CA GLY F 135 58.12 -28.88 51.40
C GLY F 135 57.36 -29.03 52.71
N PRO F 136 56.76 -30.19 52.93
CA PRO F 136 55.97 -30.42 54.14
C PRO F 136 56.87 -30.66 55.35
N SER F 137 56.23 -30.82 56.50
CA SER F 137 56.90 -31.16 57.76
C SER F 137 56.05 -32.22 58.45
N VAL F 138 56.39 -33.48 58.21
CA VAL F 138 55.59 -34.59 58.71
C VAL F 138 55.81 -34.75 60.22
N PHE F 139 54.71 -34.82 60.97
CA PHE F 139 54.75 -35.06 62.40
C PHE F 139 53.88 -36.26 62.74
N PRO F 140 54.31 -37.12 63.65
CA PRO F 140 53.57 -38.35 63.94
C PRO F 140 52.38 -38.10 64.84
N LEU F 141 51.37 -38.94 64.66
CA LEU F 141 50.19 -39.00 65.54
C LEU F 141 50.17 -40.40 66.15
N ALA F 142 50.88 -40.56 67.26
CA ALA F 142 51.11 -41.86 67.85
C ALA F 142 49.87 -42.35 68.61
N PRO F 143 49.62 -43.65 68.61
CA PRO F 143 48.54 -44.21 69.42
C PRO F 143 48.94 -44.30 70.88
N SER F 144 47.94 -44.57 71.72
CA SER F 144 48.15 -44.67 73.16
C SER F 144 46.94 -45.36 73.76
N SER F 145 46.83 -45.32 75.09
CA SER F 145 45.61 -45.77 75.75
C SER F 145 44.46 -44.81 75.45
N LYS F 146 44.76 -43.53 75.23
CA LYS F 146 43.75 -42.54 74.91
C LYS F 146 43.60 -42.37 73.40
N SER F 149 41.42 -48.28 71.43
CA SER F 149 40.35 -48.20 72.41
C SER F 149 39.36 -49.34 72.23
N GLY F 150 39.48 -50.35 73.10
CA GLY F 150 38.61 -51.51 73.02
C GLY F 150 38.97 -52.49 71.93
N GLY F 151 40.26 -52.77 71.74
CA GLY F 151 40.69 -53.71 70.74
C GLY F 151 41.39 -53.07 69.55
N THR F 152 40.86 -51.94 69.09
CA THR F 152 41.39 -51.24 67.93
C THR F 152 41.83 -49.85 68.33
N ALA F 153 43.07 -49.51 67.98
CA ALA F 153 43.61 -48.17 68.19
C ALA F 153 43.81 -47.48 66.85
N ALA F 154 44.10 -46.18 66.91
CA ALA F 154 44.26 -45.37 65.71
C ALA F 154 45.59 -44.63 65.76
N LEU F 155 46.17 -44.41 64.57
CA LEU F 155 47.42 -43.69 64.45
C LEU F 155 47.47 -43.05 63.07
N GLY F 156 48.29 -42.01 62.94
CA GLY F 156 48.38 -41.32 61.67
C GLY F 156 49.56 -40.40 61.61
N CYS F 157 49.64 -39.67 60.50
CA CYS F 157 50.66 -38.64 60.30
C CYS F 157 49.98 -37.30 60.04
N LEU F 158 50.67 -36.22 60.39
CA LEU F 158 50.15 -34.87 60.21
C LEU F 158 51.08 -34.12 59.26
N VAL F 159 50.56 -33.75 58.09
CA VAL F 159 51.30 -32.98 57.11
C VAL F 159 50.99 -31.51 57.32
N LYS F 160 52.04 -30.69 57.41
CA LYS F 160 51.88 -29.30 57.83
C LYS F 160 52.86 -28.41 57.11
N ASP F 161 52.42 -27.19 56.80
CA ASP F 161 53.26 -26.13 56.25
C ASP F 161 53.89 -26.54 54.92
N TYR F 162 53.09 -26.51 53.85
CA TYR F 162 53.55 -26.81 52.50
C TYR F 162 52.67 -26.06 51.51
N PHE F 163 52.77 -26.42 50.22
CA PHE F 163 52.15 -25.62 49.16
C PHE F 163 51.90 -26.51 47.93
N PRO F 164 51.49 -25.97 46.71
CA PRO F 164 50.79 -26.80 45.71
C PRO F 164 49.78 -27.87 46.07
N GLU F 165 50.01 -28.74 47.07
CA GLU F 165 49.04 -29.74 47.58
C GLU F 165 48.61 -30.92 46.69
N PRO F 166 49.43 -31.40 45.71
CA PRO F 166 49.09 -32.69 45.09
C PRO F 166 49.46 -33.84 46.00
N VAL F 167 49.82 -33.48 47.23
CA VAL F 167 50.55 -34.36 48.14
C VAL F 167 49.78 -35.66 48.34
N THR F 168 50.49 -36.77 48.21
CA THR F 168 49.94 -38.10 48.38
C THR F 168 50.54 -38.75 49.63
N VAL F 169 49.74 -39.59 50.28
CA VAL F 169 50.16 -40.29 51.49
C VAL F 169 49.81 -41.76 51.32
N SER F 170 50.81 -42.62 51.46
CA SER F 170 50.62 -44.06 51.50
C SER F 170 51.22 -44.62 52.78
N TRP F 171 50.81 -45.83 53.12
CA TRP F 171 51.21 -46.47 54.37
C TRP F 171 52.03 -47.72 54.07
N ASN F 172 53.24 -47.76 54.60
CA ASN F 172 54.17 -48.88 54.38
C ASN F 172 54.39 -49.14 52.90
N SER F 173 54.44 -48.05 52.11
CA SER F 173 54.63 -48.11 50.66
C SER F 173 53.55 -48.97 50.01
N GLY F 174 52.30 -48.50 50.13
CA GLY F 174 51.18 -49.17 49.54
C GLY F 174 50.80 -50.49 50.17
N ALA F 175 51.41 -50.85 51.29
CA ALA F 175 51.08 -52.12 51.94
C ALA F 175 49.77 -52.04 52.71
N LEU F 176 49.58 -50.96 53.47
CA LEU F 176 48.39 -50.78 54.28
C LEU F 176 47.44 -49.83 53.57
N THR F 177 46.27 -50.33 53.18
CA THR F 177 45.27 -49.53 52.49
C THR F 177 43.94 -49.48 53.21
N SER F 178 43.45 -50.60 53.72
CA SER F 178 42.18 -50.61 54.44
C SER F 178 42.30 -49.85 55.76
N GLY F 179 41.25 -49.11 56.10
CA GLY F 179 41.26 -48.29 57.30
C GLY F 179 41.92 -46.94 57.14
N VAL F 180 42.67 -46.72 56.07
CA VAL F 180 43.36 -45.45 55.86
C VAL F 180 42.33 -44.38 55.48
N HIS F 181 42.32 -43.28 56.22
CA HIS F 181 41.46 -42.14 55.94
C HIS F 181 42.33 -40.90 55.83
N THR F 182 42.56 -40.44 54.60
CA THR F 182 43.35 -39.25 54.32
C THR F 182 42.40 -38.07 54.11
N PHE F 183 42.46 -37.10 55.01
CA PHE F 183 41.54 -35.97 54.97
C PHE F 183 41.98 -34.93 53.94
N PRO F 184 41.02 -34.18 53.40
CA PRO F 184 41.38 -33.13 52.43
C PRO F 184 42.25 -32.06 53.06
N ALA F 185 43.07 -31.42 52.22
CA ALA F 185 43.97 -30.39 52.70
C ALA F 185 43.20 -29.13 53.10
N VAL F 186 43.63 -28.50 54.18
CA VAL F 186 43.05 -27.24 54.64
C VAL F 186 44.08 -26.14 54.46
N LEU F 187 43.58 -24.94 54.17
CA LEU F 187 44.43 -23.77 53.97
C LEU F 187 44.50 -23.00 55.29
N GLN F 188 45.66 -23.04 55.93
CA GLN F 188 45.84 -22.35 57.20
C GLN F 188 45.82 -20.83 56.99
N SER F 189 45.65 -20.11 58.10
CA SER F 189 45.66 -18.66 58.05
C SER F 189 47.02 -18.10 57.69
N SER F 190 48.09 -18.88 57.90
CA SER F 190 49.43 -18.41 57.56
C SER F 190 49.67 -18.43 56.05
N GLY F 191 48.86 -19.16 55.30
CA GLY F 191 49.07 -19.30 53.87
C GLY F 191 49.77 -20.58 53.45
N LEU F 192 49.72 -21.63 54.27
CA LEU F 192 50.37 -22.90 53.96
C LEU F 192 49.36 -24.02 54.17
N TYR F 193 49.35 -24.98 53.26
CA TYR F 193 48.42 -26.10 53.34
C TYR F 193 48.77 -27.01 54.52
N SER F 194 47.81 -27.85 54.88
CA SER F 194 47.97 -28.79 55.99
C SER F 194 46.84 -29.81 55.92
N LEU F 195 47.16 -31.04 56.30
CA LEU F 195 46.16 -32.11 56.39
C LEU F 195 46.68 -33.17 57.34
N SER F 196 45.89 -34.23 57.52
CA SER F 196 46.27 -35.35 58.37
C SER F 196 45.63 -36.62 57.83
N SER F 197 46.41 -37.70 57.84
CA SER F 197 45.94 -39.00 57.36
C SER F 197 46.15 -40.02 58.46
N VAL F 198 45.07 -40.68 58.86
CA VAL F 198 45.11 -41.64 59.98
C VAL F 198 44.70 -43.03 59.49
N VAL F 199 44.75 -44.00 60.41
CA VAL F 199 44.42 -45.39 60.10
C VAL F 199 44.11 -46.09 61.41
N THR F 200 43.30 -47.15 61.33
CA THR F 200 42.91 -47.95 62.48
C THR F 200 43.54 -49.32 62.40
N VAL F 201 44.20 -49.73 63.46
CA VAL F 201 44.86 -51.03 63.53
C VAL F 201 44.38 -51.71 64.81
N PRO F 202 44.39 -53.04 64.85
CA PRO F 202 44.14 -53.74 66.10
C PRO F 202 45.24 -53.43 67.11
N SER F 203 44.82 -53.22 68.37
CA SER F 203 45.77 -52.87 69.42
C SER F 203 46.77 -53.97 69.72
N SER F 204 46.52 -55.21 69.29
CA SER F 204 47.46 -56.30 69.52
C SER F 204 48.74 -56.15 68.70
N SER F 205 48.69 -55.41 67.59
CA SER F 205 49.83 -55.22 66.71
C SER F 205 50.38 -53.81 66.76
N LEU F 206 50.40 -53.22 67.96
CA LEU F 206 50.98 -51.88 68.13
C LEU F 206 52.49 -51.96 68.21
N GLY F 207 53.02 -52.71 69.18
CA GLY F 207 54.46 -52.91 69.29
C GLY F 207 55.02 -53.98 68.39
N THR F 208 54.16 -54.71 67.67
CA THR F 208 54.61 -55.79 66.80
C THR F 208 54.87 -55.30 65.38
N GLN F 209 53.84 -54.78 64.72
CA GLN F 209 53.95 -54.37 63.32
C GLN F 209 54.52 -52.96 63.23
N THR F 210 55.55 -52.78 62.41
CA THR F 210 56.14 -51.47 62.18
C THR F 210 55.27 -50.66 61.24
N TYR F 211 55.00 -49.40 61.61
CA TYR F 211 54.13 -48.52 60.86
C TYR F 211 54.87 -47.24 60.51
N ILE F 212 55.04 -47.00 59.21
CA ILE F 212 55.71 -45.80 58.71
C ILE F 212 54.82 -45.16 57.65
N CYS F 213 54.89 -43.83 57.56
CA CYS F 213 54.18 -43.08 56.54
C CYS F 213 55.04 -42.92 55.30
N ASN F 214 54.40 -42.51 54.20
CA ASN F 214 55.09 -42.27 52.93
C ASN F 214 54.45 -41.03 52.31
N VAL F 215 54.94 -39.86 52.68
CA VAL F 215 54.45 -38.58 52.19
C VAL F 215 55.34 -38.13 51.03
N ASN F 216 54.74 -37.86 49.88
CA ASN F 216 55.49 -37.51 48.67
C ASN F 216 54.95 -36.18 48.14
N HIS F 217 55.68 -35.11 48.38
CA HIS F 217 55.36 -33.79 47.83
C HIS F 217 56.17 -33.62 46.55
N LYS F 218 55.48 -33.57 45.41
CA LYS F 218 56.13 -33.64 44.11
C LYS F 218 56.82 -32.34 43.70
N PRO F 219 56.18 -31.18 43.78
CA PRO F 219 56.87 -29.94 43.34
C PRO F 219 58.15 -29.66 44.12
N SER F 220 58.13 -29.81 45.44
CA SER F 220 59.34 -29.61 46.24
C SER F 220 60.27 -30.81 46.21
N ASN F 221 59.86 -31.91 45.55
CA ASN F 221 60.65 -33.14 45.47
C ASN F 221 61.02 -33.64 46.86
N THR F 222 60.01 -33.70 47.72
CA THR F 222 60.18 -34.14 49.11
C THR F 222 59.52 -35.49 49.29
N LYS F 223 60.26 -36.45 49.84
CA LYS F 223 59.75 -37.77 50.17
C LYS F 223 60.17 -38.09 51.60
N VAL F 224 59.19 -38.21 52.49
CA VAL F 224 59.44 -38.39 53.92
C VAL F 224 58.83 -39.71 54.37
N ASP F 225 59.63 -40.53 55.03
CA ASP F 225 59.18 -41.77 55.66
C ASP F 225 59.34 -41.62 57.17
N LYS F 226 58.24 -41.29 57.84
CA LYS F 226 58.23 -41.06 59.28
C LYS F 226 57.58 -42.25 59.98
N LYS F 227 58.21 -42.70 61.06
CA LYS F 227 57.71 -43.84 61.81
C LYS F 227 56.81 -43.36 62.95
N VAL F 228 55.73 -44.10 63.19
CA VAL F 228 54.77 -43.80 64.24
C VAL F 228 55.10 -44.67 65.44
N GLU F 229 55.62 -44.07 66.50
CA GLU F 229 56.01 -44.80 67.71
C GLU F 229 55.18 -44.33 68.88
N PRO F 230 54.45 -45.21 69.57
CA PRO F 230 53.61 -44.78 70.68
C PRO F 230 54.44 -44.40 71.90
N LYS F 231 53.82 -43.60 72.76
CA LYS F 231 54.45 -43.15 74.00
C LYS F 231 53.56 -43.43 75.20
N SER F 232 52.24 -43.30 75.01
CA SER F 232 51.18 -43.64 75.96
C SER F 232 51.12 -42.70 77.16
N CYS F 233 51.98 -41.68 77.23
CA CYS F 233 51.93 -40.67 78.29
C CYS F 233 52.00 -41.27 79.69
#